data_7KBJ
#
_entry.id   7KBJ
#
_cell.length_a   102.652
_cell.length_b   102.652
_cell.length_c   238.908
_cell.angle_alpha   90.000
_cell.angle_beta   90.000
_cell.angle_gamma   120.000
#
_symmetry.space_group_name_H-M   'P 32'
#
loop_
_entity.id
_entity.type
_entity.pdbx_description
1 polymer 'Neutral alpha-glucosidase AB Trypsin-cleaved Fragment #1'
2 polymer 'Neutral alpha-glucosidase AB Trypsin-cleaved Fragment #2'
3 polymer 'Neutral alpha-glucosidase AB Trypsin-cleaved Fragment #3'
4 polymer 'Glucosidase 2 subunit beta'
5 non-polymer 'TRIETHYLENE GLYCOL'
6 non-polymer 1,2-ETHANEDIOL
7 non-polymer 'SULFATE ION'
8 non-polymer 'TETRAETHYLENE GLYCOL'
9 non-polymer (1S,2S,3R,4S,5S)-1-(hydroxymethyl)-5-{[2-(2-{[2-nitro-4-(triazan-1-yl)phenyl]amino}ethoxy)ethyl]amino}cyclohexane-1,2,3,4-tetrol
10 non-polymer DI(HYDROXYETHYL)ETHER
11 non-polymer 'CALCIUM ION'
12 water water
#
loop_
_entity_poly.entity_id
_entity_poly.type
_entity_poly.pdbx_seq_one_letter_code
_entity_poly.pdbx_strand_id
1 'polypeptide(L)'
;MGILPSPGMPALLSLVSLLSVLLMGCVAETGVDRSNFKTCDESSFCKRQRSIRPGLSPYRALLDTLQLGPDALTVHLIHE
VTKVLLVLELQGLQKDMTRIRIDELEPRRPRYRVPDVLVADPPTARLSVSGRDDNSVELTVAEGPYKIILTAQPFRLDLL
EDRSLLLSVNARGLMAFEHQRAPR
;
G,I
2 'polypeptide(L)'
;EPGAWEETFKTHSDSKPYGPTSVGLDFSLPGMEHVYGIPEHADSLRLKVTEGGEPYRLYNLDVFQYELNNPMALYGSVPV
LLAHSFHRDLGIFWLNAAETWVDISSN
;
H,J
3 'polypeptide(L)'
;TPQTDIRWMSESGIIDVFLMLGPSVFDVFRQYASLTGTQALPPLFSLGYHQSRWNYRDEADVLEVDQGFDDHNMPCDVIW
LDIEHADGKRYFTWDPTRFPQPLNMLEHLASKRRKLVAIVDPHIKVDSGYRVHEELRNHGLYVKTRDGSDYEGWCWPGSA
SYPDFTNPRMRAWWSNMFSFDNYEGSAPNLYVWNDMNEPSVFNGPEVTMLKDAVHYGGWEHRDIHNIYGLYVHMATADGL
IQRSGGIERPFVLSRAFFSGSQRFGAVWTGDNTAEWDHLKISIPMCLSLALVGLSFCGADVGGFFKNPEPELLVRWYQMG
AYQPFFRAHAHLDTGRREPWLLASQYQDAIRDALFQRYSLLPFWYTLFYQAHKEGFPVMRPLWVQYPEDMSTFSIEDQFM
LGDALLIHPVSDAGAHGVQVYLPGQEEVWYDIQSYQKHHGPQTLYLPVTLSSIPVFQRGGTIVPRWMRVRRSSDCMKDDP
ITLFVALSPQGTAQGELFLDDGHTFNYQTRHEFLLRRFSFSGSTLVSSSADPKGHLETPIWIERVVIMGAGKPAAVVLQT
KGSPESRLSFQHDPETSVLILRKPGVSVASDWSIHLRSAWSHPQFEKLE
;
A,C
4 'polypeptide(L)'
;MGILPSPGMPALLSLVSLLSVLLMGCVAETGVEVKRPRGVSLSNHHFYEESKPFTCLDGTATIPFDQVNDDYCDCKDGSD
EPGTAACPNGSFHCTNTGYKPLYILSSRVNDGVCDCCDGTDEYNSGTVCENTCR
;
B,D
#
loop_
_chem_comp.id
_chem_comp.type
_chem_comp.name
_chem_comp.formula
CA non-polymer 'CALCIUM ION' 'Ca 2'
EDO non-polymer 1,2-ETHANEDIOL 'C2 H6 O2'
PEG non-polymer DI(HYDROXYETHYL)ETHER 'C4 H10 O3'
PG4 non-polymer 'TETRAETHYLENE GLYCOL' 'C8 H18 O5'
PGE non-polymer 'TRIETHYLENE GLYCOL' 'C6 H14 O4'
SO4 non-polymer 'SULFATE ION' 'O4 S -2'
WAV non-polymer (1S,2S,3R,4S,5S)-1-(hydroxymethyl)-5-{[2-(2-{[2-nitro-4-(triazan-1-yl)phenyl]amino}ethoxy)ethyl]amino}cyclohexane-1,2,3,4-tetrol 'C17 H30 N6 O8'
#
# COMPACT_ATOMS: atom_id res chain seq x y z
N VAL A 32 7.53 -27.12 0.52
CA VAL A 32 7.43 -28.12 -0.55
C VAL A 32 6.29 -29.11 -0.30
N ASP A 33 5.20 -28.63 0.30
CA ASP A 33 4.04 -29.48 0.61
C ASP A 33 3.09 -29.50 -0.58
N ARG A 34 3.21 -30.54 -1.39
CA ARG A 34 2.45 -30.71 -2.62
C ARG A 34 1.27 -31.68 -2.47
N SER A 35 0.95 -32.09 -1.23
CA SER A 35 -0.25 -32.90 -0.99
C SER A 35 -1.51 -32.19 -1.44
N ASN A 36 -1.43 -30.89 -1.67
CA ASN A 36 -2.54 -30.11 -2.20
C ASN A 36 -2.96 -30.55 -3.60
N PHE A 37 -2.05 -31.17 -4.35
CA PHE A 37 -2.27 -31.49 -5.76
C PHE A 37 -2.14 -32.98 -6.00
N LYS A 38 -3.02 -33.53 -6.83
CA LYS A 38 -3.07 -34.98 -7.04
C LYS A 38 -1.87 -35.48 -7.83
N THR A 39 -1.30 -36.59 -7.38
CA THR A 39 -0.48 -37.39 -8.26
C THR A 39 -1.40 -38.22 -9.17
N CYS A 40 -0.80 -38.89 -10.15
CA CYS A 40 -1.59 -39.73 -11.04
C CYS A 40 -2.35 -40.79 -10.27
N ASP A 41 -1.72 -41.36 -9.24
CA ASP A 41 -2.36 -42.39 -8.44
C ASP A 41 -3.58 -41.84 -7.69
N GLU A 42 -3.51 -40.60 -7.22
CA GLU A 42 -4.64 -39.98 -6.52
C GLU A 42 -5.73 -39.51 -7.46
N SER A 43 -5.46 -39.47 -8.77
CA SER A 43 -6.50 -39.21 -9.77
C SER A 43 -7.04 -40.55 -10.25
N SER A 44 -8.33 -40.78 -10.02
CA SER A 44 -8.87 -42.12 -10.23
C SER A 44 -8.89 -42.52 -11.71
N PHE A 45 -9.14 -41.56 -12.62
CA PHE A 45 -9.08 -41.93 -14.04
C PHE A 45 -7.64 -42.10 -14.50
N CYS A 46 -6.70 -41.33 -13.95
CA CYS A 46 -5.31 -41.56 -14.32
C CYS A 46 -4.84 -42.93 -13.81
N LYS A 47 -5.23 -43.28 -12.59
CA LYS A 47 -4.82 -44.57 -12.02
C LYS A 47 -5.41 -45.73 -12.84
N ARG A 48 -6.66 -45.61 -13.25
CA ARG A 48 -7.27 -46.64 -14.09
C ARG A 48 -6.54 -46.75 -15.42
N GLN A 49 -6.37 -45.64 -16.13
CA GLN A 49 -5.74 -45.69 -17.45
C GLN A 49 -4.30 -46.17 -17.37
N ARG A 50 -3.52 -45.59 -16.46
CA ARG A 50 -2.11 -45.96 -16.40
C ARG A 50 -1.89 -47.41 -15.96
N SER A 51 -2.89 -48.03 -15.29
CA SER A 51 -2.75 -49.44 -14.94
C SER A 51 -2.81 -50.33 -16.17
N ILE A 52 -3.44 -49.85 -17.24
CA ILE A 52 -3.38 -50.56 -18.52
C ILE A 52 -1.97 -50.45 -19.07
N ARG A 53 -1.34 -51.58 -19.31
CA ARG A 53 0.05 -51.66 -19.73
C ARG A 53 0.18 -52.16 -21.16
N PRO A 54 1.31 -51.94 -21.82
CA PRO A 54 1.43 -52.34 -23.24
C PRO A 54 1.13 -53.81 -23.44
N GLY A 55 0.31 -54.10 -24.43
CA GLY A 55 -0.07 -55.47 -24.68
C GLY A 55 -1.03 -55.56 -25.84
N LEU A 56 -1.71 -56.70 -25.94
CA LEU A 56 -2.66 -56.94 -27.02
C LEU A 56 -3.94 -56.15 -26.78
N SER A 57 -4.26 -55.24 -27.70
CA SER A 57 -5.42 -54.41 -27.50
C SER A 57 -6.71 -55.21 -27.71
N PRO A 58 -7.73 -55.00 -26.87
CA PRO A 58 -9.03 -55.64 -27.08
C PRO A 58 -9.90 -54.99 -28.14
N TYR A 59 -9.48 -53.90 -28.75
CA TYR A 59 -10.30 -53.24 -29.77
C TYR A 59 -10.00 -53.82 -31.15
N ARG A 60 -11.03 -53.87 -32.00
CA ARG A 60 -10.81 -54.29 -33.36
C ARG A 60 -11.79 -53.58 -34.27
N ALA A 61 -11.34 -53.26 -35.47
CA ALA A 61 -12.19 -52.59 -36.44
C ALA A 61 -13.04 -53.60 -37.17
N LEU A 62 -14.30 -53.24 -37.41
CA LEU A 62 -15.25 -54.08 -38.14
C LEU A 62 -15.27 -53.62 -39.59
N LEU A 63 -14.39 -54.20 -40.41
CA LEU A 63 -14.24 -53.75 -41.79
C LEU A 63 -15.52 -53.90 -42.60
N ASP A 64 -16.48 -54.69 -42.12
CA ASP A 64 -17.80 -54.75 -42.76
C ASP A 64 -18.57 -53.45 -42.64
N THR A 65 -18.26 -52.63 -41.64
CA THR A 65 -18.94 -51.37 -41.39
C THR A 65 -18.24 -50.18 -42.04
N LEU A 66 -17.18 -50.43 -42.79
CA LEU A 66 -16.38 -49.38 -43.39
C LEU A 66 -17.22 -48.52 -44.34
N GLN A 67 -16.99 -47.21 -44.31
CA GLN A 67 -17.73 -46.31 -45.18
C GLN A 67 -16.86 -45.11 -45.54
N LEU A 68 -16.65 -44.89 -46.84
CA LEU A 68 -15.88 -43.75 -47.31
C LEU A 68 -16.89 -42.66 -47.67
N GLY A 69 -16.88 -41.59 -46.88
CA GLY A 69 -17.73 -40.46 -47.11
C GLY A 69 -17.03 -39.36 -47.87
N PRO A 70 -17.71 -38.22 -48.04
CA PRO A 70 -17.08 -37.11 -48.78
C PRO A 70 -15.88 -36.52 -48.07
N ASP A 71 -15.95 -36.41 -46.75
CA ASP A 71 -14.93 -35.76 -45.95
C ASP A 71 -14.10 -36.73 -45.12
N ALA A 72 -14.59 -37.94 -44.89
CA ALA A 72 -13.98 -38.84 -43.93
C ALA A 72 -14.20 -40.29 -44.30
N LEU A 73 -13.40 -41.15 -43.69
CA LEU A 73 -13.69 -42.58 -43.59
C LEU A 73 -14.21 -42.85 -42.20
N THR A 74 -15.31 -43.61 -42.10
CA THR A 74 -15.87 -44.02 -40.82
C THR A 74 -15.94 -45.53 -40.76
N VAL A 75 -15.59 -46.09 -39.61
CA VAL A 75 -15.61 -47.53 -39.38
C VAL A 75 -15.92 -47.78 -37.91
N HIS A 76 -16.69 -48.84 -37.64
CA HIS A 76 -17.01 -49.22 -36.28
C HIS A 76 -15.85 -49.97 -35.65
N LEU A 77 -15.58 -49.67 -34.39
CA LEU A 77 -14.67 -50.41 -33.54
C LEU A 77 -15.48 -51.12 -32.47
N ILE A 78 -14.93 -52.20 -31.92
CA ILE A 78 -15.62 -52.97 -30.90
C ILE A 78 -14.62 -53.43 -29.86
N HIS A 79 -15.03 -53.36 -28.59
CA HIS A 79 -14.24 -53.94 -27.50
C HIS A 79 -14.58 -55.43 -27.42
N GLU A 80 -13.56 -56.27 -27.50
CA GLU A 80 -13.80 -57.70 -27.68
C GLU A 80 -14.51 -58.31 -26.48
N VAL A 81 -14.24 -57.82 -25.28
CA VAL A 81 -14.83 -58.37 -24.07
C VAL A 81 -16.18 -57.71 -23.77
N THR A 82 -16.20 -56.38 -23.68
CA THR A 82 -17.40 -55.67 -23.28
C THR A 82 -18.40 -55.47 -24.41
N LYS A 83 -18.00 -55.70 -25.66
CA LYS A 83 -18.86 -55.50 -26.83
C LYS A 83 -19.31 -54.05 -26.99
N VAL A 84 -18.57 -53.09 -26.42
CA VAL A 84 -18.88 -51.69 -26.65
C VAL A 84 -18.51 -51.32 -28.08
N LEU A 85 -19.39 -50.56 -28.73
CA LEU A 85 -19.21 -50.14 -30.12
C LEU A 85 -18.79 -48.68 -30.18
N LEU A 86 -17.66 -48.43 -30.83
CA LEU A 86 -17.16 -47.07 -31.07
C LEU A 86 -17.19 -46.78 -32.57
N VAL A 87 -16.97 -45.51 -32.90
CA VAL A 87 -16.93 -45.05 -34.30
C VAL A 87 -15.62 -44.31 -34.50
N LEU A 88 -14.76 -44.83 -35.37
CA LEU A 88 -13.57 -44.12 -35.80
C LEU A 88 -13.90 -43.28 -37.02
N GLU A 89 -13.58 -41.97 -36.96
CA GLU A 89 -13.72 -41.05 -38.08
C GLU A 89 -12.32 -40.60 -38.48
N LEU A 90 -11.85 -41.10 -39.62
CA LEU A 90 -10.50 -40.87 -40.10
C LEU A 90 -10.55 -39.88 -41.26
N GLN A 91 -9.66 -38.89 -41.24
CA GLN A 91 -9.66 -37.84 -42.26
C GLN A 91 -8.24 -37.52 -42.69
N GLY A 92 -8.01 -37.51 -44.01
CA GLY A 92 -6.84 -36.86 -44.56
C GLY A 92 -7.18 -35.39 -44.77
N LEU A 93 -6.23 -34.53 -44.43
CA LEU A 93 -6.47 -33.10 -44.51
C LEU A 93 -5.46 -32.45 -45.45
N GLN A 94 -5.87 -31.31 -46.02
CA GLN A 94 -4.93 -30.49 -46.76
C GLN A 94 -3.78 -30.10 -45.84
N LYS A 95 -2.61 -29.87 -46.45
CA LYS A 95 -1.37 -29.55 -45.75
C LYS A 95 -0.79 -30.75 -45.01
N ASP A 96 -1.00 -31.96 -45.52
CA ASP A 96 -0.33 -33.16 -45.01
C ASP A 96 -0.56 -33.37 -43.51
N MET A 97 -1.84 -33.46 -43.16
CA MET A 97 -2.28 -33.71 -41.80
C MET A 97 -3.33 -34.81 -41.83
N THR A 98 -3.42 -35.55 -40.72
CA THR A 98 -4.45 -36.55 -40.53
C THR A 98 -5.16 -36.26 -39.21
N ARG A 99 -6.49 -36.38 -39.21
CA ARG A 99 -7.29 -36.18 -38.01
C ARG A 99 -7.96 -37.50 -37.62
N ILE A 100 -7.78 -37.91 -36.37
CA ILE A 100 -8.40 -39.13 -35.84
C ILE A 100 -9.40 -38.74 -34.75
N ARG A 101 -10.66 -39.08 -34.96
CA ARG A 101 -11.70 -38.86 -33.97
C ARG A 101 -12.41 -40.18 -33.65
N ILE A 102 -12.55 -40.49 -32.37
CA ILE A 102 -13.26 -41.69 -31.91
C ILE A 102 -14.32 -41.29 -30.90
N ASP A 103 -15.57 -41.72 -31.15
CA ASP A 103 -16.67 -41.48 -30.24
C ASP A 103 -17.46 -42.78 -30.09
N GLU A 104 -18.37 -42.81 -29.11
CA GLU A 104 -19.30 -43.91 -28.98
C GLU A 104 -20.29 -43.93 -30.14
N LEU A 105 -20.71 -45.14 -30.54
CA LEU A 105 -21.70 -45.25 -31.61
C LEU A 105 -23.09 -44.86 -31.12
N GLU A 106 -23.49 -45.36 -29.96
CA GLU A 106 -24.80 -45.06 -29.35
C GLU A 106 -24.55 -44.57 -27.94
N PRO A 107 -24.17 -43.32 -27.76
CA PRO A 107 -23.93 -42.82 -26.40
C PRO A 107 -25.24 -42.44 -25.72
N ARG A 108 -25.31 -42.73 -24.42
CA ARG A 108 -26.47 -42.29 -23.66
C ARG A 108 -26.59 -40.78 -23.65
N ARG A 109 -25.46 -40.08 -23.65
CA ARG A 109 -25.41 -38.63 -23.68
C ARG A 109 -24.22 -38.18 -24.52
N PRO A 110 -24.31 -37.01 -25.14
CA PRO A 110 -23.23 -36.55 -26.01
C PRO A 110 -21.95 -36.29 -25.24
N ARG A 111 -20.82 -36.58 -25.89
CA ARG A 111 -19.52 -36.28 -25.31
C ARG A 111 -19.07 -34.90 -25.78
N TYR A 112 -18.17 -34.31 -25.01
CA TYR A 112 -17.69 -32.97 -25.29
C TYR A 112 -16.72 -32.99 -26.45
N ARG A 113 -16.91 -32.02 -27.35
CA ARG A 113 -16.02 -31.73 -28.46
C ARG A 113 -15.61 -30.27 -28.35
N VAL A 114 -14.30 -30.02 -28.28
CA VAL A 114 -13.78 -28.69 -27.95
C VAL A 114 -14.17 -27.67 -29.00
N PRO A 115 -14.95 -26.66 -28.64
CA PRO A 115 -15.29 -25.58 -29.58
C PRO A 115 -14.31 -24.41 -29.48
N ASP A 116 -14.38 -23.54 -30.48
CA ASP A 116 -13.75 -22.22 -30.52
C ASP A 116 -12.23 -22.26 -30.53
N VAL A 117 -11.61 -23.43 -30.45
CA VAL A 117 -10.15 -23.51 -30.53
C VAL A 117 -9.69 -23.57 -31.98
N LEU A 118 -10.34 -24.39 -32.81
CA LEU A 118 -10.02 -24.40 -34.23
C LEU A 118 -10.58 -23.16 -34.90
N VAL A 119 -9.77 -22.51 -35.75
CA VAL A 119 -10.22 -21.27 -36.41
C VAL A 119 -11.10 -21.53 -37.62
N ALA A 120 -11.12 -22.76 -38.13
CA ALA A 120 -11.91 -23.10 -39.30
C ALA A 120 -12.17 -24.60 -39.26
N ASP A 121 -13.18 -25.02 -40.02
CA ASP A 121 -13.33 -26.45 -40.29
C ASP A 121 -12.19 -26.85 -41.22
N PRO A 122 -11.24 -27.68 -40.79
CA PRO A 122 -10.02 -27.94 -41.60
C PRO A 122 -10.36 -28.53 -42.96
N PRO A 123 -9.82 -27.96 -44.04
CA PRO A 123 -10.08 -28.51 -45.37
C PRO A 123 -9.56 -29.93 -45.51
N THR A 124 -10.43 -30.81 -46.01
CA THR A 124 -10.14 -32.23 -46.11
C THR A 124 -9.53 -32.57 -47.46
N ALA A 125 -8.85 -33.70 -47.51
CA ALA A 125 -8.38 -34.32 -48.74
C ALA A 125 -9.04 -35.68 -48.87
N ARG A 126 -9.23 -36.14 -50.10
CA ARG A 126 -9.97 -37.37 -50.35
C ARG A 126 -9.12 -38.59 -50.02
N LEU A 127 -9.71 -39.54 -49.29
CA LEU A 127 -9.09 -40.83 -49.07
C LEU A 127 -9.56 -41.83 -50.13
N SER A 128 -8.69 -42.79 -50.44
CA SER A 128 -8.96 -43.87 -51.38
C SER A 128 -8.43 -45.16 -50.81
N VAL A 129 -9.18 -46.24 -51.00
CA VAL A 129 -8.68 -47.57 -50.69
C VAL A 129 -7.75 -47.99 -51.82
N SER A 130 -6.47 -48.16 -51.52
CA SER A 130 -5.48 -48.56 -52.50
C SER A 130 -4.90 -49.93 -52.20
N GLY A 131 -5.45 -50.63 -51.23
CA GLY A 131 -4.98 -51.95 -50.85
C GLY A 131 -5.89 -52.53 -49.79
N ARG A 132 -6.01 -53.86 -49.76
CA ARG A 132 -6.96 -54.52 -48.87
C ARG A 132 -6.59 -55.99 -48.74
N ASP A 133 -6.68 -56.52 -47.52
CA ASP A 133 -6.68 -57.97 -47.32
C ASP A 133 -7.70 -58.28 -46.23
N ASP A 134 -7.57 -59.45 -45.60
CA ASP A 134 -8.58 -59.84 -44.63
C ASP A 134 -8.43 -59.14 -43.29
N ASN A 135 -7.26 -58.57 -42.99
CA ASN A 135 -7.02 -57.92 -41.72
C ASN A 135 -6.50 -56.50 -41.88
N SER A 136 -6.68 -55.88 -43.05
CA SER A 136 -5.99 -54.63 -43.32
C SER A 136 -6.70 -53.87 -44.43
N VAL A 137 -6.68 -52.55 -44.35
CA VAL A 137 -7.14 -51.69 -45.42
C VAL A 137 -6.13 -50.56 -45.57
N GLU A 138 -5.52 -50.44 -46.76
CA GLU A 138 -4.61 -49.35 -47.03
C GLU A 138 -5.36 -48.18 -47.66
N LEU A 139 -5.09 -46.98 -47.15
CA LEU A 139 -5.75 -45.77 -47.62
C LEU A 139 -4.70 -44.80 -48.14
N THR A 140 -5.01 -44.20 -49.29
CA THR A 140 -4.16 -43.18 -49.90
C THR A 140 -4.79 -41.81 -49.70
N VAL A 141 -3.98 -40.84 -49.28
CA VAL A 141 -4.43 -39.48 -49.08
C VAL A 141 -4.22 -38.75 -50.40
N ALA A 142 -5.32 -38.35 -51.04
CA ALA A 142 -5.33 -37.69 -52.35
C ALA A 142 -4.60 -38.61 -53.34
N GLU A 143 -3.48 -38.21 -53.91
CA GLU A 143 -2.73 -39.04 -54.83
C GLU A 143 -1.35 -39.37 -54.28
N GLY A 144 -1.22 -39.35 -52.96
CA GLY A 144 0.04 -39.66 -52.33
C GLY A 144 0.88 -38.42 -52.09
N PRO A 145 2.04 -38.60 -51.46
CA PRO A 145 2.62 -39.91 -51.10
C PRO A 145 2.20 -40.47 -49.74
N TYR A 146 1.22 -39.86 -49.08
CA TYR A 146 0.87 -40.25 -47.72
C TYR A 146 -0.20 -41.33 -47.74
N LYS A 147 0.01 -42.36 -46.90
CA LYS A 147 -0.89 -43.49 -46.80
C LYS A 147 -1.18 -43.80 -45.33
N ILE A 148 -2.37 -44.36 -45.10
CA ILE A 148 -2.79 -44.79 -43.77
C ILE A 148 -3.19 -46.26 -43.86
N ILE A 149 -2.55 -47.10 -43.05
CA ILE A 149 -2.90 -48.51 -42.97
C ILE A 149 -3.75 -48.73 -41.72
N LEU A 150 -4.99 -49.16 -41.94
CA LEU A 150 -5.90 -49.53 -40.85
C LEU A 150 -5.86 -51.05 -40.69
N THR A 151 -5.25 -51.52 -39.60
CA THR A 151 -5.32 -52.94 -39.26
C THR A 151 -6.61 -53.23 -38.50
N ALA A 152 -7.26 -54.35 -38.85
CA ALA A 152 -8.57 -54.67 -38.29
C ALA A 152 -8.44 -55.30 -36.90
N GLN A 153 -7.65 -56.36 -36.78
CA GLN A 153 -7.48 -57.02 -35.50
C GLN A 153 -6.01 -57.33 -35.24
N PRO A 154 -5.41 -56.76 -34.18
CA PRO A 154 -6.07 -55.76 -33.32
C PRO A 154 -6.12 -54.40 -34.01
N PHE A 155 -7.01 -53.51 -33.58
CA PHE A 155 -7.10 -52.17 -34.16
C PHE A 155 -5.76 -51.44 -34.07
N ARG A 156 -5.33 -50.85 -35.18
CA ARG A 156 -4.04 -50.19 -35.27
C ARG A 156 -4.07 -49.26 -36.49
N LEU A 157 -3.34 -48.14 -36.38
CA LEU A 157 -3.19 -47.23 -37.51
C LEU A 157 -1.71 -46.98 -37.75
N ASP A 158 -1.28 -47.09 -39.00
CA ASP A 158 0.07 -46.75 -39.41
C ASP A 158 0.02 -45.67 -40.48
N LEU A 159 0.90 -44.70 -40.37
CA LEU A 159 0.96 -43.58 -41.30
C LEU A 159 2.30 -43.60 -42.00
N LEU A 160 2.26 -43.53 -43.32
CA LEU A 160 3.46 -43.66 -44.13
C LEU A 160 3.53 -42.54 -45.16
N GLU A 161 4.76 -42.14 -45.48
CA GLU A 161 5.06 -41.42 -46.71
C GLU A 161 5.74 -42.41 -47.64
N ASP A 162 5.07 -42.74 -48.74
CA ASP A 162 5.50 -43.83 -49.62
C ASP A 162 5.58 -45.16 -48.88
N ARG A 163 6.80 -45.59 -48.55
CA ARG A 163 7.02 -46.83 -47.81
C ARG A 163 7.78 -46.58 -46.51
N SER A 164 7.99 -45.33 -46.12
CA SER A 164 8.58 -45.01 -44.83
C SER A 164 7.47 -44.91 -43.79
N LEU A 165 7.57 -45.73 -42.74
CA LEU A 165 6.65 -45.62 -41.62
C LEU A 165 6.97 -44.35 -40.83
N LEU A 166 5.98 -43.47 -40.71
CA LEU A 166 6.16 -42.24 -39.96
C LEU A 166 5.73 -42.39 -38.52
N LEU A 167 4.59 -43.04 -38.29
CA LEU A 167 3.99 -43.04 -36.96
C LEU A 167 2.95 -44.15 -36.90
N SER A 168 2.77 -44.72 -35.71
CA SER A 168 1.74 -45.72 -35.47
C SER A 168 0.82 -45.27 -34.35
N VAL A 169 -0.43 -45.72 -34.40
CA VAL A 169 -1.44 -45.40 -33.40
C VAL A 169 -1.92 -46.71 -32.79
N ASN A 170 -1.93 -46.78 -31.46
CA ASN A 170 -2.35 -47.97 -30.71
C ASN A 170 -1.42 -49.16 -30.96
N ALA A 171 -0.16 -48.87 -31.30
CA ALA A 171 0.78 -49.96 -31.55
C ALA A 171 1.12 -50.70 -30.26
N ARG A 172 1.12 -50.00 -29.14
CA ARG A 172 1.34 -50.62 -27.84
C ARG A 172 0.03 -51.07 -27.18
N GLY A 173 -1.09 -50.98 -27.90
CA GLY A 173 -2.36 -51.46 -27.39
C GLY A 173 -2.92 -50.72 -26.19
N LEU A 174 -2.62 -49.43 -26.05
CA LEU A 174 -3.01 -48.68 -24.87
C LEU A 174 -4.30 -47.90 -25.07
N MET A 175 -5.03 -48.13 -26.16
CA MET A 175 -6.29 -47.43 -26.36
C MET A 175 -7.28 -47.85 -25.28
N ALA A 176 -7.92 -46.86 -24.66
CA ALA A 176 -8.91 -47.10 -23.60
C ALA A 176 -10.00 -46.05 -23.71
N PHE A 177 -11.25 -46.49 -23.84
CA PHE A 177 -12.40 -45.61 -24.01
C PHE A 177 -13.52 -46.04 -23.06
N GLU A 178 -13.65 -45.37 -21.92
CA GLU A 178 -14.66 -45.72 -20.93
C GLU A 178 -16.02 -45.19 -21.39
N HIS A 179 -16.92 -46.10 -21.76
CA HIS A 179 -18.23 -45.69 -22.25
C HIS A 179 -19.12 -45.24 -21.10
N GLN A 180 -20.10 -44.40 -21.45
CA GLN A 180 -21.03 -43.83 -20.49
C GLN A 180 -21.99 -44.90 -19.96
N ARG A 181 -21.86 -45.22 -18.68
CA ARG A 181 -22.70 -46.22 -18.02
C ARG A 181 -24.00 -45.60 -17.52
N ALA A 182 -24.82 -46.42 -16.86
CA ALA A 182 -26.06 -45.93 -16.26
C ALA A 182 -25.75 -45.03 -15.08
N PRO A 183 -26.19 -43.76 -15.08
CA PRO A 183 -25.82 -42.76 -14.06
C PRO A 183 -26.29 -43.11 -12.65
N GLY B 3 -13.04 -44.85 -6.23
CA GLY B 3 -12.98 -43.50 -6.78
C GLY B 3 -13.50 -43.39 -8.21
N ALA B 4 -14.08 -44.48 -8.73
CA ALA B 4 -14.57 -44.49 -10.11
C ALA B 4 -15.81 -43.64 -10.30
N TRP B 5 -16.64 -43.50 -9.26
CA TRP B 5 -17.79 -42.61 -9.30
C TRP B 5 -17.59 -41.49 -8.29
N GLU B 6 -18.41 -41.44 -7.24
CA GLU B 6 -18.21 -40.42 -6.20
C GLU B 6 -16.80 -40.54 -5.62
N GLU B 7 -16.11 -39.40 -5.57
CA GLU B 7 -14.67 -39.37 -5.26
C GLU B 7 -14.37 -38.13 -4.43
N THR B 8 -13.55 -38.30 -3.41
CA THR B 8 -13.12 -37.20 -2.55
C THR B 8 -11.61 -37.07 -2.64
N PHE B 9 -11.12 -35.83 -2.61
CA PHE B 9 -9.70 -35.53 -2.49
C PHE B 9 -9.53 -34.51 -1.37
N LYS B 10 -8.70 -34.85 -0.38
CA LYS B 10 -8.62 -34.11 0.88
C LYS B 10 -10.01 -34.03 1.49
N THR B 11 -10.66 -32.86 1.41
CA THR B 11 -11.98 -32.67 1.97
C THR B 11 -13.02 -32.28 0.92
N HIS B 12 -12.67 -32.33 -0.37
CA HIS B 12 -13.56 -31.90 -1.44
C HIS B 12 -14.19 -33.11 -2.09
N SER B 13 -15.47 -33.01 -2.44
CA SER B 13 -16.23 -34.14 -2.95
C SER B 13 -16.65 -33.87 -4.39
N ASP B 14 -16.35 -34.83 -5.27
CA ASP B 14 -16.78 -34.83 -6.65
C ASP B 14 -17.94 -35.82 -6.79
N SER B 15 -19.13 -35.30 -7.08
CA SER B 15 -20.30 -36.18 -7.17
C SER B 15 -20.30 -37.03 -8.43
N LYS B 16 -19.41 -36.74 -9.40
CA LYS B 16 -19.18 -37.53 -10.60
C LYS B 16 -20.44 -38.20 -11.12
N PRO B 17 -21.46 -37.45 -11.52
CA PRO B 17 -22.75 -38.07 -11.84
C PRO B 17 -22.73 -38.95 -13.07
N TYR B 18 -21.68 -38.89 -13.89
CA TYR B 18 -21.63 -39.69 -15.10
C TYR B 18 -20.68 -40.86 -15.00
N GLY B 19 -19.98 -41.01 -13.88
CA GLY B 19 -19.06 -42.10 -13.67
C GLY B 19 -17.85 -42.01 -14.56
N PRO B 20 -17.12 -43.12 -14.68
CA PRO B 20 -15.87 -43.11 -15.46
C PRO B 20 -16.15 -42.92 -16.94
N THR B 21 -15.48 -41.94 -17.55
CA THR B 21 -15.64 -41.64 -18.97
C THR B 21 -14.31 -41.31 -19.65
N SER B 22 -13.19 -41.72 -19.07
CA SER B 22 -11.90 -41.28 -19.59
C SER B 22 -11.59 -41.93 -20.94
N VAL B 23 -10.73 -41.26 -21.70
CA VAL B 23 -10.29 -41.74 -23.01
C VAL B 23 -8.78 -41.62 -23.06
N GLY B 24 -8.16 -42.52 -23.84
CA GLY B 24 -6.71 -42.59 -23.93
C GLY B 24 -6.29 -43.26 -25.22
N LEU B 25 -5.04 -42.99 -25.61
CA LEU B 25 -4.51 -43.48 -26.87
C LEU B 25 -2.99 -43.28 -26.89
N ASP B 26 -2.26 -44.23 -27.47
CA ASP B 26 -0.81 -44.16 -27.57
C ASP B 26 -0.35 -43.96 -29.01
N PHE B 27 0.89 -43.45 -29.16
CA PHE B 27 1.46 -43.14 -30.46
C PHE B 27 2.93 -43.53 -30.46
N SER B 28 3.36 -44.17 -31.54
CA SER B 28 4.74 -44.62 -31.67
C SER B 28 5.44 -43.81 -32.76
N LEU B 29 6.65 -43.34 -32.45
CA LEU B 29 7.38 -42.41 -33.29
C LEU B 29 8.74 -43.02 -33.61
N PRO B 30 8.80 -43.90 -34.62
CA PRO B 30 10.07 -44.55 -34.96
C PRO B 30 11.07 -43.53 -35.46
N GLY B 31 12.30 -43.61 -34.97
CA GLY B 31 13.37 -42.70 -35.34
C GLY B 31 13.48 -41.46 -34.47
N MET B 32 12.52 -41.23 -33.57
CA MET B 32 12.46 -40.04 -32.74
C MET B 32 13.02 -40.32 -31.35
N GLU B 33 13.97 -39.51 -30.90
CA GLU B 33 14.52 -39.59 -29.56
C GLU B 33 14.32 -38.32 -28.75
N HIS B 34 13.74 -37.28 -29.34
CA HIS B 34 13.61 -35.96 -28.72
C HIS B 34 12.21 -35.45 -28.94
N VAL B 35 11.48 -35.20 -27.87
CA VAL B 35 10.14 -34.62 -27.94
C VAL B 35 10.11 -33.35 -27.11
N TYR B 36 9.18 -32.46 -27.46
CA TYR B 36 9.12 -31.12 -26.90
C TYR B 36 7.68 -30.67 -26.81
N GLY B 37 7.43 -29.66 -25.98
CA GLY B 37 6.13 -29.04 -25.95
C GLY B 37 5.33 -29.30 -24.69
N ILE B 38 4.04 -29.60 -24.88
CA ILE B 38 3.01 -29.69 -23.85
C ILE B 38 3.28 -28.80 -22.63
N PRO B 39 3.42 -27.48 -22.80
CA PRO B 39 3.48 -26.60 -21.62
C PRO B 39 2.12 -26.61 -20.92
N GLU B 40 2.10 -26.16 -19.66
CA GLU B 40 3.22 -25.50 -19.00
C GLU B 40 3.80 -26.30 -17.83
N HIS B 41 5.12 -26.47 -17.85
CA HIS B 41 5.84 -27.15 -16.80
C HIS B 41 7.14 -26.43 -16.55
N ALA B 42 7.54 -26.36 -15.29
CA ALA B 42 8.86 -25.83 -14.91
C ALA B 42 9.86 -26.98 -15.07
N ASP B 43 10.18 -27.25 -16.33
CA ASP B 43 11.00 -28.41 -16.68
C ASP B 43 11.77 -28.10 -17.95
N SER B 44 12.58 -29.06 -18.34
CA SER B 44 13.54 -28.88 -19.42
C SER B 44 12.82 -28.74 -20.75
N LEU B 45 13.52 -28.15 -21.73
CA LEU B 45 12.96 -28.04 -23.08
C LEU B 45 12.75 -29.43 -23.68
N ARG B 46 13.79 -30.25 -23.66
CA ARG B 46 13.63 -31.63 -24.08
C ARG B 46 12.90 -32.39 -22.98
N LEU B 47 11.73 -32.92 -23.32
CA LEU B 47 10.89 -33.59 -22.34
C LEU B 47 11.53 -34.90 -21.88
N LYS B 48 11.35 -35.22 -20.61
CA LYS B 48 11.93 -36.42 -20.02
C LYS B 48 10.97 -37.59 -20.16
N VAL B 49 11.54 -38.79 -20.13
CA VAL B 49 10.75 -40.02 -20.04
C VAL B 49 10.03 -40.06 -18.69
N THR B 50 8.79 -40.55 -18.68
CA THR B 50 7.99 -40.60 -17.47
C THR B 50 7.90 -42.00 -16.86
N GLU B 51 8.75 -42.94 -17.32
CA GLU B 51 8.60 -44.35 -16.96
C GLU B 51 8.74 -44.57 -15.47
N GLY B 52 9.78 -44.01 -14.86
CA GLY B 52 9.95 -44.24 -13.45
C GLY B 52 9.24 -43.28 -12.52
N GLY B 53 8.35 -42.42 -13.00
CA GLY B 53 7.76 -41.37 -12.17
C GLY B 53 6.39 -40.99 -12.61
N GLU B 54 6.09 -39.68 -12.52
CA GLU B 54 4.77 -39.16 -12.87
C GLU B 54 4.69 -38.86 -14.35
N PRO B 55 3.51 -39.02 -14.96
CA PRO B 55 3.29 -38.45 -16.29
C PRO B 55 3.25 -36.93 -16.23
N TYR B 56 3.47 -36.30 -17.37
CA TYR B 56 3.24 -34.86 -17.46
C TYR B 56 1.75 -34.58 -17.35
N ARG B 57 1.39 -33.58 -16.57
CA ARG B 57 -0.01 -33.26 -16.34
C ARG B 57 -0.38 -31.95 -17.02
N LEU B 58 -1.53 -31.94 -17.69
CA LEU B 58 -2.09 -30.75 -18.33
C LEU B 58 -3.41 -30.43 -17.67
N TYR B 59 -3.39 -29.49 -16.71
CA TYR B 59 -4.59 -29.08 -16.00
C TYR B 59 -4.29 -27.72 -15.40
N ASN B 60 -4.95 -26.68 -15.91
CA ASN B 60 -4.61 -25.33 -15.51
C ASN B 60 -4.78 -25.15 -14.00
N LEU B 61 -3.68 -24.95 -13.29
CA LEU B 61 -3.67 -24.91 -11.83
C LEU B 61 -2.76 -23.79 -11.35
N ASP B 62 -3.17 -23.21 -10.23
CA ASP B 62 -2.44 -22.15 -9.55
C ASP B 62 -1.61 -22.80 -8.44
N VAL B 63 -0.31 -22.93 -8.68
CA VAL B 63 0.60 -23.64 -7.78
C VAL B 63 1.46 -22.60 -7.07
N PHE B 64 1.24 -22.44 -5.77
CA PHE B 64 1.92 -21.43 -4.97
C PHE B 64 3.39 -21.81 -4.77
N GLN B 65 4.30 -20.88 -5.09
CA GLN B 65 5.75 -21.08 -5.03
C GLN B 65 6.17 -22.38 -5.71
N TYR B 66 5.80 -22.50 -7.00
CA TYR B 66 6.11 -23.72 -7.72
C TYR B 66 7.62 -23.92 -7.81
N GLU B 67 8.03 -25.17 -7.87
CA GLU B 67 9.43 -25.57 -7.88
C GLU B 67 9.85 -26.03 -9.27
N LEU B 68 11.15 -26.19 -9.45
CA LEU B 68 11.73 -26.46 -10.75
C LEU B 68 11.99 -27.94 -10.95
N ASN B 69 12.06 -28.33 -12.22
CA ASN B 69 12.43 -29.68 -12.65
C ASN B 69 11.43 -30.72 -12.14
N ASN B 70 10.15 -30.50 -12.42
CA ASN B 70 9.16 -31.51 -12.06
C ASN B 70 7.98 -31.39 -13.01
N PRO B 71 7.18 -32.44 -13.15
CA PRO B 71 6.11 -32.42 -14.16
C PRO B 71 4.75 -31.97 -13.65
N MET B 72 4.71 -31.25 -12.53
CA MET B 72 3.43 -30.78 -12.01
C MET B 72 2.77 -29.81 -12.98
N ALA B 73 1.45 -29.92 -13.11
CA ALA B 73 0.72 -29.02 -13.98
C ALA B 73 0.77 -27.60 -13.43
N LEU B 74 1.08 -26.63 -14.30
CA LEU B 74 1.10 -25.22 -13.93
C LEU B 74 -0.13 -24.54 -14.55
N TYR B 75 0.00 -23.25 -14.87
CA TYR B 75 -1.19 -22.42 -15.09
C TYR B 75 -1.85 -22.64 -16.45
N GLY B 76 -1.09 -23.07 -17.46
CA GLY B 76 -1.63 -23.23 -18.79
C GLY B 76 -1.34 -24.63 -19.32
N SER B 77 -2.09 -25.00 -20.36
CA SER B 77 -2.02 -26.34 -20.95
C SER B 77 -2.16 -26.22 -22.46
N VAL B 78 -1.12 -26.56 -23.21
CA VAL B 78 -1.19 -26.68 -24.66
C VAL B 78 -0.88 -28.12 -25.03
N PRO B 79 -1.89 -28.91 -25.41
CA PRO B 79 -1.70 -30.35 -25.68
C PRO B 79 -1.13 -30.62 -27.07
N VAL B 80 0.08 -30.14 -27.30
CA VAL B 80 0.77 -30.23 -28.58
C VAL B 80 2.18 -30.72 -28.31
N LEU B 81 2.58 -31.80 -28.97
CA LEU B 81 3.90 -32.38 -28.81
C LEU B 81 4.65 -32.41 -30.13
N LEU B 82 5.89 -31.98 -30.12
CA LEU B 82 6.73 -31.98 -31.31
C LEU B 82 7.81 -33.04 -31.16
N ALA B 83 8.06 -33.78 -32.23
CA ALA B 83 9.13 -34.78 -32.24
C ALA B 83 10.14 -34.39 -33.30
N HIS B 84 11.41 -34.34 -32.93
CA HIS B 84 12.45 -33.91 -33.85
C HIS B 84 13.53 -34.96 -33.95
N SER B 85 13.96 -35.24 -35.20
CA SER B 85 15.16 -36.03 -35.46
C SER B 85 15.92 -35.39 -36.61
N PHE B 86 17.13 -35.90 -36.85
CA PHE B 86 17.93 -35.53 -38.01
C PHE B 86 17.13 -35.61 -39.30
N HIS B 87 16.20 -36.57 -39.39
CA HIS B 87 15.55 -36.89 -40.65
C HIS B 87 14.19 -36.24 -40.84
N ARG B 88 13.45 -35.98 -39.76
CA ARG B 88 12.09 -35.49 -39.94
C ARG B 88 11.62 -34.76 -38.70
N ASP B 89 10.50 -34.06 -38.85
CA ASP B 89 9.79 -33.40 -37.76
C ASP B 89 8.33 -33.81 -37.82
N LEU B 90 7.74 -34.06 -36.65
CA LEU B 90 6.35 -34.45 -36.54
C LEU B 90 5.71 -33.71 -35.37
N GLY B 91 4.40 -33.57 -35.42
CA GLY B 91 3.67 -32.98 -34.32
C GLY B 91 2.38 -33.73 -34.07
N ILE B 92 2.00 -33.77 -32.79
CA ILE B 92 0.74 -34.36 -32.34
C ILE B 92 -0.05 -33.30 -31.57
N PHE B 93 -1.30 -33.07 -31.98
CA PHE B 93 -2.19 -32.07 -31.38
C PHE B 93 -3.40 -32.83 -30.84
N TRP B 94 -3.43 -33.02 -29.51
CA TRP B 94 -4.48 -33.77 -28.84
C TRP B 94 -5.55 -32.78 -28.37
N LEU B 95 -6.57 -32.56 -29.22
CA LEU B 95 -7.60 -31.56 -28.95
C LEU B 95 -8.60 -32.10 -27.93
N ASN B 96 -8.25 -31.92 -26.65
CA ASN B 96 -9.09 -32.31 -25.53
C ASN B 96 -8.94 -31.26 -24.44
N ALA B 97 -10.06 -30.82 -23.84
CA ALA B 97 -10.09 -29.74 -22.87
C ALA B 97 -10.13 -30.23 -21.42
N ALA B 98 -10.20 -31.53 -21.19
CA ALA B 98 -10.27 -32.04 -19.83
C ALA B 98 -8.86 -32.30 -19.30
N GLU B 99 -8.81 -32.62 -18.00
CA GLU B 99 -7.56 -33.01 -17.37
C GLU B 99 -6.92 -34.12 -18.18
N THR B 100 -5.65 -33.94 -18.53
CA THR B 100 -4.94 -34.83 -19.44
C THR B 100 -3.57 -35.13 -18.86
N TRP B 101 -3.19 -36.41 -18.85
CA TRP B 101 -1.86 -36.82 -18.45
C TRP B 101 -1.15 -37.41 -19.66
N VAL B 102 0.16 -37.22 -19.74
CA VAL B 102 0.93 -37.62 -20.91
C VAL B 102 2.12 -38.45 -20.46
N ASP B 103 2.17 -39.71 -20.91
CA ASP B 103 3.30 -40.58 -20.63
C ASP B 103 4.23 -40.62 -21.83
N ILE B 104 5.53 -40.62 -21.55
CA ILE B 104 6.58 -40.61 -22.56
C ILE B 104 7.59 -41.70 -22.20
N SER B 105 7.83 -42.62 -23.13
CA SER B 105 8.78 -43.71 -22.94
C SER B 105 9.68 -43.84 -24.16
N SER B 106 10.96 -44.08 -23.92
CA SER B 106 11.94 -44.31 -24.97
C SER B 106 12.36 -45.76 -24.94
N ASN B 107 12.76 -46.29 -26.10
CA ASN B 107 13.15 -47.67 -26.15
C ASN B 107 14.48 -47.77 -26.89
N THR C 1 16.35 -48.17 -35.03
CA THR C 1 15.85 -48.74 -33.78
C THR C 1 15.28 -47.73 -32.75
N PRO C 2 15.93 -46.57 -32.54
CA PRO C 2 15.42 -45.64 -31.51
C PRO C 2 14.00 -45.19 -31.81
N GLN C 3 13.19 -45.12 -30.74
CA GLN C 3 11.78 -44.81 -30.89
C GLN C 3 11.24 -44.23 -29.58
N THR C 4 10.31 -43.29 -29.70
CA THR C 4 9.65 -42.68 -28.56
C THR C 4 8.16 -42.96 -28.67
N ASP C 5 7.54 -43.36 -27.54
CA ASP C 5 6.10 -43.59 -27.52
C ASP C 5 5.43 -42.56 -26.61
N ILE C 6 4.25 -42.12 -27.03
CA ILE C 6 3.51 -41.03 -26.39
C ILE C 6 2.12 -41.56 -26.07
N ARG C 7 1.65 -41.36 -24.84
CA ARG C 7 0.32 -41.80 -24.45
C ARG C 7 -0.43 -40.63 -23.83
N TRP C 8 -1.64 -40.38 -24.32
CA TRP C 8 -2.51 -39.31 -23.83
C TRP C 8 -3.68 -39.93 -23.08
N MET C 9 -3.97 -39.40 -21.89
CA MET C 9 -5.05 -39.87 -21.04
C MET C 9 -5.86 -38.66 -20.55
N SER C 10 -7.12 -38.59 -20.96
CA SER C 10 -8.02 -37.47 -20.68
C SER C 10 -9.27 -37.93 -19.92
N GLU C 11 -9.80 -37.05 -19.08
CA GLU C 11 -10.88 -37.45 -18.17
C GLU C 11 -12.21 -37.63 -18.89
N SER C 12 -12.48 -36.84 -19.93
CA SER C 12 -13.74 -36.97 -20.65
C SER C 12 -13.55 -36.44 -22.07
N GLY C 13 -14.65 -36.15 -22.75
CA GLY C 13 -14.61 -35.76 -24.16
C GLY C 13 -14.36 -36.96 -25.08
N ILE C 14 -14.22 -36.64 -26.37
CA ILE C 14 -13.93 -37.68 -27.36
C ILE C 14 -12.43 -37.76 -27.58
N ILE C 15 -11.99 -38.75 -28.35
CA ILE C 15 -10.63 -38.75 -28.84
C ILE C 15 -10.61 -37.88 -30.10
N ASP C 16 -9.72 -36.89 -30.12
CA ASP C 16 -9.66 -35.95 -31.23
C ASP C 16 -8.21 -35.50 -31.34
N VAL C 17 -7.48 -36.06 -32.31
CA VAL C 17 -6.04 -35.88 -32.38
C VAL C 17 -5.66 -35.52 -33.81
N PHE C 18 -4.76 -34.56 -33.95
CA PHE C 18 -4.24 -34.14 -35.24
C PHE C 18 -2.80 -34.60 -35.36
N LEU C 19 -2.51 -35.32 -36.45
CA LEU C 19 -1.17 -35.78 -36.75
C LEU C 19 -0.59 -34.88 -37.83
N MET C 20 0.49 -34.19 -37.53
CA MET C 20 1.06 -33.16 -38.39
C MET C 20 2.40 -33.68 -38.90
N LEU C 21 2.48 -33.93 -40.20
CA LEU C 21 3.52 -34.81 -40.73
C LEU C 21 4.77 -34.09 -41.22
N GLY C 22 4.85 -32.78 -41.08
CA GLY C 22 6.04 -32.07 -41.51
C GLY C 22 6.17 -32.10 -43.02
N PRO C 23 7.35 -32.46 -43.53
CA PRO C 23 8.53 -33.03 -42.86
C PRO C 23 9.47 -32.08 -42.10
N SER C 24 9.47 -30.78 -42.38
CA SER C 24 10.35 -29.92 -41.61
C SER C 24 9.57 -29.32 -40.43
N VAL C 25 10.31 -28.81 -39.44
CA VAL C 25 9.61 -28.22 -38.30
C VAL C 25 8.83 -26.98 -38.71
N PHE C 26 9.27 -26.26 -39.75
CA PHE C 26 8.48 -25.13 -40.23
C PHE C 26 7.22 -25.60 -40.96
N ASP C 27 7.24 -26.80 -41.54
CA ASP C 27 5.99 -27.38 -42.02
C ASP C 27 5.04 -27.67 -40.87
N VAL C 28 5.58 -28.12 -39.73
CA VAL C 28 4.75 -28.39 -38.56
C VAL C 28 4.15 -27.11 -38.01
N PHE C 29 4.96 -26.04 -37.94
CA PHE C 29 4.44 -24.73 -37.57
C PHE C 29 3.26 -24.33 -38.46
N ARG C 30 3.43 -24.40 -39.79
CA ARG C 30 2.37 -24.03 -40.70
C ARG C 30 1.14 -24.91 -40.52
N GLN C 31 1.37 -26.21 -40.31
CA GLN C 31 0.26 -27.15 -40.14
C GLN C 31 -0.55 -26.80 -38.90
N TYR C 32 0.13 -26.64 -37.75
CA TYR C 32 -0.59 -26.30 -36.53
C TYR C 32 -1.23 -24.92 -36.62
N ALA C 33 -0.55 -23.95 -37.25
CA ALA C 33 -1.11 -22.60 -37.37
C ALA C 33 -2.38 -22.60 -38.20
N SER C 34 -2.44 -23.43 -39.25
CA SER C 34 -3.67 -23.49 -40.03
C SER C 34 -4.83 -24.05 -39.22
N LEU C 35 -4.56 -24.76 -38.13
CA LEU C 35 -5.60 -25.31 -37.27
C LEU C 35 -6.08 -24.32 -36.21
N THR C 36 -5.16 -23.73 -35.46
CA THR C 36 -5.51 -22.92 -34.29
C THR C 36 -5.17 -21.45 -34.45
N GLY C 37 -4.65 -21.04 -35.61
CA GLY C 37 -4.36 -19.65 -35.84
C GLY C 37 -2.94 -19.28 -35.47
N THR C 38 -2.66 -17.99 -35.60
CA THR C 38 -1.32 -17.46 -35.39
C THR C 38 -1.33 -16.40 -34.30
N GLN C 39 -0.13 -16.09 -33.83
CA GLN C 39 0.09 -15.03 -32.86
C GLN C 39 -0.55 -13.72 -33.34
N ALA C 40 -1.44 -13.16 -32.51
CA ALA C 40 -1.94 -11.82 -32.76
C ALA C 40 -0.79 -10.83 -32.83
N LEU C 41 -0.83 -9.94 -33.81
CA LEU C 41 0.23 -8.94 -33.95
C LEU C 41 0.17 -7.97 -32.78
N PRO C 42 1.17 -7.92 -31.92
CA PRO C 42 1.11 -7.02 -30.77
C PRO C 42 1.21 -5.57 -31.22
N PRO C 43 0.47 -4.66 -30.60
CA PRO C 43 0.77 -3.24 -30.78
C PRO C 43 2.21 -2.98 -30.36
N LEU C 44 2.89 -2.09 -31.09
CA LEU C 44 4.33 -1.93 -30.89
C LEU C 44 4.68 -1.66 -29.42
N PHE C 45 3.90 -0.80 -28.74
CA PHE C 45 4.24 -0.43 -27.37
C PHE C 45 4.37 -1.65 -26.46
N SER C 46 3.61 -2.71 -26.74
CA SER C 46 3.62 -3.86 -25.84
C SER C 46 4.88 -4.71 -26.00
N LEU C 47 5.69 -4.45 -27.02
CA LEU C 47 7.01 -5.07 -27.18
C LEU C 47 8.11 -4.25 -26.51
N GLY C 48 7.77 -3.12 -25.91
CA GLY C 48 8.71 -2.36 -25.10
C GLY C 48 8.83 -2.96 -23.72
N TYR C 49 9.29 -2.14 -22.78
CA TYR C 49 9.51 -2.57 -21.41
C TYR C 49 8.30 -2.21 -20.52
N HIS C 50 7.88 -3.16 -19.69
CA HIS C 50 6.77 -2.96 -18.76
C HIS C 50 7.31 -2.90 -17.34
N GLN C 51 6.93 -1.86 -16.60
CA GLN C 51 7.30 -1.72 -15.20
C GLN C 51 6.08 -2.02 -14.36
N SER C 52 6.17 -3.05 -13.53
CA SER C 52 5.05 -3.50 -12.73
C SER C 52 5.53 -3.85 -11.33
N ARG C 53 4.57 -3.91 -10.40
CA ARG C 53 4.75 -4.57 -9.11
C ARG C 53 3.38 -4.67 -8.46
N TRP C 54 3.31 -5.54 -7.48
CA TRP C 54 2.19 -5.60 -6.53
C TRP C 54 2.69 -4.85 -5.31
N ASN C 55 2.29 -3.60 -5.10
CA ASN C 55 1.40 -2.78 -5.94
C ASN C 55 1.93 -1.35 -5.94
N TYR C 56 1.66 -0.57 -6.98
CA TYR C 56 1.91 0.86 -6.88
C TYR C 56 0.78 1.48 -6.07
N ARG C 57 1.16 2.43 -5.22
CA ARG C 57 0.34 2.87 -4.08
C ARG C 57 -0.93 3.60 -4.54
N ASP C 58 -0.74 4.62 -5.36
CA ASP C 58 -1.79 5.55 -5.71
C ASP C 58 -1.36 6.23 -7.00
N GLU C 59 -2.14 7.23 -7.43
CA GLU C 59 -1.80 7.95 -8.65
C GLU C 59 -0.45 8.65 -8.52
N ALA C 60 -0.18 9.24 -7.35
CA ALA C 60 1.09 9.93 -7.16
C ALA C 60 2.27 8.99 -7.31
N ASP C 61 2.16 7.76 -6.79
CA ASP C 61 3.23 6.78 -6.95
C ASP C 61 3.44 6.46 -8.42
N VAL C 62 2.35 6.21 -9.17
CA VAL C 62 2.44 5.93 -10.60
C VAL C 62 3.17 7.07 -11.32
N LEU C 63 2.78 8.32 -11.02
CA LEU C 63 3.41 9.45 -11.71
C LEU C 63 4.86 9.63 -11.27
N GLU C 64 5.19 9.33 -10.01
CA GLU C 64 6.60 9.38 -9.58
C GLU C 64 7.43 8.34 -10.31
N VAL C 65 6.88 7.13 -10.47
CA VAL C 65 7.55 6.09 -11.23
C VAL C 65 7.76 6.54 -12.67
N ASP C 66 6.72 7.09 -13.28
CA ASP C 66 6.86 7.62 -14.64
C ASP C 66 7.97 8.66 -14.71
N GLN C 67 8.00 9.59 -13.76
CA GLN C 67 9.04 10.62 -13.76
C GLN C 67 10.40 10.01 -13.45
N GLY C 68 10.44 8.93 -12.67
CA GLY C 68 11.71 8.30 -12.37
C GLY C 68 12.43 7.80 -13.61
N PHE C 69 11.69 7.21 -14.55
CA PHE C 69 12.30 6.72 -15.78
C PHE C 69 12.95 7.87 -16.56
N ASP C 70 12.24 8.99 -16.67
CA ASP C 70 12.79 10.11 -17.43
C ASP C 70 13.97 10.76 -16.71
N ASP C 71 13.87 10.92 -15.38
CA ASP C 71 14.96 11.52 -14.62
C ASP C 71 16.22 10.66 -14.65
N HIS C 72 16.10 9.37 -14.89
CA HIS C 72 17.27 8.50 -14.92
C HIS C 72 17.54 7.94 -16.31
N ASN C 73 16.93 8.53 -17.32
CA ASN C 73 17.12 8.20 -18.74
C ASN C 73 17.05 6.69 -18.98
N MET C 74 15.88 6.13 -18.67
CA MET C 74 15.58 4.74 -18.93
C MET C 74 14.25 4.68 -19.67
N PRO C 75 14.16 3.96 -20.79
CA PRO C 75 12.90 3.89 -21.51
C PRO C 75 11.91 2.95 -20.85
N CYS C 76 10.62 3.25 -21.02
CA CYS C 76 9.55 2.43 -20.48
C CYS C 76 8.27 2.82 -21.20
N ASP C 77 7.51 1.82 -21.64
CA ASP C 77 6.26 2.06 -22.34
C ASP C 77 5.03 1.94 -21.44
N VAL C 78 5.03 1.05 -20.46
CA VAL C 78 3.82 0.75 -19.71
C VAL C 78 4.12 0.68 -18.23
N ILE C 79 3.24 1.24 -17.42
CA ILE C 79 3.24 1.06 -15.98
C ILE C 79 1.99 0.29 -15.61
N TRP C 80 2.12 -0.69 -14.71
CA TRP C 80 1.06 -1.66 -14.44
C TRP C 80 0.42 -1.41 -13.07
N LEU C 81 -0.90 -1.61 -13.00
CA LEU C 81 -1.67 -1.47 -11.77
C LEU C 81 -2.23 -2.83 -11.37
N ASP C 82 -1.72 -3.37 -10.26
CA ASP C 82 -2.14 -4.68 -9.78
C ASP C 82 -3.40 -4.50 -8.94
N ILE C 83 -3.84 -5.57 -8.23
CA ILE C 83 -5.19 -5.63 -7.68
C ILE C 83 -5.48 -4.58 -6.61
N GLU C 84 -4.47 -3.95 -6.02
CA GLU C 84 -4.78 -2.96 -4.99
C GLU C 84 -5.28 -1.64 -5.57
N HIS C 85 -5.33 -1.48 -6.90
CA HIS C 85 -5.85 -0.23 -7.47
C HIS C 85 -7.36 -0.21 -7.49
N ALA C 86 -8.01 -1.36 -7.37
CA ALA C 86 -9.45 -1.42 -7.38
C ALA C 86 -10.00 -1.22 -5.98
N ASP C 87 -11.33 -1.09 -5.88
CA ASP C 87 -12.02 -0.99 -4.60
C ASP C 87 -12.20 -2.38 -4.02
N GLY C 88 -11.30 -2.77 -3.13
CA GLY C 88 -11.43 -4.05 -2.44
C GLY C 88 -11.54 -5.22 -3.39
N LYS C 89 -10.75 -5.21 -4.47
CA LYS C 89 -10.68 -6.26 -5.49
C LYS C 89 -12.02 -6.50 -6.18
N ARG C 90 -12.85 -5.44 -6.25
CA ARG C 90 -13.99 -5.40 -7.16
C ARG C 90 -13.49 -4.87 -8.50
N TYR C 91 -13.38 -5.76 -9.49
CA TYR C 91 -12.74 -5.38 -10.75
C TYR C 91 -13.65 -4.45 -11.56
N PHE C 92 -13.03 -3.67 -12.44
CA PHE C 92 -13.60 -2.53 -13.13
C PHE C 92 -13.88 -1.33 -12.22
N THR C 93 -13.34 -1.30 -11.00
CA THR C 93 -13.49 -0.14 -10.10
C THR C 93 -12.13 0.43 -9.75
N TRP C 94 -12.15 1.55 -9.04
CA TRP C 94 -10.96 2.25 -8.61
C TRP C 94 -11.10 2.61 -7.14
N ASP C 95 -10.03 2.41 -6.38
CA ASP C 95 -10.09 2.78 -4.97
C ASP C 95 -10.36 4.27 -4.84
N PRO C 96 -11.40 4.68 -4.11
CA PRO C 96 -11.82 6.11 -4.14
C PRO C 96 -10.84 7.06 -3.49
N THR C 97 -9.91 6.57 -2.67
CA THR C 97 -8.90 7.40 -2.03
C THR C 97 -7.60 7.44 -2.80
N ARG C 98 -7.14 6.28 -3.26
CA ARG C 98 -5.83 6.20 -3.88
C ARG C 98 -5.88 6.34 -5.40
N PHE C 99 -7.01 6.05 -6.04
CA PHE C 99 -7.17 6.31 -7.47
C PHE C 99 -8.48 7.06 -7.72
N PRO C 100 -8.58 8.30 -7.22
CA PRO C 100 -9.85 9.03 -7.36
C PRO C 100 -10.07 9.65 -8.73
N GLN C 101 -9.04 9.83 -9.54
CA GLN C 101 -9.17 10.49 -10.86
C GLN C 101 -8.36 9.73 -11.89
N PRO C 102 -8.78 8.50 -12.23
CA PRO C 102 -8.00 7.70 -13.21
C PRO C 102 -7.85 8.36 -14.56
N LEU C 103 -8.87 9.09 -15.05
CA LEU C 103 -8.72 9.79 -16.32
C LEU C 103 -7.56 10.78 -16.29
N ASN C 104 -7.37 11.48 -15.17
CA ASN C 104 -6.25 12.42 -15.09
C ASN C 104 -4.91 11.70 -15.11
N MET C 105 -4.79 10.59 -14.38
CA MET C 105 -3.58 9.79 -14.40
C MET C 105 -3.29 9.30 -15.81
N LEU C 106 -4.32 8.76 -16.48
CA LEU C 106 -4.12 8.26 -17.85
C LEU C 106 -3.77 9.37 -18.81
N GLU C 107 -4.33 10.56 -18.60
CA GLU C 107 -3.99 11.70 -19.43
C GLU C 107 -2.56 12.16 -19.17
N HIS C 108 -2.11 12.13 -17.91
CA HIS C 108 -0.72 12.46 -17.64
CA HIS C 108 -0.71 12.44 -17.62
C HIS C 108 0.22 11.46 -18.31
N LEU C 109 -0.13 10.16 -18.27
CA LEU C 109 0.70 9.17 -18.94
C LEU C 109 0.64 9.34 -20.45
N ALA C 110 -0.53 9.70 -20.98
CA ALA C 110 -0.64 9.96 -22.42
C ALA C 110 0.27 11.10 -22.85
N SER C 111 0.42 12.12 -22.02
CA SER C 111 1.29 13.25 -22.35
C SER C 111 2.75 12.85 -22.35
N LYS C 112 3.11 11.76 -21.67
CA LYS C 112 4.43 11.16 -21.77
C LYS C 112 4.48 10.07 -22.83
N ARG C 113 3.38 9.87 -23.55
CA ARG C 113 3.28 8.85 -24.60
C ARG C 113 3.56 7.46 -24.02
N ARG C 114 3.00 7.20 -22.85
CA ARG C 114 3.09 5.90 -22.19
C ARG C 114 1.69 5.35 -21.96
N LYS C 115 1.62 4.06 -21.70
CA LYS C 115 0.36 3.36 -21.46
C LYS C 115 0.29 2.89 -20.02
N LEU C 116 -0.88 2.38 -19.65
CA LEU C 116 -1.12 1.77 -18.36
C LEU C 116 -1.84 0.44 -18.58
N VAL C 117 -1.54 -0.55 -17.73
CA VAL C 117 -2.25 -1.82 -17.73
C VAL C 117 -2.92 -2.00 -16.37
N ALA C 118 -4.20 -2.37 -16.39
CA ALA C 118 -4.96 -2.64 -15.19
C ALA C 118 -5.37 -4.10 -15.14
N ILE C 119 -5.31 -4.69 -13.96
CA ILE C 119 -5.67 -6.09 -13.78
C ILE C 119 -7.18 -6.19 -13.62
N VAL C 120 -7.77 -7.16 -14.32
CA VAL C 120 -9.19 -7.51 -14.26
C VAL C 120 -9.22 -9.03 -14.18
N ASP C 121 -9.62 -9.57 -13.03
CA ASP C 121 -9.68 -11.01 -12.87
C ASP C 121 -11.10 -11.49 -13.10
N PRO C 122 -11.28 -12.77 -13.46
CA PRO C 122 -12.64 -13.26 -13.74
C PRO C 122 -13.42 -13.69 -12.51
N HIS C 123 -12.97 -13.44 -11.28
CA HIS C 123 -13.80 -13.77 -10.14
C HIS C 123 -14.46 -12.49 -9.66
N ILE C 124 -15.74 -12.58 -9.30
CA ILE C 124 -16.59 -11.43 -9.03
C ILE C 124 -17.06 -11.50 -7.59
N LYS C 125 -16.67 -10.51 -6.79
CA LYS C 125 -17.03 -10.46 -5.38
C LYS C 125 -18.53 -10.58 -5.17
N VAL C 126 -18.95 -11.51 -4.32
CA VAL C 126 -20.35 -11.62 -3.96
C VAL C 126 -20.70 -10.44 -3.06
N ASP C 127 -21.44 -9.48 -3.61
CA ASP C 127 -21.64 -8.18 -2.97
C ASP C 127 -22.83 -7.52 -3.65
N SER C 128 -23.94 -7.37 -2.93
CA SER C 128 -25.14 -6.81 -3.56
C SER C 128 -24.97 -5.35 -3.94
N GLY C 129 -23.94 -4.67 -3.46
CA GLY C 129 -23.63 -3.32 -3.89
C GLY C 129 -22.69 -3.24 -5.08
N TYR C 130 -22.21 -4.38 -5.55
CA TYR C 130 -21.28 -4.44 -6.68
C TYR C 130 -22.10 -4.66 -7.94
N ARG C 131 -22.14 -3.65 -8.81
CA ARG C 131 -23.05 -3.68 -9.96
C ARG C 131 -22.71 -4.84 -10.89
N VAL C 132 -21.42 -5.16 -11.04
CA VAL C 132 -21.04 -6.29 -11.88
C VAL C 132 -21.66 -7.56 -11.34
N HIS C 133 -21.56 -7.79 -10.03
CA HIS C 133 -22.16 -8.98 -9.44
C HIS C 133 -23.67 -9.01 -9.62
N GLU C 134 -24.34 -7.87 -9.43
CA GLU C 134 -25.80 -7.84 -9.52
C GLU C 134 -26.27 -8.20 -10.92
N GLU C 135 -25.62 -7.65 -11.95
CA GLU C 135 -26.04 -7.92 -13.32
C GLU C 135 -25.80 -9.37 -13.70
N LEU C 136 -24.63 -9.91 -13.37
CA LEU C 136 -24.35 -11.30 -13.73
C LEU C 136 -25.29 -12.24 -12.99
N ARG C 137 -25.59 -11.92 -11.73
CA ARG C 137 -26.56 -12.70 -10.96
C ARG C 137 -27.95 -12.60 -11.57
N ASN C 138 -28.37 -11.38 -11.93
CA ASN C 138 -29.73 -11.19 -12.43
C ASN C 138 -29.92 -11.78 -13.81
N HIS C 139 -28.87 -11.89 -14.61
CA HIS C 139 -28.96 -12.45 -15.96
C HIS C 139 -28.53 -13.90 -16.01
N GLY C 140 -28.23 -14.50 -14.87
CA GLY C 140 -27.92 -15.93 -14.81
C GLY C 140 -26.69 -16.33 -15.57
N LEU C 141 -25.65 -15.51 -15.55
CA LEU C 141 -24.42 -15.72 -16.32
C LEU C 141 -23.29 -16.33 -15.51
N TYR C 142 -23.56 -16.82 -14.30
CA TYR C 142 -22.56 -17.41 -13.43
C TYR C 142 -22.48 -18.92 -13.63
N VAL C 143 -21.30 -19.48 -13.38
CA VAL C 143 -21.17 -20.93 -13.26
C VAL C 143 -22.05 -21.40 -12.11
N LYS C 144 -22.69 -22.56 -12.30
CA LYS C 144 -23.68 -23.07 -11.37
C LYS C 144 -23.24 -24.39 -10.75
N THR C 145 -23.90 -24.77 -9.66
CA THR C 145 -23.76 -26.09 -9.06
C THR C 145 -24.92 -26.98 -9.51
N ARG C 146 -24.87 -28.25 -9.13
CA ARG C 146 -25.89 -29.18 -9.59
C ARG C 146 -27.28 -28.82 -9.09
N ASP C 147 -27.37 -28.16 -7.94
CA ASP C 147 -28.70 -27.81 -7.45
C ASP C 147 -29.25 -26.55 -8.09
N GLY C 148 -28.54 -25.97 -9.05
CA GLY C 148 -29.00 -24.79 -9.75
C GLY C 148 -28.59 -23.47 -9.13
N SER C 149 -27.89 -23.49 -8.00
CA SER C 149 -27.48 -22.24 -7.40
C SER C 149 -26.15 -21.76 -8.02
N ASP C 150 -25.91 -20.45 -7.92
CA ASP C 150 -24.66 -19.90 -8.44
C ASP C 150 -23.48 -20.37 -7.58
N TYR C 151 -22.43 -20.83 -8.26
CA TYR C 151 -21.24 -21.30 -7.56
C TYR C 151 -20.57 -20.14 -6.82
N GLU C 152 -20.14 -20.43 -5.59
CA GLU C 152 -19.42 -19.46 -4.76
C GLU C 152 -18.15 -20.10 -4.25
N GLY C 153 -17.01 -19.47 -4.55
CA GLY C 153 -15.71 -19.88 -4.04
C GLY C 153 -15.02 -18.71 -3.36
N TRP C 154 -13.75 -18.86 -3.03
CA TRP C 154 -12.99 -17.80 -2.35
C TRP C 154 -11.83 -17.33 -3.21
N CYS C 155 -11.65 -16.01 -3.30
CA CYS C 155 -10.46 -15.48 -3.94
C CYS C 155 -10.06 -14.13 -3.32
N TRP C 156 -9.38 -13.28 -4.07
CA TRP C 156 -8.89 -12.01 -3.51
C TRP C 156 -9.93 -11.17 -2.79
N PRO C 157 -11.19 -11.01 -3.27
CA PRO C 157 -12.13 -10.17 -2.52
C PRO C 157 -12.90 -10.97 -1.48
N GLY C 158 -12.43 -12.16 -1.14
CA GLY C 158 -13.19 -13.05 -0.29
C GLY C 158 -14.13 -13.91 -1.11
N SER C 159 -15.38 -14.04 -0.66
CA SER C 159 -16.37 -14.83 -1.38
CA SER C 159 -16.36 -14.84 -1.38
C SER C 159 -16.64 -14.24 -2.76
N ALA C 160 -16.53 -15.07 -3.79
CA ALA C 160 -16.67 -14.61 -5.16
C ALA C 160 -17.37 -15.68 -5.99
N SER C 161 -18.04 -15.22 -7.04
CA SER C 161 -18.65 -16.10 -8.03
C SER C 161 -17.89 -15.98 -9.35
N TYR C 162 -18.10 -16.97 -10.20
CA TYR C 162 -17.31 -17.15 -11.41
C TYR C 162 -18.20 -17.08 -12.64
N PRO C 163 -18.07 -16.03 -13.45
CA PRO C 163 -18.86 -15.96 -14.68
C PRO C 163 -18.58 -17.16 -15.57
N ASP C 164 -19.61 -17.61 -16.29
CA ASP C 164 -19.48 -18.77 -17.17
C ASP C 164 -18.98 -18.28 -18.51
N PHE C 165 -17.65 -18.17 -18.64
CA PHE C 165 -17.07 -17.69 -19.88
C PHE C 165 -17.22 -18.67 -21.04
N THR C 166 -17.65 -19.91 -20.79
CA THR C 166 -17.99 -20.78 -21.92
C THR C 166 -19.30 -20.38 -22.58
N ASN C 167 -20.11 -19.57 -21.90
CA ASN C 167 -21.38 -19.10 -22.45
C ASN C 167 -21.11 -17.90 -23.36
N PRO C 168 -21.43 -17.97 -24.65
CA PRO C 168 -21.16 -16.83 -25.53
C PRO C 168 -21.88 -15.55 -25.13
N ARG C 169 -23.04 -15.66 -24.47
CA ARG C 169 -23.72 -14.46 -24.00
C ARG C 169 -22.94 -13.81 -22.87
N MET C 170 -22.27 -14.60 -22.03
CA MET C 170 -21.42 -14.04 -20.98
CA MET C 170 -21.42 -14.04 -20.98
C MET C 170 -20.20 -13.33 -21.57
N ARG C 171 -19.60 -13.91 -22.61
CA ARG C 171 -18.42 -13.28 -23.21
C ARG C 171 -18.79 -11.97 -23.89
N ALA C 172 -19.97 -11.90 -24.53
CA ALA C 172 -20.39 -10.63 -25.11
C ALA C 172 -20.62 -9.59 -24.02
N TRP C 173 -21.24 -10.00 -22.92
CA TRP C 173 -21.42 -9.11 -21.78
C TRP C 173 -20.07 -8.59 -21.31
N TRP C 174 -19.11 -9.50 -21.11
CA TRP C 174 -17.77 -9.13 -20.66
C TRP C 174 -17.13 -8.13 -21.62
N SER C 175 -17.19 -8.45 -22.91
CA SER C 175 -16.57 -7.57 -23.91
CA SER C 175 -16.58 -7.57 -23.92
C SER C 175 -17.19 -6.18 -23.89
N ASN C 176 -18.51 -6.10 -23.77
CA ASN C 176 -19.17 -4.80 -23.73
C ASN C 176 -18.84 -4.05 -22.43
N MET C 177 -18.49 -4.78 -21.36
CA MET C 177 -18.13 -4.12 -20.11
C MET C 177 -16.89 -3.23 -20.26
N PHE C 178 -16.08 -3.45 -21.29
CA PHE C 178 -14.88 -2.66 -21.53
C PHE C 178 -15.13 -1.41 -22.35
N SER C 179 -16.37 -1.11 -22.73
CA SER C 179 -16.63 0.16 -23.38
C SER C 179 -16.31 1.31 -22.44
N PHE C 180 -15.95 2.46 -23.01
CA PHE C 180 -15.55 3.59 -22.18
C PHE C 180 -16.70 4.12 -21.31
N ASP C 181 -17.95 3.85 -21.68
CA ASP C 181 -19.09 4.20 -20.84
C ASP C 181 -19.29 3.23 -19.70
N ASN C 182 -18.97 1.96 -19.89
CA ASN C 182 -19.21 0.98 -18.83
C ASN C 182 -18.04 0.90 -17.85
N TYR C 183 -16.81 0.88 -18.36
CA TYR C 183 -15.62 0.85 -17.52
C TYR C 183 -15.18 2.28 -17.25
N GLU C 184 -15.87 2.92 -16.31
CA GLU C 184 -15.61 4.32 -16.00
C GLU C 184 -14.18 4.51 -15.52
N GLY C 185 -13.55 5.58 -16.00
CA GLY C 185 -12.16 5.83 -15.69
C GLY C 185 -11.17 5.19 -16.64
N SER C 186 -11.62 4.33 -17.56
CA SER C 186 -10.73 3.78 -18.56
C SER C 186 -10.62 4.73 -19.75
N ALA C 187 -9.54 4.58 -20.51
CA ALA C 187 -9.20 5.45 -21.62
C ALA C 187 -8.44 4.62 -22.65
N PRO C 188 -8.25 5.15 -23.86
CA PRO C 188 -7.58 4.35 -24.92
C PRO C 188 -6.17 3.87 -24.58
N ASN C 189 -5.44 4.54 -23.67
CA ASN C 189 -4.11 4.05 -23.31
C ASN C 189 -4.13 3.15 -22.08
N LEU C 190 -5.30 2.60 -21.70
CA LEU C 190 -5.43 1.63 -20.62
CA LEU C 190 -5.43 1.63 -20.62
C LEU C 190 -5.67 0.25 -21.22
N TYR C 191 -4.82 -0.72 -20.88
CA TYR C 191 -4.94 -2.10 -21.36
C TYR C 191 -5.10 -3.03 -20.16
N VAL C 192 -5.18 -4.34 -20.40
CA VAL C 192 -5.75 -5.24 -19.41
C VAL C 192 -4.88 -6.47 -19.18
N TRP C 193 -4.85 -6.92 -17.93
CA TRP C 193 -4.16 -8.13 -17.50
C TRP C 193 -5.20 -9.06 -16.88
N ASN C 194 -5.39 -10.23 -17.48
CA ASN C 194 -6.28 -11.25 -16.92
C ASN C 194 -5.43 -12.23 -16.12
N ASP C 195 -5.68 -12.31 -14.81
CA ASP C 195 -4.93 -13.19 -13.92
C ASP C 195 -5.89 -14.16 -13.24
N MET C 196 -5.34 -15.18 -12.58
CA MET C 196 -6.12 -16.12 -11.78
C MET C 196 -7.19 -16.82 -12.60
N ASN C 197 -7.03 -16.91 -13.92
CA ASN C 197 -8.13 -17.36 -14.76
C ASN C 197 -8.08 -18.87 -15.05
N GLU C 198 -7.44 -19.65 -14.17
CA GLU C 198 -7.41 -21.10 -14.36
C GLU C 198 -8.77 -21.78 -14.30
N PRO C 199 -9.74 -21.37 -13.46
CA PRO C 199 -9.81 -20.28 -12.48
C PRO C 199 -9.19 -20.66 -11.14
N SER C 200 -8.57 -19.70 -10.48
CA SER C 200 -8.03 -19.97 -9.15
C SER C 200 -9.17 -19.82 -8.13
N VAL C 201 -9.35 -20.84 -7.28
CA VAL C 201 -10.39 -20.86 -6.25
C VAL C 201 -9.72 -21.34 -4.95
N PHE C 202 -9.55 -20.42 -3.99
CA PHE C 202 -8.67 -20.69 -2.85
C PHE C 202 -9.18 -21.85 -1.99
N ASN C 203 -10.49 -21.99 -1.85
CA ASN C 203 -11.08 -23.04 -1.03
C ASN C 203 -11.61 -24.20 -1.88
N GLY C 204 -11.16 -24.32 -3.11
CA GLY C 204 -11.60 -25.38 -4.00
C GLY C 204 -10.56 -26.48 -4.12
N PRO C 205 -10.96 -27.60 -4.71
CA PRO C 205 -10.02 -28.72 -4.87
C PRO C 205 -8.85 -28.36 -5.78
N GLU C 206 -7.64 -28.54 -5.27
CA GLU C 206 -6.41 -28.17 -5.97
C GLU C 206 -6.40 -26.69 -6.36
N VAL C 207 -7.06 -25.87 -5.53
CA VAL C 207 -7.11 -24.41 -5.68
C VAL C 207 -7.81 -24.04 -6.98
N THR C 208 -8.77 -24.86 -7.42
CA THR C 208 -9.55 -24.53 -8.61
C THR C 208 -10.99 -24.99 -8.39
N MET C 209 -11.77 -24.92 -9.46
CA MET C 209 -13.22 -25.11 -9.44
CA MET C 209 -13.22 -25.11 -9.41
C MET C 209 -13.58 -26.58 -9.34
N LEU C 210 -14.67 -26.89 -8.62
CA LEU C 210 -15.16 -28.24 -8.51
C LEU C 210 -15.45 -28.84 -9.88
N LYS C 211 -15.06 -30.11 -10.04
CA LYS C 211 -15.24 -30.84 -11.30
C LYS C 211 -16.70 -30.90 -11.72
N ASP C 212 -17.62 -30.94 -10.76
CA ASP C 212 -19.03 -31.14 -11.07
C ASP C 212 -19.83 -29.84 -11.06
N ALA C 213 -19.15 -28.69 -11.11
CA ALA C 213 -19.87 -27.46 -11.44
C ALA C 213 -20.38 -27.55 -12.88
N VAL C 214 -21.39 -26.75 -13.18
CA VAL C 214 -22.16 -26.89 -14.42
C VAL C 214 -22.07 -25.60 -15.23
N HIS C 215 -21.79 -25.75 -16.53
CA HIS C 215 -21.64 -24.64 -17.44
C HIS C 215 -22.76 -24.65 -18.49
N TYR C 216 -22.73 -23.62 -19.32
CA TYR C 216 -23.60 -23.48 -20.48
C TYR C 216 -23.76 -24.80 -21.23
N GLY C 217 -25.01 -25.15 -21.50
CA GLY C 217 -25.33 -26.39 -22.18
C GLY C 217 -25.37 -27.62 -21.31
N GLY C 218 -25.15 -27.47 -20.01
CA GLY C 218 -25.13 -28.62 -19.12
C GLY C 218 -23.81 -29.32 -19.01
N TRP C 219 -22.76 -28.86 -19.70
CA TRP C 219 -21.46 -29.51 -19.61
C TRP C 219 -20.86 -29.30 -18.22
N GLU C 220 -20.18 -30.32 -17.73
CA GLU C 220 -19.51 -30.22 -16.44
C GLU C 220 -18.23 -29.42 -16.55
N HIS C 221 -17.78 -28.90 -15.40
CA HIS C 221 -16.51 -28.18 -15.39
C HIS C 221 -15.35 -29.11 -15.77
N ARG C 222 -15.47 -30.42 -15.47
CA ARG C 222 -14.42 -31.36 -15.85
C ARG C 222 -14.27 -31.44 -17.38
N ASP C 223 -15.34 -31.15 -18.13
CA ASP C 223 -15.28 -31.21 -19.59
C ASP C 223 -14.53 -30.03 -20.19
N ILE C 224 -14.59 -28.86 -19.56
CA ILE C 224 -14.21 -27.61 -20.21
C ILE C 224 -13.00 -26.97 -19.59
N HIS C 225 -12.42 -27.56 -18.53
CA HIS C 225 -11.54 -26.82 -17.63
C HIS C 225 -10.45 -26.04 -18.35
N ASN C 226 -9.73 -26.69 -19.26
CA ASN C 226 -8.49 -26.10 -19.75
C ASN C 226 -8.70 -24.97 -20.75
N ILE C 227 -9.94 -24.72 -21.19
CA ILE C 227 -10.20 -23.54 -22.04
C ILE C 227 -10.93 -22.44 -21.28
N TYR C 228 -11.18 -22.60 -19.99
CA TYR C 228 -11.81 -21.51 -19.24
C TYR C 228 -10.98 -20.24 -19.30
N GLY C 229 -9.67 -20.34 -19.05
CA GLY C 229 -8.81 -19.17 -19.11
C GLY C 229 -8.76 -18.53 -20.48
N LEU C 230 -8.72 -19.37 -21.53
CA LEU C 230 -8.72 -18.88 -22.91
C LEU C 230 -9.95 -18.04 -23.20
N TYR C 231 -11.12 -18.47 -22.70
CA TYR C 231 -12.34 -17.70 -22.93
C TYR C 231 -12.27 -16.34 -22.25
N VAL C 232 -11.64 -16.27 -21.06
CA VAL C 232 -11.46 -14.97 -20.41
C VAL C 232 -10.58 -14.08 -21.28
N HIS C 233 -9.42 -14.61 -21.68
CA HIS C 233 -8.47 -13.90 -22.53
C HIS C 233 -9.15 -13.40 -23.81
N MET C 234 -9.91 -14.27 -24.46
CA MET C 234 -10.59 -13.94 -25.71
C MET C 234 -11.63 -12.83 -25.49
N ALA C 235 -12.47 -12.98 -24.46
CA ALA C 235 -13.52 -11.99 -24.25
C ALA C 235 -12.94 -10.62 -23.91
N THR C 236 -11.82 -10.60 -23.18
CA THR C 236 -11.17 -9.33 -22.83
C THR C 236 -10.60 -8.67 -24.06
N ALA C 237 -9.89 -9.44 -24.90
CA ALA C 237 -9.28 -8.87 -26.09
C ALA C 237 -10.34 -8.34 -27.05
N ASP C 238 -11.43 -9.10 -27.23
CA ASP C 238 -12.54 -8.59 -28.04
CA ASP C 238 -12.54 -8.59 -28.04
C ASP C 238 -13.10 -7.30 -27.46
N GLY C 239 -13.12 -7.18 -26.13
CA GLY C 239 -13.62 -5.96 -25.50
C GLY C 239 -12.74 -4.76 -25.78
N LEU C 240 -11.41 -4.95 -25.80
CA LEU C 240 -10.53 -3.83 -26.13
C LEU C 240 -10.66 -3.45 -27.60
N ILE C 241 -10.98 -4.40 -28.47
CA ILE C 241 -11.21 -4.07 -29.87
C ILE C 241 -12.53 -3.34 -30.05
N GLN C 242 -13.59 -3.84 -29.42
CA GLN C 242 -14.92 -3.26 -29.60
C GLN C 242 -15.00 -1.85 -29.03
N ARG C 243 -14.35 -1.59 -27.89
CA ARG C 243 -14.44 -0.27 -27.30
C ARG C 243 -13.87 0.81 -28.21
N SER C 244 -12.99 0.44 -29.14
CA SER C 244 -12.39 1.38 -30.08
C SER C 244 -13.14 1.49 -31.39
N GLY C 245 -14.25 0.76 -31.53
CA GLY C 245 -14.95 0.70 -32.79
C GLY C 245 -14.33 -0.27 -33.80
N GLY C 246 -13.53 -1.22 -33.33
CA GLY C 246 -12.89 -2.20 -34.20
C GLY C 246 -11.59 -1.77 -34.84
N ILE C 247 -10.98 -0.69 -34.36
CA ILE C 247 -9.82 -0.10 -34.99
C ILE C 247 -8.51 -0.44 -34.26
N GLU C 248 -8.51 -0.39 -32.93
CA GLU C 248 -7.29 -0.55 -32.15
C GLU C 248 -7.00 -2.02 -31.86
N ARG C 249 -5.75 -2.41 -32.02
CA ARG C 249 -5.34 -3.76 -31.65
C ARG C 249 -5.29 -3.89 -30.12
N PRO C 250 -5.64 -5.05 -29.58
CA PRO C 250 -5.66 -5.21 -28.13
C PRO C 250 -4.26 -5.47 -27.59
N PHE C 251 -4.13 -5.31 -26.28
CA PHE C 251 -3.04 -5.97 -25.55
C PHE C 251 -3.63 -6.56 -24.28
N VAL C 252 -3.58 -7.89 -24.17
CA VAL C 252 -4.04 -8.60 -22.98
C VAL C 252 -2.99 -9.64 -22.60
N LEU C 253 -2.54 -9.59 -21.35
CA LEU C 253 -1.75 -10.64 -20.75
C LEU C 253 -2.67 -11.59 -19.98
N SER C 254 -2.41 -12.89 -20.11
CA SER C 254 -3.21 -13.92 -19.46
C SER C 254 -2.27 -14.91 -18.77
N ARG C 255 -2.73 -15.48 -17.65
CA ARG C 255 -1.91 -16.47 -16.95
C ARG C 255 -2.23 -17.89 -17.40
N ALA C 256 -3.51 -18.22 -17.46
CA ALA C 256 -4.00 -19.49 -17.98
C ALA C 256 -4.15 -19.40 -19.50
N PHE C 257 -3.95 -20.53 -20.18
CA PHE C 257 -4.01 -20.53 -21.64
C PHE C 257 -4.23 -21.95 -22.16
N PHE C 258 -4.54 -22.04 -23.45
CA PHE C 258 -4.78 -23.29 -24.14
C PHE C 258 -4.30 -23.13 -25.58
N SER C 259 -4.34 -24.23 -26.34
CA SER C 259 -4.19 -24.15 -27.78
C SER C 259 -5.11 -23.06 -28.32
N GLY C 260 -4.55 -22.15 -29.11
CA GLY C 260 -5.30 -21.03 -29.64
C GLY C 260 -5.15 -19.73 -28.89
N SER C 261 -4.57 -19.76 -27.68
CA SER C 261 -4.41 -18.53 -26.92
C SER C 261 -3.51 -17.51 -27.61
N GLN C 262 -2.66 -17.97 -28.54
CA GLN C 262 -1.80 -17.06 -29.27
C GLN C 262 -2.59 -16.00 -30.03
N ARG C 263 -3.86 -16.27 -30.34
CA ARG C 263 -4.68 -15.30 -31.06
C ARG C 263 -5.09 -14.10 -30.22
N PHE C 264 -4.82 -14.10 -28.92
CA PHE C 264 -5.42 -13.10 -28.04
C PHE C 264 -4.42 -12.29 -27.23
N GLY C 265 -3.13 -12.58 -27.36
CA GLY C 265 -2.13 -11.73 -26.74
C GLY C 265 -0.94 -12.47 -26.17
N ALA C 266 -0.56 -12.09 -24.96
CA ALA C 266 0.65 -12.58 -24.31
C ALA C 266 0.29 -13.46 -23.13
N VAL C 267 1.27 -14.26 -22.71
CA VAL C 267 1.22 -15.04 -21.48
C VAL C 267 2.56 -14.87 -20.77
N TRP C 268 2.58 -15.19 -19.48
CA TRP C 268 3.86 -15.22 -18.76
C TRP C 268 3.85 -16.41 -17.81
N THR C 269 5.03 -16.77 -17.31
CA THR C 269 5.16 -18.02 -16.58
C THR C 269 4.76 -17.91 -15.10
N GLY C 270 3.96 -16.91 -14.73
CA GLY C 270 3.35 -16.89 -13.40
C GLY C 270 4.34 -16.49 -12.30
N ASP C 271 4.15 -17.09 -11.13
CA ASP C 271 4.86 -16.64 -9.92
C ASP C 271 6.17 -17.39 -9.76
N ASN C 272 7.21 -16.89 -10.42
CA ASN C 272 8.54 -17.44 -10.28
C ASN C 272 9.20 -16.82 -9.05
N THR C 273 10.49 -17.10 -8.85
CA THR C 273 11.19 -16.71 -7.64
C THR C 273 12.51 -16.03 -7.98
N ALA C 274 12.88 -15.04 -7.18
CA ALA C 274 14.13 -14.32 -7.36
C ALA C 274 15.35 -15.20 -7.06
N GLU C 275 15.56 -16.23 -7.88
CA GLU C 275 16.68 -17.14 -7.72
C GLU C 275 17.31 -17.45 -9.08
N TRP C 276 18.61 -17.77 -9.07
CA TRP C 276 19.34 -17.95 -10.32
C TRP C 276 18.76 -19.07 -11.16
N ASP C 277 18.33 -20.17 -10.53
CA ASP C 277 17.80 -21.27 -11.31
CA ASP C 277 17.77 -21.28 -11.28
C ASP C 277 16.45 -20.91 -11.94
N HIS C 278 15.67 -20.01 -11.31
CA HIS C 278 14.45 -19.54 -11.97
C HIS C 278 14.77 -18.65 -13.17
N LEU C 279 15.83 -17.85 -13.08
CA LEU C 279 16.32 -17.12 -14.24
C LEU C 279 16.66 -18.07 -15.39
N LYS C 280 17.42 -19.13 -15.10
CA LYS C 280 17.79 -20.09 -16.15
C LYS C 280 16.56 -20.72 -16.78
N ILE C 281 15.55 -21.07 -15.97
CA ILE C 281 14.45 -21.86 -16.52
C ILE C 281 13.50 -21.04 -17.39
N SER C 282 13.63 -19.71 -17.41
CA SER C 282 12.76 -18.92 -18.28
C SER C 282 12.98 -19.26 -19.75
N ILE C 283 14.19 -19.66 -20.13
CA ILE C 283 14.46 -20.01 -21.52
C ILE C 283 13.70 -21.27 -21.92
N PRO C 284 13.89 -22.43 -21.28
CA PRO C 284 13.13 -23.62 -21.72
C PRO C 284 11.63 -23.46 -21.60
N MET C 285 11.14 -22.69 -20.61
CA MET C 285 9.71 -22.51 -20.48
C MET C 285 9.14 -21.70 -21.64
N CYS C 286 9.77 -20.56 -21.97
CA CYS C 286 9.26 -19.79 -23.11
C CYS C 286 9.58 -20.47 -24.44
N LEU C 287 10.68 -21.22 -24.53
CA LEU C 287 10.96 -21.98 -25.74
C LEU C 287 9.90 -23.06 -25.97
N SER C 288 9.46 -23.73 -24.91
CA SER C 288 8.43 -24.73 -25.07
C SER C 288 7.10 -24.10 -25.47
N LEU C 289 6.88 -22.85 -25.05
CA LEU C 289 5.66 -22.15 -25.47
C LEU C 289 5.76 -21.68 -26.91
N ALA C 290 6.94 -21.20 -27.32
CA ALA C 290 7.15 -20.80 -28.71
C ALA C 290 6.90 -21.96 -29.67
N LEU C 291 7.37 -23.16 -29.32
CA LEU C 291 7.25 -24.28 -30.23
C LEU C 291 5.79 -24.62 -30.51
N VAL C 292 4.88 -24.32 -29.58
CA VAL C 292 3.48 -24.66 -29.73
C VAL C 292 2.64 -23.42 -30.03
N GLY C 293 3.24 -22.38 -30.58
CA GLY C 293 2.49 -21.27 -31.12
C GLY C 293 2.41 -20.05 -30.24
N LEU C 294 2.80 -20.13 -28.96
CA LEU C 294 2.66 -18.99 -28.06
C LEU C 294 3.99 -18.23 -28.08
N SER C 295 4.12 -17.30 -29.02
CA SER C 295 5.37 -16.56 -29.18
C SER C 295 5.50 -15.40 -28.22
N PHE C 296 4.41 -14.91 -27.66
CA PHE C 296 4.45 -13.70 -26.85
C PHE C 296 4.54 -14.10 -25.37
N CYS C 297 5.72 -14.56 -25.00
CA CYS C 297 5.99 -15.22 -23.73
C CYS C 297 7.06 -14.49 -22.96
N GLY C 298 6.96 -14.55 -21.63
CA GLY C 298 7.99 -13.98 -20.78
C GLY C 298 7.87 -14.51 -19.37
N ALA C 299 8.81 -14.08 -18.53
CA ALA C 299 8.84 -14.38 -17.10
C ALA C 299 9.11 -13.11 -16.32
N ASP C 300 8.61 -13.06 -15.08
CA ASP C 300 8.80 -11.87 -14.24
C ASP C 300 10.28 -11.54 -14.07
N VAL C 301 10.68 -10.36 -14.51
CA VAL C 301 12.08 -9.94 -14.43
C VAL C 301 12.43 -9.58 -12.99
N GLY C 302 13.42 -10.27 -12.43
CA GLY C 302 13.76 -10.15 -11.03
C GLY C 302 13.11 -11.20 -10.15
N GLY C 303 12.15 -11.96 -10.68
CA GLY C 303 11.44 -12.93 -9.87
C GLY C 303 10.28 -12.31 -9.13
N PHE C 304 9.17 -13.03 -9.05
CA PHE C 304 8.00 -12.55 -8.32
C PHE C 304 8.23 -12.61 -6.82
N PHE C 305 8.51 -13.81 -6.28
CA PHE C 305 8.79 -13.97 -4.86
C PHE C 305 10.22 -13.55 -4.51
N LYS C 306 10.38 -13.03 -3.29
CA LYS C 306 11.67 -12.74 -2.66
C LYS C 306 12.39 -11.56 -3.31
N ASN C 307 13.53 -11.17 -2.75
CA ASN C 307 14.29 -10.03 -3.21
C ASN C 307 15.53 -10.50 -3.96
N PRO C 308 15.72 -10.10 -5.22
CA PRO C 308 16.96 -10.46 -5.90
C PRO C 308 18.11 -9.58 -5.46
N GLU C 309 19.29 -10.17 -5.36
CA GLU C 309 20.48 -9.36 -5.16
C GLU C 309 20.75 -8.55 -6.43
N PRO C 310 21.43 -7.42 -6.32
CA PRO C 310 21.58 -6.53 -7.49
C PRO C 310 22.16 -7.23 -8.71
N GLU C 311 23.12 -8.13 -8.53
CA GLU C 311 23.72 -8.81 -9.68
C GLU C 311 22.69 -9.69 -10.39
N LEU C 312 21.83 -10.35 -9.62
CA LEU C 312 20.80 -11.18 -10.23
C LEU C 312 19.78 -10.33 -10.98
N LEU C 313 19.42 -9.17 -10.42
CA LEU C 313 18.49 -8.28 -11.11
C LEU C 313 19.09 -7.79 -12.43
N VAL C 314 20.37 -7.44 -12.43
CA VAL C 314 21.04 -7.04 -13.68
C VAL C 314 20.94 -8.15 -14.73
N ARG C 315 21.34 -9.37 -14.37
CA ARG C 315 21.29 -10.47 -15.32
C ARG C 315 19.87 -10.75 -15.78
N TRP C 316 18.87 -10.49 -14.93
CA TRP C 316 17.49 -10.78 -15.33
C TRP C 316 16.99 -9.76 -16.33
N TYR C 317 17.38 -8.49 -16.18
CA TYR C 317 17.08 -7.47 -17.18
C TYR C 317 17.74 -7.80 -18.51
N GLN C 318 19.00 -8.24 -18.49
CA GLN C 318 19.68 -8.60 -19.73
C GLN C 318 19.01 -9.79 -20.39
N MET C 319 18.64 -10.79 -19.60
CA MET C 319 17.89 -11.93 -20.12
C MET C 319 16.53 -11.49 -20.66
N GLY C 320 15.77 -10.74 -19.84
CA GLY C 320 14.43 -10.34 -20.24
C GLY C 320 14.42 -9.41 -21.44
N ALA C 321 15.47 -8.59 -21.60
CA ALA C 321 15.55 -7.68 -22.74
C ALA C 321 15.56 -8.43 -24.08
N TYR C 322 15.95 -9.70 -24.09
CA TYR C 322 15.98 -10.50 -25.31
C TYR C 322 14.91 -11.58 -25.30
N GLN C 323 13.88 -11.43 -24.49
CA GLN C 323 12.72 -12.32 -24.51
C GLN C 323 11.47 -11.55 -24.94
N PRO C 324 10.48 -12.23 -25.53
CA PRO C 324 9.38 -11.50 -26.18
C PRO C 324 8.58 -10.58 -25.25
N PHE C 325 8.04 -11.10 -24.14
CA PHE C 325 7.29 -10.29 -23.19
C PHE C 325 8.22 -9.86 -22.07
N PHE C 326 8.41 -8.54 -21.93
CA PHE C 326 9.49 -7.97 -21.13
C PHE C 326 8.91 -7.11 -20.00
N ARG C 327 8.64 -7.74 -18.85
CA ARG C 327 8.02 -7.06 -17.71
C ARG C 327 8.74 -7.42 -16.40
N ALA C 328 9.13 -6.39 -15.65
CA ALA C 328 9.54 -6.54 -14.27
C ALA C 328 8.31 -6.50 -13.37
N HIS C 329 8.27 -7.39 -12.39
CA HIS C 329 7.09 -7.54 -11.52
C HIS C 329 7.56 -8.16 -10.21
N ALA C 330 6.80 -7.91 -9.13
CA ALA C 330 7.28 -8.26 -7.79
C ALA C 330 6.12 -8.40 -6.81
N HIS C 331 6.34 -9.24 -5.80
CA HIS C 331 5.35 -9.56 -4.77
C HIS C 331 5.18 -8.39 -3.78
N LEU C 332 4.00 -8.36 -3.14
CA LEU C 332 3.62 -7.24 -2.29
C LEU C 332 4.64 -6.94 -1.20
N ASP C 333 5.31 -7.96 -0.67
CA ASP C 333 6.19 -7.77 0.47
C ASP C 333 7.65 -7.63 0.09
N THR C 334 7.97 -7.57 -1.21
CA THR C 334 9.34 -7.35 -1.67
C THR C 334 9.72 -5.87 -1.56
N GLY C 335 11.02 -5.61 -1.46
CA GLY C 335 11.49 -4.24 -1.56
C GLY C 335 11.25 -3.67 -2.94
N ARG C 336 11.10 -2.34 -3.00
CA ARG C 336 10.97 -1.67 -4.30
C ARG C 336 12.22 -1.90 -5.13
N ARG C 337 12.04 -2.24 -6.41
CA ARG C 337 13.21 -2.48 -7.25
C ARG C 337 13.05 -1.86 -8.63
N GLU C 338 12.47 -0.68 -8.69
CA GLU C 338 12.55 0.09 -9.92
C GLU C 338 14.03 0.30 -10.26
N PRO C 339 14.41 0.20 -11.54
CA PRO C 339 15.85 -0.01 -11.86
C PRO C 339 16.78 1.13 -11.45
N TRP C 340 16.28 2.34 -11.18
CA TRP C 340 17.16 3.42 -10.74
C TRP C 340 17.41 3.44 -9.25
N LEU C 341 16.85 2.49 -8.49
CA LEU C 341 17.12 2.44 -7.06
C LEU C 341 18.41 1.68 -6.72
N LEU C 342 19.07 1.09 -7.70
CA LEU C 342 20.30 0.36 -7.48
C LEU C 342 21.50 1.28 -7.62
N ALA C 343 22.65 0.80 -7.16
CA ALA C 343 23.90 1.55 -7.31
C ALA C 343 24.25 1.74 -8.78
N SER C 344 25.01 2.80 -9.04
CA SER C 344 25.16 3.31 -10.41
C SER C 344 25.66 2.25 -11.38
N GLN C 345 26.58 1.39 -10.94
CA GLN C 345 27.11 0.38 -11.85
C GLN C 345 26.05 -0.63 -12.27
N TYR C 346 25.12 -0.95 -11.37
CA TYR C 346 24.01 -1.82 -11.74
C TYR C 346 22.98 -1.07 -12.59
N GLN C 347 22.71 0.19 -12.25
CA GLN C 347 21.85 1.04 -13.07
C GLN C 347 22.35 1.11 -14.50
N ASP C 348 23.66 1.28 -14.66
CA ASP C 348 24.22 1.49 -15.99
C ASP C 348 24.07 0.25 -16.86
N ALA C 349 24.31 -0.93 -16.29
CA ALA C 349 24.12 -2.16 -17.05
C ALA C 349 22.64 -2.39 -17.36
N ILE C 350 21.74 -2.01 -16.46
CA ILE C 350 20.32 -2.20 -16.73
C ILE C 350 19.86 -1.23 -17.82
N ARG C 351 20.31 0.02 -17.75
CA ARG C 351 20.00 0.98 -18.80
C ARG C 351 20.54 0.51 -20.15
N ASP C 352 21.75 -0.02 -20.17
CA ASP C 352 22.30 -0.59 -21.40
C ASP C 352 21.41 -1.69 -21.94
N ALA C 353 20.88 -2.55 -21.06
CA ALA C 353 19.99 -3.61 -21.55
C ALA C 353 18.71 -3.03 -22.13
N LEU C 354 18.14 -2.00 -21.48
CA LEU C 354 16.93 -1.37 -21.99
C LEU C 354 17.17 -0.70 -23.35
N PHE C 355 18.31 0.00 -23.50
CA PHE C 355 18.61 0.63 -24.78
C PHE C 355 18.72 -0.39 -25.91
N GLN C 356 19.39 -1.53 -25.65
CA GLN C 356 19.50 -2.56 -26.67
C GLN C 356 18.13 -3.05 -27.10
N ARG C 357 17.23 -3.26 -26.14
CA ARG C 357 15.88 -3.73 -26.47
C ARG C 357 15.14 -2.69 -27.32
N TYR C 358 15.18 -1.42 -26.91
CA TYR C 358 14.46 -0.40 -27.66
C TYR C 358 15.06 -0.21 -29.04
N SER C 359 16.38 -0.30 -29.18
CA SER C 359 17.00 -0.24 -30.51
C SER C 359 16.55 -1.38 -31.42
N LEU C 360 16.23 -2.53 -30.86
CA LEU C 360 15.88 -3.71 -31.66
C LEU C 360 14.39 -3.84 -31.94
N LEU C 361 13.58 -2.87 -31.52
CA LEU C 361 12.14 -2.94 -31.77
C LEU C 361 11.76 -3.14 -33.24
N PRO C 362 12.38 -2.49 -34.22
CA PRO C 362 12.02 -2.80 -35.62
C PRO C 362 12.21 -4.26 -35.96
N PHE C 363 13.26 -4.86 -35.41
CA PHE C 363 13.54 -6.29 -35.60
C PHE C 363 12.50 -7.16 -34.90
N TRP C 364 12.20 -6.84 -33.63
CA TRP C 364 11.16 -7.57 -32.90
C TRP C 364 9.84 -7.49 -33.63
N TYR C 365 9.47 -6.29 -34.08
CA TYR C 365 8.18 -6.08 -34.75
C TYR C 365 8.08 -6.92 -36.00
N THR C 366 9.16 -7.00 -36.78
CA THR C 366 9.16 -7.80 -38.00
C THR C 366 9.05 -9.30 -37.68
N LEU C 367 9.73 -9.76 -36.62
CA LEU C 367 9.59 -11.18 -36.25
C LEU C 367 8.16 -11.49 -35.85
N PHE C 368 7.50 -10.58 -35.13
CA PHE C 368 6.11 -10.83 -34.76
C PHE C 368 5.18 -10.72 -35.96
N TYR C 369 5.52 -9.88 -36.95
CA TYR C 369 4.72 -9.85 -38.16
C TYR C 369 4.84 -11.18 -38.92
N GLN C 370 6.05 -11.75 -38.94
CA GLN C 370 6.23 -13.07 -39.54
C GLN C 370 5.53 -14.17 -38.74
N ALA C 371 5.57 -14.08 -37.40
CA ALA C 371 4.78 -15.03 -36.61
C ALA C 371 3.30 -14.89 -36.93
N HIS C 372 2.82 -13.66 -37.09
CA HIS C 372 1.41 -13.41 -37.37
C HIS C 372 1.02 -13.94 -38.75
N LYS C 373 1.88 -13.79 -39.74
CA LYS C 373 1.53 -14.18 -41.10
C LYS C 373 1.76 -15.67 -41.35
N GLU C 374 2.84 -16.23 -40.82
CA GLU C 374 3.25 -17.59 -41.15
C GLU C 374 3.09 -18.59 -40.02
N GLY C 375 2.98 -18.14 -38.78
CA GLY C 375 2.95 -19.05 -37.65
C GLY C 375 4.30 -19.54 -37.19
N PHE C 376 5.40 -18.82 -37.55
CA PHE C 376 6.76 -19.17 -37.15
C PHE C 376 7.08 -18.53 -35.80
N PRO C 377 7.69 -19.25 -34.87
CA PRO C 377 7.96 -18.67 -33.54
C PRO C 377 9.03 -17.57 -33.59
N VAL C 378 8.86 -16.60 -32.69
CA VAL C 378 9.82 -15.49 -32.58
C VAL C 378 11.10 -15.99 -31.93
N MET C 379 10.98 -16.54 -30.72
CA MET C 379 12.07 -17.14 -29.97
C MET C 379 12.17 -18.60 -30.39
N ARG C 380 13.39 -19.06 -30.69
CA ARG C 380 13.56 -20.40 -31.29
C ARG C 380 14.69 -21.18 -30.64
N PRO C 381 14.50 -22.48 -30.38
CA PRO C 381 15.63 -23.32 -30.00
C PRO C 381 16.61 -23.41 -31.16
N LEU C 382 17.88 -23.67 -30.83
CA LEU C 382 18.89 -23.76 -31.88
C LEU C 382 18.58 -24.86 -32.87
N TRP C 383 17.94 -25.95 -32.41
CA TRP C 383 17.69 -27.07 -33.31
C TRP C 383 16.64 -26.75 -34.36
N VAL C 384 15.84 -25.71 -34.17
CA VAL C 384 14.92 -25.30 -35.22
C VAL C 384 15.68 -24.74 -36.42
N GLN C 385 16.78 -24.05 -36.16
CA GLN C 385 17.57 -23.46 -37.22
CA GLN C 385 17.59 -23.45 -37.22
C GLN C 385 18.68 -24.39 -37.71
N TYR C 386 19.05 -25.40 -36.92
CA TYR C 386 20.08 -26.36 -37.29
C TYR C 386 19.57 -27.77 -37.05
N PRO C 387 18.57 -28.20 -37.81
CA PRO C 387 17.88 -29.47 -37.50
C PRO C 387 18.76 -30.70 -37.65
N GLU C 388 19.92 -30.59 -38.29
CA GLU C 388 20.81 -31.73 -38.48
C GLU C 388 21.97 -31.74 -37.51
N ASP C 389 22.12 -30.72 -36.68
CA ASP C 389 23.18 -30.68 -35.66
C ASP C 389 22.62 -31.28 -34.39
N MET C 390 22.92 -32.56 -34.16
CA MET C 390 22.34 -33.27 -33.04
C MET C 390 22.83 -32.74 -31.70
N SER C 391 23.96 -32.04 -31.69
CA SER C 391 24.41 -31.49 -30.42
C SER C 391 23.58 -30.28 -29.98
N THR C 392 22.60 -29.85 -30.77
CA THR C 392 21.72 -28.75 -30.36
C THR C 392 20.37 -29.23 -29.85
N PHE C 393 20.07 -30.52 -29.96
CA PHE C 393 18.71 -30.99 -29.74
C PHE C 393 18.22 -30.75 -28.32
N SER C 394 19.12 -30.51 -27.37
CA SER C 394 18.76 -30.32 -25.98
C SER C 394 19.18 -28.95 -25.43
N ILE C 395 19.75 -28.07 -26.25
CA ILE C 395 20.31 -26.82 -25.75
C ILE C 395 19.20 -25.93 -25.21
N GLU C 396 19.40 -25.39 -24.01
CA GLU C 396 18.39 -24.52 -23.40
C GLU C 396 18.99 -23.39 -22.57
N ASP C 397 20.31 -23.18 -22.60
CA ASP C 397 20.92 -21.98 -22.05
C ASP C 397 21.27 -20.97 -23.15
N GLN C 398 20.63 -21.10 -24.31
CA GLN C 398 20.92 -20.35 -25.53
C GLN C 398 19.67 -20.39 -26.37
N PHE C 399 19.43 -19.32 -27.13
CA PHE C 399 18.29 -19.33 -28.04
C PHE C 399 18.52 -18.41 -29.21
N MET C 400 17.64 -18.52 -30.20
CA MET C 400 17.71 -17.66 -31.37
C MET C 400 16.49 -16.76 -31.42
N LEU C 401 16.69 -15.56 -31.95
CA LEU C 401 15.60 -14.66 -32.30
C LEU C 401 15.53 -14.70 -33.82
N GLY C 402 14.43 -15.26 -34.35
CA GLY C 402 14.38 -15.51 -35.78
C GLY C 402 15.53 -16.39 -36.18
N ASP C 403 16.13 -16.08 -37.34
CA ASP C 403 17.33 -16.76 -37.81
C ASP C 403 18.58 -15.91 -37.67
N ALA C 404 18.47 -14.72 -37.09
CA ALA C 404 19.51 -13.71 -37.21
C ALA C 404 20.36 -13.56 -35.95
N LEU C 405 19.77 -13.68 -34.76
CA LEU C 405 20.49 -13.40 -33.52
C LEU C 405 20.52 -14.63 -32.65
N LEU C 406 21.70 -14.94 -32.13
CA LEU C 406 21.92 -16.01 -31.17
C LEU C 406 22.27 -15.36 -29.84
N ILE C 407 21.53 -15.73 -28.78
CA ILE C 407 21.64 -15.08 -27.48
C ILE C 407 22.07 -16.11 -26.46
N HIS C 408 23.09 -15.79 -25.66
CA HIS C 408 23.50 -16.62 -24.52
C HIS C 408 23.69 -15.73 -23.30
N PRO C 409 22.60 -15.42 -22.59
CA PRO C 409 22.71 -14.54 -21.42
C PRO C 409 23.46 -15.20 -20.28
N VAL C 410 24.16 -14.37 -19.50
CA VAL C 410 24.84 -14.86 -18.31
C VAL C 410 23.80 -15.16 -17.23
N SER C 411 23.85 -16.39 -16.70
CA SER C 411 22.87 -16.83 -15.72
C SER C 411 23.56 -17.51 -14.52
N ASP C 412 24.72 -17.00 -14.12
CA ASP C 412 25.42 -17.51 -12.95
C ASP C 412 26.08 -16.34 -12.25
N ALA C 413 25.98 -16.32 -10.92
CA ALA C 413 26.58 -15.25 -10.13
C ALA C 413 28.09 -15.29 -10.24
N GLY C 414 28.71 -14.11 -10.38
CA GLY C 414 30.14 -14.02 -10.42
C GLY C 414 30.80 -14.69 -11.62
N ALA C 415 30.05 -14.93 -12.70
CA ALA C 415 30.60 -15.59 -13.87
C ALA C 415 31.72 -14.76 -14.48
N HIS C 416 32.78 -15.44 -14.90
CA HIS C 416 33.92 -14.81 -15.60
C HIS C 416 33.86 -15.01 -17.11
N GLY C 417 33.00 -15.91 -17.59
CA GLY C 417 32.83 -16.13 -19.01
C GLY C 417 31.66 -17.08 -19.21
N VAL C 418 31.29 -17.27 -20.47
CA VAL C 418 30.29 -18.27 -20.85
C VAL C 418 30.85 -19.08 -22.00
N GLN C 419 30.29 -20.26 -22.16
CA GLN C 419 30.62 -21.13 -23.28
C GLN C 419 29.48 -21.06 -24.28
N VAL C 420 29.74 -20.42 -25.41
CA VAL C 420 28.72 -20.20 -26.44
C VAL C 420 28.96 -21.20 -27.56
N TYR C 421 27.94 -21.99 -27.87
CA TYR C 421 28.01 -22.87 -29.02
C TYR C 421 27.51 -22.12 -30.25
N LEU C 422 28.42 -21.85 -31.20
CA LEU C 422 28.08 -21.22 -32.47
C LEU C 422 27.93 -22.29 -33.52
N PRO C 423 26.72 -22.63 -33.93
CA PRO C 423 26.54 -23.75 -34.86
C PRO C 423 26.66 -23.38 -36.33
N GLY C 424 26.55 -24.39 -37.20
CA GLY C 424 26.49 -24.21 -38.63
C GLY C 424 27.76 -24.51 -39.39
N GLN C 425 27.70 -25.46 -40.32
CA GLN C 425 28.80 -25.67 -41.24
C GLN C 425 28.85 -24.54 -42.26
N GLU C 426 30.05 -23.99 -42.49
CA GLU C 426 30.26 -22.85 -43.38
C GLU C 426 29.53 -21.60 -42.91
N GLU C 427 29.37 -21.44 -41.60
CA GLU C 427 28.65 -20.34 -41.00
C GLU C 427 29.62 -19.43 -40.24
N VAL C 428 29.38 -18.12 -40.30
CA VAL C 428 30.11 -17.14 -39.50
C VAL C 428 29.14 -16.44 -38.57
N TRP C 429 29.67 -15.95 -37.44
CA TRP C 429 28.90 -15.27 -36.40
C TRP C 429 29.66 -14.03 -35.97
N TYR C 430 28.95 -12.91 -35.83
CA TYR C 430 29.58 -11.65 -35.41
C TYR C 430 29.13 -11.30 -34.00
N ASP C 431 30.11 -11.17 -33.09
CA ASP C 431 29.88 -10.57 -31.78
C ASP C 431 29.41 -9.14 -32.02
N ILE C 432 28.17 -8.81 -31.65
CA ILE C 432 27.64 -7.50 -32.02
C ILE C 432 28.25 -6.38 -31.20
N GLN C 433 29.01 -6.70 -30.16
CA GLN C 433 29.69 -5.68 -29.36
C GLN C 433 31.09 -5.39 -29.88
N SER C 434 31.88 -6.43 -30.13
CA SER C 434 33.25 -6.29 -30.61
C SER C 434 33.36 -6.38 -32.12
N TYR C 435 32.31 -6.80 -32.81
CA TYR C 435 32.30 -7.07 -34.24
C TYR C 435 33.26 -8.18 -34.62
N GLN C 436 33.79 -8.93 -33.66
CA GLN C 436 34.69 -10.02 -34.00
C GLN C 436 33.92 -11.13 -34.71
N LYS C 437 34.48 -11.64 -35.80
CA LYS C 437 33.84 -12.71 -36.55
C LYS C 437 34.32 -14.06 -36.02
N HIS C 438 33.43 -15.05 -35.99
CA HIS C 438 33.75 -16.40 -35.52
C HIS C 438 33.13 -17.41 -36.47
N HIS C 439 33.91 -18.40 -36.86
CA HIS C 439 33.43 -19.44 -37.76
C HIS C 439 32.80 -20.56 -36.93
N GLY C 440 31.74 -21.15 -37.47
CA GLY C 440 31.11 -22.29 -36.85
C GLY C 440 31.46 -23.56 -37.61
N PRO C 441 31.24 -24.73 -36.97
CA PRO C 441 30.76 -24.86 -35.60
C PRO C 441 31.89 -24.84 -34.59
N GLN C 442 31.64 -24.26 -33.42
CA GLN C 442 32.63 -24.23 -32.34
C GLN C 442 31.93 -23.87 -31.05
N THR C 443 32.58 -24.18 -29.93
CA THR C 443 32.15 -23.72 -28.61
C THR C 443 33.15 -22.66 -28.20
N LEU C 444 32.70 -21.41 -28.14
CA LEU C 444 33.56 -20.28 -27.85
C LEU C 444 33.48 -19.95 -26.38
N TYR C 445 34.65 -19.77 -25.75
CA TYR C 445 34.70 -19.26 -24.39
C TYR C 445 34.76 -17.75 -24.49
N LEU C 446 33.71 -17.08 -24.04
CA LEU C 446 33.62 -15.63 -24.12
C LEU C 446 33.70 -15.04 -22.71
N PRO C 447 34.76 -14.30 -22.38
CA PRO C 447 34.78 -13.60 -21.08
C PRO C 447 33.70 -12.53 -21.02
N VAL C 448 33.13 -12.34 -19.82
CA VAL C 448 32.04 -11.41 -19.62
C VAL C 448 32.32 -10.52 -18.42
N THR C 449 31.69 -9.35 -18.42
CA THR C 449 31.63 -8.47 -17.26
C THR C 449 30.15 -8.30 -16.87
N LEU C 450 29.89 -7.40 -15.92
CA LEU C 450 28.52 -7.18 -15.48
C LEU C 450 27.66 -6.64 -16.62
N SER C 451 28.26 -5.90 -17.55
CA SER C 451 27.51 -5.28 -18.64
C SER C 451 27.41 -6.15 -19.89
N SER C 452 27.93 -7.37 -19.86
CA SER C 452 27.94 -8.21 -21.06
C SER C 452 26.58 -8.86 -21.27
N ILE C 453 26.10 -8.81 -22.51
CA ILE C 453 24.99 -9.64 -22.98
C ILE C 453 25.49 -10.37 -24.21
N PRO C 454 25.93 -11.64 -24.09
CA PRO C 454 26.43 -12.36 -25.27
C PRO C 454 25.41 -12.53 -26.38
N VAL C 455 25.57 -11.71 -27.43
CA VAL C 455 24.70 -11.70 -28.59
C VAL C 455 25.55 -11.74 -29.84
N PHE C 456 25.19 -12.61 -30.79
CA PHE C 456 25.91 -12.78 -32.04
C PHE C 456 24.93 -12.66 -33.20
N GLN C 457 25.34 -11.99 -34.27
CA GLN C 457 24.52 -11.90 -35.47
C GLN C 457 25.03 -12.90 -36.51
N ARG C 458 24.10 -13.61 -37.13
CA ARG C 458 24.47 -14.65 -38.08
C ARG C 458 24.89 -14.04 -39.41
N GLY C 459 25.97 -14.56 -39.97
CA GLY C 459 26.35 -14.15 -41.31
C GLY C 459 25.23 -14.44 -42.29
N GLY C 460 25.01 -13.51 -43.21
CA GLY C 460 23.92 -13.64 -44.17
C GLY C 460 22.62 -12.98 -43.75
N THR C 461 22.63 -12.15 -42.71
CA THR C 461 21.40 -11.55 -42.21
C THR C 461 21.55 -10.04 -42.15
N ILE C 462 20.40 -9.36 -42.20
CA ILE C 462 20.33 -7.91 -42.08
C ILE C 462 19.31 -7.56 -41.00
N VAL C 463 19.76 -6.82 -39.99
CA VAL C 463 18.97 -6.53 -38.80
C VAL C 463 18.69 -5.03 -38.73
N PRO C 464 17.43 -4.60 -38.71
CA PRO C 464 17.13 -3.16 -38.63
C PRO C 464 17.01 -2.69 -37.19
N ARG C 465 17.56 -1.51 -36.91
CA ARG C 465 17.54 -0.93 -35.58
C ARG C 465 17.12 0.53 -35.62
N TRP C 466 16.49 0.98 -34.54
CA TRP C 466 16.30 2.39 -34.23
C TRP C 466 17.43 2.76 -33.26
N MET C 467 18.47 3.41 -33.77
CA MET C 467 19.58 3.77 -32.89
C MET C 467 19.29 5.00 -32.02
N ARG C 468 18.18 5.68 -32.23
CA ARG C 468 17.80 6.85 -31.44
C ARG C 468 16.82 6.39 -30.37
N VAL C 469 17.35 5.99 -29.22
CA VAL C 469 16.53 5.50 -28.11
C VAL C 469 15.90 6.70 -27.41
N ARG C 470 14.58 6.71 -27.31
CA ARG C 470 13.81 7.73 -26.63
C ARG C 470 13.09 7.12 -25.43
N ARG C 471 12.18 7.88 -24.83
CA ARG C 471 11.61 7.45 -23.55
C ARG C 471 10.57 6.35 -23.70
N SER C 472 9.99 6.18 -24.88
CA SER C 472 9.00 5.14 -25.12
C SER C 472 8.94 4.88 -26.62
N SER C 473 8.29 3.77 -27.00
CA SER C 473 8.26 3.39 -28.40
C SER C 473 7.39 4.33 -29.24
N ASP C 474 6.32 4.88 -28.67
CA ASP C 474 5.53 5.86 -29.43
C ASP C 474 6.39 7.03 -29.88
N CYS C 475 7.33 7.48 -29.03
CA CYS C 475 8.22 8.57 -29.40
C CYS C 475 9.15 8.20 -30.54
N MET C 476 9.41 6.91 -30.74
CA MET C 476 10.41 6.47 -31.71
C MET C 476 9.83 6.07 -33.06
N LYS C 477 8.51 5.97 -33.17
CA LYS C 477 7.98 5.18 -34.28
C LYS C 477 8.00 5.90 -35.62
N ASP C 478 8.51 7.13 -35.69
CA ASP C 478 8.75 7.81 -36.97
C ASP C 478 10.24 8.02 -37.23
N ASP C 479 11.12 7.39 -36.44
CA ASP C 479 12.54 7.67 -36.52
C ASP C 479 13.21 6.86 -37.60
N PRO C 480 14.37 7.32 -38.08
CA PRO C 480 15.09 6.59 -39.14
C PRO C 480 15.74 5.32 -38.63
N ILE C 481 15.96 4.40 -39.59
CA ILE C 481 16.45 3.05 -39.35
C ILE C 481 17.94 2.99 -39.68
N THR C 482 18.69 2.22 -38.89
CA THR C 482 20.05 1.82 -39.22
C THR C 482 20.03 0.33 -39.55
N LEU C 483 20.63 -0.05 -40.68
CA LEU C 483 20.66 -1.44 -41.12
C LEU C 483 22.01 -2.07 -40.79
N PHE C 484 21.99 -3.23 -40.13
CA PHE C 484 23.20 -3.96 -39.76
C PHE C 484 23.31 -5.18 -40.65
N VAL C 485 24.26 -5.15 -41.58
CA VAL C 485 24.43 -6.18 -42.59
C VAL C 485 25.59 -7.06 -42.16
N ALA C 486 25.32 -8.34 -41.88
CA ALA C 486 26.35 -9.30 -41.53
C ALA C 486 26.63 -10.18 -42.76
N LEU C 487 27.80 -10.03 -43.35
CA LEU C 487 28.10 -10.69 -44.60
C LEU C 487 28.39 -12.17 -44.37
N SER C 488 27.74 -13.02 -45.16
CA SER C 488 28.04 -14.43 -45.20
C SER C 488 29.44 -14.63 -45.76
N PRO C 489 29.99 -15.85 -45.70
CA PRO C 489 31.28 -16.09 -46.37
C PRO C 489 31.21 -15.89 -47.88
N GLN C 490 30.01 -15.97 -48.47
CA GLN C 490 29.81 -15.72 -49.89
C GLN C 490 29.55 -14.25 -50.21
N GLY C 491 29.75 -13.36 -49.24
CA GLY C 491 29.48 -11.94 -49.45
C GLY C 491 28.01 -11.58 -49.64
N THR C 492 27.09 -12.35 -49.06
CA THR C 492 25.66 -12.11 -49.23
C THR C 492 24.99 -11.90 -47.87
N ALA C 493 23.77 -11.33 -47.91
CA ALA C 493 22.93 -11.14 -46.74
C ALA C 493 21.54 -10.74 -47.19
N GLN C 494 20.57 -10.97 -46.32
CA GLN C 494 19.20 -10.56 -46.58
C GLN C 494 18.46 -10.38 -45.26
N GLY C 495 17.37 -9.63 -45.31
CA GLY C 495 16.56 -9.38 -44.13
C GLY C 495 15.27 -8.71 -44.57
N GLU C 496 14.35 -8.59 -43.61
CA GLU C 496 13.07 -7.95 -43.88
C GLU C 496 12.79 -6.89 -42.83
N LEU C 497 11.82 -6.03 -43.13
CA LEU C 497 11.39 -4.98 -42.21
C LEU C 497 9.92 -4.72 -42.43
N PHE C 498 9.12 -4.86 -41.37
CA PHE C 498 7.70 -4.54 -41.37
C PHE C 498 7.45 -3.22 -40.63
N LEU C 499 6.58 -2.39 -41.21
CA LEU C 499 6.21 -1.11 -40.61
C LEU C 499 4.72 -0.89 -40.81
N ASP C 500 4.10 -0.22 -39.84
CA ASP C 500 2.71 0.21 -39.96
C ASP C 500 2.50 1.37 -38.97
N ASP C 501 1.26 1.65 -38.59
CA ASP C 501 1.05 2.76 -37.68
C ASP C 501 1.35 2.40 -36.23
N GLY C 502 1.54 1.12 -35.93
CA GLY C 502 1.99 0.68 -34.63
C GLY C 502 0.90 0.22 -33.68
N HIS C 503 -0.39 0.33 -34.05
CA HIS C 503 -1.41 0.00 -33.07
C HIS C 503 -2.81 -0.33 -33.61
N THR C 504 -3.08 -0.12 -34.91
CA THR C 504 -4.41 -0.39 -35.45
C THR C 504 -4.42 -1.64 -36.34
N PHE C 505 -5.61 -1.98 -36.82
CA PHE C 505 -5.80 -3.03 -37.80
C PHE C 505 -5.73 -2.52 -39.25
N ASN C 506 -5.30 -1.26 -39.45
CA ASN C 506 -5.23 -0.71 -40.81
C ASN C 506 -4.29 -1.52 -41.71
N TYR C 507 -3.29 -2.20 -41.17
CA TYR C 507 -2.42 -3.02 -42.01
C TYR C 507 -3.22 -4.08 -42.75
N GLN C 508 -4.30 -4.55 -42.14
CA GLN C 508 -5.15 -5.62 -42.67
C GLN C 508 -6.41 -5.10 -43.37
N THR C 509 -7.08 -4.10 -42.81
CA THR C 509 -8.33 -3.62 -43.40
C THR C 509 -8.09 -2.64 -44.56
N ARG C 510 -6.93 -2.00 -44.60
CA ARG C 510 -6.63 -1.00 -45.61
C ARG C 510 -5.28 -1.21 -46.28
N HIS C 511 -4.57 -2.30 -45.95
CA HIS C 511 -3.24 -2.60 -46.48
C HIS C 511 -2.30 -1.43 -46.30
N GLU C 512 -2.39 -0.77 -45.14
CA GLU C 512 -1.52 0.36 -44.81
C GLU C 512 -0.36 -0.15 -43.97
N PHE C 513 0.73 -0.50 -44.65
CA PHE C 513 1.92 -1.05 -44.03
C PHE C 513 3.02 -1.09 -45.08
N LEU C 514 4.24 -1.33 -44.63
CA LEU C 514 5.36 -1.60 -45.53
C LEU C 514 5.99 -2.92 -45.12
N LEU C 515 6.30 -3.74 -46.12
CA LEU C 515 7.13 -4.92 -45.92
C LEU C 515 8.27 -4.82 -46.94
N ARG C 516 9.46 -4.49 -46.44
CA ARG C 516 10.64 -4.28 -47.27
C ARG C 516 11.54 -5.52 -47.21
N ARG C 517 12.14 -5.85 -48.35
CA ARG C 517 13.21 -6.82 -48.43
C ARG C 517 14.53 -6.09 -48.64
N PHE C 518 15.52 -6.38 -47.80
CA PHE C 518 16.88 -5.89 -47.98
C PHE C 518 17.77 -7.05 -48.35
N SER C 519 18.56 -6.87 -49.42
CA SER C 519 19.41 -7.97 -49.87
C SER C 519 20.76 -7.43 -50.33
N PHE C 520 21.81 -8.18 -50.00
CA PHE C 520 23.17 -7.85 -50.35
C PHE C 520 23.76 -9.01 -51.13
N SER C 521 24.35 -8.71 -52.27
CA SER C 521 25.10 -9.70 -53.06
C SER C 521 26.03 -8.95 -53.99
N GLY C 522 27.14 -9.61 -54.32
CA GLY C 522 28.19 -8.98 -55.07
C GLY C 522 28.78 -7.84 -54.27
N SER C 523 28.42 -6.60 -54.62
CA SER C 523 28.87 -5.46 -53.85
C SER C 523 27.76 -4.44 -53.72
N THR C 524 26.50 -4.89 -53.74
CA THR C 524 25.36 -4.01 -53.82
C THR C 524 24.32 -4.37 -52.76
N LEU C 525 23.87 -3.35 -52.02
CA LEU C 525 22.73 -3.47 -51.12
C LEU C 525 21.50 -2.94 -51.83
N VAL C 526 20.44 -3.75 -51.89
CA VAL C 526 19.22 -3.40 -52.59
C VAL C 526 18.05 -3.47 -51.62
N SER C 527 17.18 -2.46 -51.68
CA SER C 527 15.89 -2.47 -51.01
C SER C 527 14.78 -2.59 -52.04
N SER C 528 13.89 -3.57 -51.85
CA SER C 528 12.74 -3.75 -52.70
C SER C 528 11.54 -4.08 -51.82
N SER C 529 10.37 -4.12 -52.45
CA SER C 529 9.14 -4.48 -51.75
C SER C 529 9.04 -5.99 -51.60
N ALA C 530 8.79 -6.46 -50.37
CA ALA C 530 8.46 -7.87 -50.18
C ALA C 530 6.97 -8.14 -50.24
N ASP C 531 6.14 -7.09 -50.32
CA ASP C 531 4.71 -7.19 -50.49
C ASP C 531 4.19 -5.91 -51.13
N PRO C 532 3.85 -5.93 -52.42
CA PRO C 532 3.44 -4.69 -53.10
C PRO C 532 2.09 -4.17 -52.65
N LYS C 533 1.25 -5.00 -52.01
CA LYS C 533 -0.06 -4.53 -51.58
C LYS C 533 0.06 -3.46 -50.48
N GLY C 534 1.18 -3.36 -49.82
CA GLY C 534 1.33 -2.50 -48.67
C GLY C 534 1.91 -1.14 -49.03
N HIS C 535 1.15 -0.10 -48.70
CA HIS C 535 1.61 1.28 -48.86
C HIS C 535 1.41 2.00 -47.54
N LEU C 536 2.32 2.91 -47.21
CA LEU C 536 2.26 3.59 -45.92
C LEU C 536 2.86 4.97 -46.02
N GLU C 537 2.14 5.97 -45.51
CA GLU C 537 2.70 7.31 -45.35
C GLU C 537 3.53 7.33 -44.06
N THR C 538 4.84 7.52 -44.20
CA THR C 538 5.72 7.49 -43.07
C THR C 538 6.93 8.36 -43.35
N PRO C 539 7.42 9.09 -42.35
CA PRO C 539 8.68 9.83 -42.52
C PRO C 539 9.93 8.98 -42.30
N ILE C 540 9.81 7.69 -42.03
CA ILE C 540 10.98 6.87 -41.70
C ILE C 540 11.92 6.80 -42.90
N TRP C 541 13.21 6.97 -42.64
CA TRP C 541 14.23 6.95 -43.67
C TRP C 541 15.42 6.11 -43.18
N ILE C 542 16.35 5.84 -44.10
CA ILE C 542 17.56 5.08 -43.78
C ILE C 542 18.66 6.09 -43.48
N GLU C 543 19.08 6.17 -42.22
CA GLU C 543 20.11 7.12 -41.83
C GLU C 543 21.50 6.51 -41.77
N ARG C 544 21.63 5.19 -41.85
CA ARG C 544 22.95 4.58 -41.65
C ARG C 544 22.90 3.12 -42.08
N VAL C 545 24.02 2.63 -42.60
CA VAL C 545 24.20 1.22 -42.90
C VAL C 545 25.53 0.78 -42.28
N VAL C 546 25.48 -0.28 -41.48
CA VAL C 546 26.66 -0.85 -40.85
C VAL C 546 26.87 -2.23 -41.45
N ILE C 547 28.02 -2.42 -42.11
CA ILE C 547 28.32 -3.66 -42.82
C ILE C 547 29.48 -4.34 -42.11
N MET C 548 29.23 -5.54 -41.59
CA MET C 548 30.24 -6.34 -40.90
C MET C 548 30.86 -7.30 -41.88
N GLY C 549 32.19 -7.39 -41.89
CA GLY C 549 32.88 -8.32 -42.75
C GLY C 549 33.20 -7.78 -44.13
N ALA C 550 33.35 -6.47 -44.28
CA ALA C 550 33.55 -5.84 -45.57
C ALA C 550 34.91 -5.17 -45.63
N GLY C 551 35.49 -5.15 -46.82
CA GLY C 551 36.69 -4.37 -47.04
C GLY C 551 36.36 -2.92 -47.33
N LYS C 552 37.43 -2.13 -47.46
CA LYS C 552 37.30 -0.70 -47.75
C LYS C 552 37.01 -0.51 -49.23
N PRO C 553 35.91 0.15 -49.59
CA PRO C 553 35.63 0.42 -51.00
C PRO C 553 36.36 1.67 -51.46
N ALA C 554 36.40 1.87 -52.77
CA ALA C 554 36.95 3.11 -53.30
C ALA C 554 35.91 4.22 -53.34
N ALA C 555 34.65 3.86 -53.56
CA ALA C 555 33.58 4.84 -53.56
C ALA C 555 32.27 4.10 -53.30
N VAL C 556 31.30 4.85 -52.76
CA VAL C 556 29.98 4.31 -52.45
C VAL C 556 28.95 5.17 -53.17
N VAL C 557 28.07 4.50 -53.92
CA VAL C 557 27.10 5.17 -54.78
C VAL C 557 25.70 4.69 -54.41
N LEU C 558 24.78 5.64 -54.28
CA LEU C 558 23.38 5.34 -53.99
C LEU C 558 22.52 5.75 -55.19
N GLN C 559 21.61 4.86 -55.58
CA GLN C 559 20.62 5.14 -56.62
C GLN C 559 19.24 4.89 -56.04
N THR C 560 18.34 5.86 -56.20
CA THR C 560 16.97 5.79 -55.73
C THR C 560 16.05 6.14 -56.88
N LYS C 561 14.95 5.39 -57.02
CA LYS C 561 13.93 5.76 -57.98
C LYS C 561 13.49 7.19 -57.71
N GLY C 562 13.53 8.01 -58.76
CA GLY C 562 13.13 9.40 -58.67
C GLY C 562 14.22 10.36 -58.29
N SER C 563 15.45 9.89 -58.10
CA SER C 563 16.52 10.75 -57.64
C SER C 563 17.76 10.57 -58.50
N PRO C 564 18.57 11.61 -58.64
CA PRO C 564 19.86 11.45 -59.32
C PRO C 564 20.79 10.57 -58.51
N GLU C 565 21.78 10.02 -59.21
CA GLU C 565 22.78 9.18 -58.55
C GLU C 565 23.62 10.00 -57.59
N SER C 566 23.81 9.49 -56.39
CA SER C 566 24.44 10.21 -55.29
C SER C 566 25.68 9.46 -54.79
N ARG C 567 26.59 10.21 -54.17
CA ARG C 567 27.78 9.65 -53.54
C ARG C 567 27.66 9.77 -52.03
N LEU C 568 28.05 8.73 -51.32
CA LEU C 568 27.95 8.66 -49.87
C LEU C 568 29.34 8.62 -49.26
N SER C 569 29.53 9.39 -48.21
CA SER C 569 30.77 9.28 -47.45
C SER C 569 30.67 8.06 -46.51
N PHE C 570 31.83 7.55 -46.13
CA PHE C 570 31.86 6.31 -45.36
C PHE C 570 33.08 6.29 -44.47
N GLN C 571 33.05 5.36 -43.51
CA GLN C 571 34.13 5.14 -42.57
C GLN C 571 34.39 3.64 -42.51
N HIS C 572 35.65 3.24 -42.51
CA HIS C 572 36.01 1.83 -42.49
C HIS C 572 37.05 1.60 -41.42
N ASP C 573 36.85 0.54 -40.63
CA ASP C 573 37.80 0.12 -39.61
C ASP C 573 38.53 -1.11 -40.13
N PRO C 574 39.82 -1.01 -40.44
CA PRO C 574 40.52 -2.18 -41.00
C PRO C 574 40.68 -3.32 -40.00
N GLU C 575 40.63 -3.03 -38.70
CA GLU C 575 40.78 -4.08 -37.70
C GLU C 575 39.57 -4.99 -37.65
N THR C 576 38.38 -4.41 -37.61
CA THR C 576 37.15 -5.19 -37.44
C THR C 576 36.43 -5.48 -38.76
N SER C 577 36.92 -4.95 -39.88
CA SER C 577 36.23 -5.07 -41.17
C SER C 577 34.78 -4.60 -41.07
N VAL C 578 34.60 -3.42 -40.49
CA VAL C 578 33.30 -2.80 -40.34
C VAL C 578 33.26 -1.55 -41.21
N LEU C 579 32.23 -1.46 -42.04
CA LEU C 579 32.02 -0.35 -42.96
C LEU C 579 30.75 0.39 -42.56
N ILE C 580 30.85 1.69 -42.35
CA ILE C 580 29.69 2.50 -41.98
C ILE C 580 29.39 3.47 -43.12
N LEU C 581 28.20 3.36 -43.70
CA LEU C 581 27.76 4.27 -44.75
C LEU C 581 26.98 5.41 -44.13
N ARG C 582 27.44 6.64 -44.37
CA ARG C 582 26.84 7.82 -43.75
C ARG C 582 25.58 8.26 -44.48
N LYS C 583 24.52 8.51 -43.71
CA LYS C 583 23.28 9.18 -44.08
C LYS C 583 22.84 8.92 -45.53
N PRO C 584 22.41 7.70 -45.86
CA PRO C 584 21.83 7.50 -47.21
C PRO C 584 20.66 8.42 -47.47
N GLY C 585 19.84 8.70 -46.45
CA GLY C 585 18.81 9.71 -46.55
C GLY C 585 17.61 9.32 -47.38
N VAL C 586 17.43 8.04 -47.69
CA VAL C 586 16.38 7.60 -48.58
C VAL C 586 15.18 7.16 -47.76
N SER C 587 13.98 7.46 -48.25
CA SER C 587 12.76 7.00 -47.62
C SER C 587 12.70 5.47 -47.58
N VAL C 588 12.20 4.94 -46.47
CA VAL C 588 12.08 3.49 -46.32
C VAL C 588 11.03 2.92 -47.25
N ALA C 589 10.14 3.76 -47.79
CA ALA C 589 9.15 3.28 -48.75
C ALA C 589 9.69 3.22 -50.19
N SER C 590 10.91 3.69 -50.43
CA SER C 590 11.48 3.79 -51.76
C SER C 590 12.33 2.58 -52.10
N ASP C 591 12.26 2.13 -53.35
CA ASP C 591 13.28 1.22 -53.86
C ASP C 591 14.59 1.98 -53.99
N TRP C 592 15.70 1.35 -53.59
CA TRP C 592 16.99 1.99 -53.73
C TRP C 592 18.07 0.91 -53.76
N SER C 593 19.28 1.34 -54.12
CA SER C 593 20.41 0.43 -54.15
C SER C 593 21.67 1.22 -53.84
N ILE C 594 22.57 0.59 -53.08
CA ILE C 594 23.86 1.16 -52.73
C ILE C 594 24.92 0.23 -53.30
N HIS C 595 25.84 0.77 -54.09
CA HIS C 595 26.88 -0.01 -54.74
CA HIS C 595 26.88 0.00 -54.76
C HIS C 595 28.23 0.35 -54.15
N LEU C 596 29.00 -0.67 -53.77
CA LEU C 596 30.34 -0.47 -53.22
C LEU C 596 31.34 -0.71 -54.34
N ARG C 597 31.97 0.37 -54.82
CA ARG C 597 32.89 0.26 -55.94
C ARG C 597 34.32 0.01 -55.47
N PRO D 53 34.71 25.93 -42.53
CA PRO D 53 33.86 24.82 -42.09
C PRO D 53 33.74 24.73 -40.57
N PHE D 54 32.92 23.79 -40.10
CA PHE D 54 32.68 23.58 -38.67
C PHE D 54 33.52 22.42 -38.16
N THR D 55 34.11 22.60 -36.98
CA THR D 55 34.88 21.57 -36.33
C THR D 55 34.28 21.26 -34.96
N CYS D 56 34.24 19.97 -34.62
CA CYS D 56 33.63 19.54 -33.37
C CYS D 56 34.31 20.23 -32.18
N LEU D 57 33.58 20.29 -31.07
CA LEU D 57 34.13 20.80 -29.83
C LEU D 57 35.17 19.87 -29.22
N ASP D 58 35.25 18.62 -29.67
CA ASP D 58 36.27 17.67 -29.24
C ASP D 58 37.28 17.34 -30.34
N GLY D 59 37.24 18.07 -31.45
CA GLY D 59 38.24 17.94 -32.49
C GLY D 59 38.28 16.62 -33.22
N THR D 60 37.22 15.80 -33.12
CA THR D 60 37.24 14.49 -33.76
C THR D 60 37.07 14.57 -35.26
N ALA D 61 36.62 15.71 -35.79
CA ALA D 61 36.48 15.87 -37.23
C ALA D 61 36.36 17.35 -37.56
N THR D 62 36.14 17.61 -38.85
CA THR D 62 35.81 18.93 -39.37
C THR D 62 34.92 18.69 -40.58
N ILE D 63 33.75 19.31 -40.58
CA ILE D 63 32.72 18.99 -41.56
C ILE D 63 32.23 20.29 -42.19
N PRO D 64 31.69 20.25 -43.41
CA PRO D 64 31.06 21.46 -43.95
C PRO D 64 29.89 21.87 -43.06
N PHE D 65 29.54 23.15 -43.14
CA PHE D 65 28.45 23.65 -42.31
C PHE D 65 27.11 23.03 -42.68
N ASP D 66 26.99 22.41 -43.85
CA ASP D 66 25.76 21.74 -44.21
C ASP D 66 25.60 20.41 -43.49
N GLN D 67 26.54 20.04 -42.62
CA GLN D 67 26.41 18.89 -41.75
C GLN D 67 26.24 19.28 -40.29
N VAL D 68 25.98 20.56 -40.03
CA VAL D 68 25.51 20.99 -38.72
C VAL D 68 23.99 21.02 -38.78
N ASN D 69 23.34 20.38 -37.80
CA ASN D 69 21.89 20.22 -37.76
C ASN D 69 21.36 19.59 -39.03
N ASP D 70 22.11 18.66 -39.63
CA ASP D 70 21.62 17.95 -40.80
C ASP D 70 20.97 16.62 -40.43
N ASP D 71 20.62 16.44 -39.14
CA ASP D 71 19.87 15.28 -38.65
C ASP D 71 20.65 13.97 -38.82
N TYR D 72 21.99 14.08 -38.77
CA TYR D 72 22.87 12.93 -38.71
C TYR D 72 24.02 13.27 -37.77
N CYS D 73 24.37 12.36 -36.88
CA CYS D 73 25.38 12.64 -35.86
C CYS D 73 26.79 12.45 -36.42
N ASP D 74 27.54 13.55 -36.53
CA ASP D 74 28.89 13.49 -37.07
C ASP D 74 29.98 13.73 -36.03
N CYS D 75 29.65 14.31 -34.88
CA CYS D 75 30.62 14.56 -33.82
C CYS D 75 30.42 13.60 -32.67
N LYS D 76 31.55 13.10 -32.14
CA LYS D 76 31.46 12.13 -31.04
C LYS D 76 30.82 12.74 -29.80
N ASP D 77 30.97 14.05 -29.60
CA ASP D 77 30.38 14.72 -28.44
C ASP D 77 28.99 15.27 -28.71
N GLY D 78 28.47 15.10 -29.93
CA GLY D 78 27.13 15.55 -30.25
C GLY D 78 27.00 17.01 -30.59
N SER D 79 28.11 17.74 -30.67
CA SER D 79 28.03 19.19 -30.79
C SER D 79 27.60 19.67 -32.17
N ASP D 80 27.56 18.79 -33.17
CA ASP D 80 27.13 19.18 -34.51
C ASP D 80 25.62 19.13 -34.69
N GLU D 81 24.87 18.68 -33.69
CA GLU D 81 23.41 18.58 -33.79
C GLU D 81 22.73 19.16 -32.55
N PRO D 82 22.97 20.44 -32.23
CA PRO D 82 22.27 21.03 -31.07
C PRO D 82 20.78 21.22 -31.31
N GLY D 83 20.31 21.16 -32.55
CA GLY D 83 18.91 21.42 -32.82
C GLY D 83 18.08 20.21 -33.20
N THR D 84 18.67 19.01 -33.19
CA THR D 84 17.98 17.81 -33.64
C THR D 84 18.12 16.70 -32.60
N ALA D 85 17.53 15.54 -32.91
CA ALA D 85 17.60 14.35 -32.09
C ALA D 85 18.62 13.33 -32.59
N ALA D 86 19.57 13.77 -33.42
CA ALA D 86 20.44 12.83 -34.12
C ALA D 86 21.57 12.30 -33.24
N CYS D 87 21.99 13.07 -32.24
CA CYS D 87 23.11 12.53 -31.49
C CYS D 87 22.65 11.95 -30.16
N PRO D 88 23.21 10.81 -29.73
CA PRO D 88 22.76 10.22 -28.47
C PRO D 88 23.24 10.97 -27.23
N ASN D 89 24.29 11.77 -27.34
CA ASN D 89 24.86 12.48 -26.20
C ASN D 89 24.77 13.99 -26.35
N GLY D 90 23.91 14.46 -27.25
CA GLY D 90 23.74 15.89 -27.45
C GLY D 90 22.75 16.50 -26.49
N SER D 91 22.67 17.83 -26.55
CA SER D 91 21.75 18.56 -25.68
C SER D 91 21.04 19.62 -26.52
N PHE D 92 19.81 19.89 -26.13
CA PHE D 92 18.99 20.93 -26.75
C PHE D 92 18.73 22.01 -25.71
N HIS D 93 18.90 23.27 -26.09
CA HIS D 93 18.81 24.39 -25.17
C HIS D 93 17.41 25.01 -25.26
N CYS D 94 16.66 24.92 -24.16
CA CYS D 94 15.39 25.64 -24.04
C CYS D 94 15.70 27.07 -23.66
N THR D 95 15.46 28.01 -24.57
CA THR D 95 15.71 29.41 -24.24
C THR D 95 14.75 29.89 -23.15
N ASN D 96 13.47 29.53 -23.26
CA ASN D 96 12.45 29.88 -22.27
C ASN D 96 12.46 31.39 -21.99
N THR D 97 12.25 32.16 -23.07
CA THR D 97 12.45 33.62 -23.04
C THR D 97 11.78 34.26 -21.83
N GLY D 98 12.56 35.04 -21.09
CA GLY D 98 12.09 35.73 -19.92
C GLY D 98 12.17 34.93 -18.63
N TYR D 99 12.54 33.66 -18.70
CA TYR D 99 12.55 32.78 -17.53
C TYR D 99 13.85 31.99 -17.49
N LYS D 100 13.83 30.89 -16.75
CA LYS D 100 15.01 30.06 -16.55
C LYS D 100 15.27 29.21 -17.79
N PRO D 101 16.48 29.25 -18.35
CA PRO D 101 16.81 28.33 -19.44
C PRO D 101 16.98 26.90 -18.91
N LEU D 102 16.99 25.96 -19.85
CA LEU D 102 17.03 24.55 -19.53
C LEU D 102 17.72 23.81 -20.66
N TYR D 103 18.51 22.80 -20.31
CA TYR D 103 19.08 21.86 -21.26
C TYR D 103 18.37 20.53 -21.14
N ILE D 104 18.01 19.93 -22.28
CA ILE D 104 17.39 18.62 -22.30
C ILE D 104 18.19 17.70 -23.21
N LEU D 105 17.95 16.40 -23.05
CA LEU D 105 18.59 15.41 -23.91
C LEU D 105 18.12 15.59 -25.35
N SER D 106 19.05 15.39 -26.30
CA SER D 106 18.69 15.46 -27.71
C SER D 106 17.61 14.45 -28.08
N SER D 107 17.57 13.30 -27.39
CA SER D 107 16.55 12.31 -27.65
C SER D 107 15.15 12.81 -27.30
N ARG D 108 15.03 13.97 -26.67
CA ARG D 108 13.72 14.54 -26.34
C ARG D 108 13.36 15.69 -27.25
N VAL D 109 14.07 15.86 -28.35
CA VAL D 109 13.69 16.81 -29.40
C VAL D 109 12.73 16.11 -30.36
N ASN D 110 11.54 16.67 -30.51
CA ASN D 110 10.55 16.13 -31.42
C ASN D 110 10.22 14.68 -31.06
N ASP D 111 10.12 14.39 -29.77
CA ASP D 111 9.60 13.09 -29.36
C ASP D 111 8.10 13.13 -29.12
N GLY D 112 7.47 14.28 -29.36
CA GLY D 112 6.05 14.42 -29.10
C GLY D 112 5.71 14.72 -27.66
N VAL D 113 6.70 14.98 -26.82
CA VAL D 113 6.49 15.32 -25.41
C VAL D 113 7.02 16.73 -25.18
N CYS D 114 6.25 17.55 -24.47
CA CYS D 114 6.64 18.93 -24.18
C CYS D 114 7.63 18.93 -23.02
N ASP D 115 8.89 19.18 -23.30
CA ASP D 115 9.94 19.22 -22.29
C ASP D 115 10.29 20.65 -21.85
N CYS D 116 10.43 21.58 -22.79
CA CYS D 116 10.62 22.98 -22.44
C CYS D 116 9.29 23.65 -22.17
N CYS D 117 9.29 24.60 -21.21
CA CYS D 117 8.08 25.37 -20.97
C CYS D 117 7.71 26.24 -22.16
N ASP D 118 8.70 26.66 -22.96
CA ASP D 118 8.39 27.46 -24.15
C ASP D 118 8.00 26.63 -25.35
N GLY D 119 8.13 25.30 -25.28
CA GLY D 119 7.63 24.43 -26.32
C GLY D 119 8.50 24.31 -27.54
N THR D 120 9.71 24.88 -27.52
CA THR D 120 10.53 24.89 -28.73
C THR D 120 11.19 23.55 -29.03
N ASP D 121 11.17 22.59 -28.11
CA ASP D 121 11.69 21.26 -28.40
C ASP D 121 10.78 20.45 -29.33
N GLU D 122 9.53 20.87 -29.50
CA GLU D 122 8.56 20.21 -30.37
C GLU D 122 8.22 21.17 -31.51
N TYR D 123 8.94 21.05 -32.63
CA TYR D 123 8.70 21.91 -33.77
C TYR D 123 8.34 21.16 -35.04
N ASN D 124 8.40 19.83 -35.04
CA ASN D 124 8.09 19.03 -36.20
C ASN D 124 7.73 17.62 -35.76
N SER D 125 6.83 17.51 -34.77
CA SER D 125 6.46 16.21 -34.25
C SER D 125 4.96 15.97 -34.24
N GLY D 126 4.14 16.95 -34.60
CA GLY D 126 2.72 16.78 -34.48
C GLY D 126 2.15 17.12 -33.12
N THR D 127 3.01 17.29 -32.11
CA THR D 127 2.57 17.79 -30.82
C THR D 127 2.75 19.31 -30.80
N VAL D 128 1.69 20.04 -30.50
CA VAL D 128 1.76 21.49 -30.38
C VAL D 128 1.84 21.79 -28.88
N CYS D 129 2.97 22.34 -28.45
CA CYS D 129 3.18 22.68 -27.05
C CYS D 129 2.85 24.15 -26.81
N GLU D 130 2.14 24.40 -25.72
CA GLU D 130 1.81 25.75 -25.31
C GLU D 130 2.96 26.30 -24.47
N ASN D 131 3.05 27.62 -24.42
CA ASN D 131 4.02 28.25 -23.55
C ASN D 131 3.47 28.26 -22.12
N THR D 132 4.19 27.63 -21.20
CA THR D 132 3.75 27.51 -19.81
C THR D 132 4.84 27.99 -18.86
N CYS D 133 5.69 28.91 -19.32
CA CYS D 133 6.79 29.40 -18.50
C CYS D 133 6.31 30.25 -17.34
N ARG D 134 5.03 30.62 -17.34
CA ARG D 134 4.38 31.32 -16.24
C ARG D 134 4.45 30.54 -14.91
N VAL E 32 -2.12 26.29 2.83
CA VAL E 32 -3.57 26.29 3.02
C VAL E 32 -4.25 27.21 2.00
N ASP E 33 -5.39 26.76 1.50
CA ASP E 33 -6.26 27.54 0.61
C ASP E 33 -7.32 28.18 1.50
N ARG E 34 -7.15 29.46 1.79
CA ARG E 34 -8.05 30.05 2.77
C ARG E 34 -9.27 30.69 2.14
N SER E 35 -9.37 30.73 0.81
CA SER E 35 -10.63 31.12 0.18
C SER E 35 -11.71 30.10 0.47
N ASN E 36 -11.31 28.86 0.82
CA ASN E 36 -12.20 27.79 1.21
C ASN E 36 -12.93 28.05 2.53
N PHE E 37 -12.37 28.89 3.40
CA PHE E 37 -12.88 29.05 4.75
C PHE E 37 -13.28 30.50 5.00
N LYS E 38 -14.40 30.69 5.69
CA LYS E 38 -14.96 32.02 5.89
C LYS E 38 -14.09 32.84 6.83
N THR E 39 -13.88 34.10 6.48
CA THR E 39 -13.48 35.11 7.45
C THR E 39 -14.70 35.56 8.25
N CYS E 40 -14.47 36.40 9.26
CA CYS E 40 -15.60 36.92 10.03
C CYS E 40 -16.56 37.69 9.13
N ASP E 41 -16.02 38.44 8.18
CA ASP E 41 -16.87 39.21 7.27
C ASP E 41 -17.72 38.29 6.41
N GLU E 42 -17.18 37.14 5.99
CA GLU E 42 -17.93 36.19 5.19
C GLU E 42 -18.89 35.35 6.01
N SER E 43 -18.80 35.40 7.34
CA SER E 43 -19.80 34.80 8.20
C SER E 43 -20.80 35.90 8.59
N SER E 44 -22.04 35.78 8.12
CA SER E 44 -22.96 36.92 8.23
C SER E 44 -23.32 37.23 9.68
N PHE E 45 -23.43 36.21 10.53
CA PHE E 45 -23.72 36.50 11.94
C PHE E 45 -22.51 37.12 12.64
N CYS E 46 -21.30 36.76 12.21
CA CYS E 46 -20.12 37.44 12.77
C CYS E 46 -20.06 38.89 12.34
N LYS E 47 -20.37 39.17 11.07
CA LYS E 47 -20.32 40.53 10.57
C LYS E 47 -21.36 41.40 11.26
N ARG E 48 -22.56 40.85 11.49
CA ARG E 48 -23.60 41.59 12.19
C ARG E 48 -23.16 41.93 13.61
N GLN E 49 -22.69 40.93 14.35
CA GLN E 49 -22.27 41.15 15.73
C GLN E 49 -21.08 42.10 15.80
N ARG E 50 -20.07 41.86 14.95
CA ARG E 50 -18.86 42.67 15.03
C ARG E 50 -19.07 44.12 14.59
N SER E 51 -20.14 44.40 13.84
CA SER E 51 -20.46 45.78 13.45
C SER E 51 -20.93 46.63 14.63
N ILE E 52 -21.46 46.00 15.67
CA ILE E 52 -21.82 46.72 16.88
C ILE E 52 -20.54 47.19 17.57
N ARG E 53 -20.46 48.48 17.85
CA ARG E 53 -19.26 49.05 18.46
C ARG E 53 -19.53 49.48 19.90
N PRO E 54 -18.47 49.59 20.72
CA PRO E 54 -18.69 49.89 22.15
C PRO E 54 -19.43 51.21 22.33
N GLY E 55 -20.43 51.17 23.21
CA GLY E 55 -21.24 52.36 23.45
C GLY E 55 -22.30 52.06 24.48
N LEU E 56 -23.32 52.92 24.52
CA LEU E 56 -24.40 52.74 25.47
C LEU E 56 -25.26 51.56 25.04
N SER E 57 -25.35 50.55 25.90
CA SER E 57 -26.09 49.35 25.54
C SER E 57 -27.60 49.63 25.52
N PRO E 58 -28.31 49.15 24.51
CA PRO E 58 -29.77 49.30 24.49
C PRO E 58 -30.50 48.34 25.40
N TYR E 59 -29.80 47.43 26.06
CA TYR E 59 -30.42 46.49 26.97
C TYR E 59 -30.49 47.08 28.38
N ARG E 60 -31.58 46.78 29.08
CA ARG E 60 -31.72 47.20 30.47
C ARG E 60 -32.67 46.24 31.19
N ALA E 61 -32.38 45.97 32.46
CA ALA E 61 -33.18 45.05 33.26
C ALA E 61 -34.41 45.73 33.85
N LEU E 62 -35.50 44.99 33.91
CA LEU E 62 -36.73 45.50 34.52
C LEU E 62 -36.75 45.01 35.96
N LEU E 63 -36.15 45.82 36.86
CA LEU E 63 -35.98 45.40 38.26
C LEU E 63 -37.31 45.13 38.96
N ASP E 64 -38.42 45.61 38.41
CA ASP E 64 -39.73 45.26 38.96
C ASP E 64 -40.05 43.78 38.80
N THR E 65 -39.43 43.12 37.82
CA THR E 65 -39.67 41.71 37.55
C THR E 65 -38.71 40.79 38.29
N LEU E 66 -37.81 41.36 39.09
CA LEU E 66 -36.79 40.59 39.80
C LEU E 66 -37.43 39.60 40.76
N GLN E 67 -36.85 38.41 40.85
CA GLN E 67 -37.32 37.35 41.75
C GLN E 67 -36.11 36.57 42.22
N LEU E 68 -35.89 36.53 43.54
CA LEU E 68 -34.79 35.76 44.14
C LEU E 68 -35.34 34.47 44.77
N GLY E 69 -34.96 33.33 44.20
CA GLY E 69 -35.23 32.06 44.82
C GLY E 69 -33.99 31.57 45.52
N PRO E 70 -34.06 30.37 46.11
CA PRO E 70 -32.86 29.81 46.75
C PRO E 70 -31.75 29.48 45.76
N ASP E 71 -32.10 29.09 44.53
CA ASP E 71 -31.12 28.65 43.54
C ASP E 71 -30.78 29.69 42.49
N ALA E 72 -31.65 30.66 42.22
CA ALA E 72 -31.39 31.57 41.12
C ALA E 72 -32.07 32.91 41.37
N LEU E 73 -31.55 33.94 40.72
CA LEU E 73 -32.23 35.21 40.53
C LEU E 73 -32.70 35.28 39.09
N THR E 74 -33.95 35.70 38.87
CA THR E 74 -34.48 35.87 37.53
C THR E 74 -35.01 37.30 37.38
N VAL E 75 -34.67 37.93 36.26
CA VAL E 75 -35.09 39.29 35.96
C VAL E 75 -35.22 39.43 34.45
N HIS E 76 -36.23 40.18 34.00
CA HIS E 76 -36.43 40.40 32.58
C HIS E 76 -35.50 41.50 32.07
N LEU E 77 -34.96 41.29 30.89
CA LEU E 77 -34.22 42.32 30.17
C LEU E 77 -35.07 42.79 28.99
N ILE E 78 -34.79 44.00 28.52
CA ILE E 78 -35.55 44.57 27.42
C ILE E 78 -34.61 45.33 26.50
N HIS E 79 -34.83 45.17 25.18
CA HIS E 79 -34.14 45.97 24.18
C HIS E 79 -34.93 47.25 23.94
N GLU E 80 -34.26 48.40 24.08
CA GLU E 80 -34.96 49.68 24.10
C GLU E 80 -35.63 49.99 22.76
N VAL E 81 -35.02 49.56 21.66
CA VAL E 81 -35.54 49.87 20.33
C VAL E 81 -36.53 48.81 19.87
N THR E 82 -36.12 47.54 19.89
CA THR E 82 -36.90 46.45 19.32
C THR E 82 -37.99 45.94 20.27
N LYS E 83 -37.94 46.32 21.54
CA LYS E 83 -38.88 45.88 22.57
C LYS E 83 -38.85 44.36 22.77
N VAL E 84 -37.74 43.72 22.42
CA VAL E 84 -37.59 42.29 22.68
C VAL E 84 -37.32 42.06 24.17
N LEU E 85 -37.98 41.04 24.73
CA LEU E 85 -37.89 40.69 26.14
C LEU E 85 -37.07 39.41 26.34
N LEU E 86 -36.00 39.51 27.13
CA LEU E 86 -35.14 38.40 27.50
C LEU E 86 -35.25 38.12 29.01
N VAL E 87 -34.68 36.99 29.42
CA VAL E 87 -34.67 36.55 30.81
C VAL E 87 -33.24 36.24 31.23
N LEU E 88 -32.75 36.99 32.22
CA LEU E 88 -31.47 36.71 32.86
C LEU E 88 -31.69 35.77 34.04
N GLU E 89 -30.93 34.68 34.08
CA GLU E 89 -30.93 33.76 35.21
C GLU E 89 -29.55 33.78 35.83
N LEU E 90 -29.45 34.41 37.01
CA LEU E 90 -28.17 34.59 37.69
C LEU E 90 -28.08 33.61 38.85
N GLN E 91 -26.94 32.94 38.97
CA GLN E 91 -26.76 31.91 39.98
C GLN E 91 -25.36 31.99 40.58
N GLY E 92 -25.30 31.98 41.90
CA GLY E 92 -24.07 31.71 42.61
C GLY E 92 -23.91 30.21 42.77
N LEU E 93 -22.68 29.73 42.61
CA LEU E 93 -22.41 28.31 42.69
C LEU E 93 -21.34 28.03 43.75
N GLN E 94 -21.38 26.81 44.28
CA GLN E 94 -20.30 26.32 45.12
C GLN E 94 -18.99 26.32 44.35
N LYS E 95 -17.89 26.46 45.09
CA LYS E 95 -16.53 26.55 44.55
C LYS E 95 -16.28 27.88 43.86
N ASP E 96 -16.88 28.97 44.36
CA ASP E 96 -16.61 30.33 43.88
C ASP E 96 -16.87 30.45 42.37
N MET E 97 -18.07 30.08 41.97
CA MET E 97 -18.44 30.18 40.57
C MET E 97 -19.77 30.88 40.43
N THR E 98 -19.93 31.57 39.29
CA THR E 98 -21.17 32.23 38.92
C THR E 98 -21.57 31.77 37.54
N ARG E 99 -22.86 31.49 37.36
CA ARG E 99 -23.40 31.10 36.07
C ARG E 99 -24.41 32.14 35.60
N ILE E 100 -24.22 32.62 34.37
CA ILE E 100 -25.11 33.58 33.73
C ILE E 100 -25.77 32.88 32.54
N ARG E 101 -27.09 32.78 32.57
CA ARG E 101 -27.86 32.26 31.45
C ARG E 101 -28.90 33.29 31.00
N ILE E 102 -28.91 33.58 29.70
CA ILE E 102 -29.86 34.52 29.12
C ILE E 102 -30.55 33.83 27.95
N ASP E 103 -31.87 33.84 27.97
CA ASP E 103 -32.71 33.26 26.92
C ASP E 103 -33.81 34.24 26.58
N GLU E 104 -34.54 33.97 25.51
CA GLU E 104 -35.72 34.76 25.22
C GLU E 104 -36.78 34.47 26.27
N LEU E 105 -37.55 35.51 26.62
CA LEU E 105 -38.66 35.31 27.54
C LEU E 105 -39.79 34.54 26.87
N GLU E 106 -40.15 34.95 25.65
CA GLU E 106 -41.20 34.29 24.87
C GLU E 106 -40.65 33.95 23.49
N PRO E 107 -39.88 32.87 23.39
CA PRO E 107 -39.38 32.47 22.08
C PRO E 107 -40.42 31.65 21.32
N ARG E 108 -40.41 31.85 20.00
CA ARG E 108 -41.30 31.09 19.11
C ARG E 108 -41.11 29.60 19.30
N ARG E 109 -39.87 29.19 19.53
CA ARG E 109 -39.44 27.81 19.69
C ARG E 109 -38.32 27.79 20.71
N PRO E 110 -38.10 26.67 21.40
CA PRO E 110 -36.98 26.61 22.36
C PRO E 110 -35.63 26.69 21.65
N ARG E 111 -34.67 27.35 22.29
CA ARG E 111 -33.31 27.43 21.80
C ARG E 111 -32.49 26.26 22.37
N TYR E 112 -31.35 26.01 21.72
CA TYR E 112 -30.53 24.86 22.07
C TYR E 112 -29.74 25.11 23.36
N ARG E 113 -29.74 24.12 24.25
CA ARG E 113 -28.91 24.11 25.46
C ARG E 113 -28.05 22.85 25.44
N VAL E 114 -26.74 23.04 25.51
CA VAL E 114 -25.77 21.96 25.26
C VAL E 114 -25.92 20.81 26.25
N PRO E 115 -26.28 19.62 25.80
CA PRO E 115 -26.35 18.47 26.70
C PRO E 115 -25.02 17.73 26.78
N ASP E 116 -24.94 16.83 27.75
CA ASP E 116 -23.91 15.80 27.92
C ASP E 116 -22.51 16.34 28.20
N VAL E 117 -22.31 17.65 28.22
CA VAL E 117 -20.99 18.19 28.53
C VAL E 117 -20.80 18.34 30.03
N LEU E 118 -21.79 18.88 30.73
CA LEU E 118 -21.72 18.99 32.19
C LEU E 118 -21.96 17.62 32.83
N VAL E 119 -21.11 17.27 33.81
CA VAL E 119 -21.24 15.97 34.44
C VAL E 119 -22.30 15.95 35.54
N ALA E 120 -22.71 17.11 36.03
CA ALA E 120 -23.70 17.19 37.08
C ALA E 120 -24.35 18.57 37.04
N ASP E 121 -25.51 18.66 37.66
CA ASP E 121 -26.13 19.94 37.92
C ASP E 121 -25.34 20.66 38.99
N PRO E 122 -24.67 21.77 38.68
CA PRO E 122 -23.74 22.40 39.66
C PRO E 122 -24.46 22.81 40.93
N PRO E 123 -23.91 22.47 42.09
CA PRO E 123 -24.52 22.90 43.36
C PRO E 123 -24.52 24.42 43.50
N THR E 124 -25.65 24.97 43.90
CA THR E 124 -25.82 26.42 43.95
C THR E 124 -25.43 26.98 45.31
N ALA E 125 -25.14 28.29 45.32
CA ALA E 125 -24.97 29.08 46.54
C ALA E 125 -26.01 30.19 46.56
N ARG E 126 -26.44 30.58 47.76
CA ARG E 126 -27.53 31.53 47.90
C ARG E 126 -27.06 32.96 47.64
N LEU E 127 -27.84 33.68 46.85
CA LEU E 127 -27.67 35.11 46.69
C LEU E 127 -28.57 35.83 47.68
N SER E 128 -28.10 36.98 48.17
CA SER E 128 -28.86 37.80 49.10
C SER E 128 -28.73 39.26 48.69
N VAL E 129 -29.81 40.01 48.85
CA VAL E 129 -29.80 41.45 48.58
C VAL E 129 -29.10 42.18 49.72
N SER E 130 -27.99 42.85 49.41
CA SER E 130 -27.24 43.64 50.37
C SER E 130 -27.20 45.12 50.01
N GLY E 131 -27.98 45.55 49.00
CA GLY E 131 -28.02 46.94 48.58
C GLY E 131 -29.04 47.12 47.48
N ARG E 132 -29.66 48.30 47.38
CA ARG E 132 -30.75 48.49 46.43
C ARG E 132 -31.00 49.97 46.24
N ASP E 133 -31.15 50.41 44.99
CA ASP E 133 -31.68 51.74 44.68
C ASP E 133 -32.47 51.65 43.37
N ASP E 134 -32.66 52.79 42.72
CA ASP E 134 -33.42 52.75 41.48
C ASP E 134 -32.63 52.25 40.27
N ASN E 135 -31.30 52.19 40.35
CA ASN E 135 -30.48 51.78 39.21
C ASN E 135 -29.51 50.66 39.55
N SER E 136 -29.69 50.01 40.70
CA SER E 136 -28.70 49.06 41.17
C SER E 136 -29.31 48.06 42.16
N VAL E 137 -28.81 46.83 42.10
CA VAL E 137 -29.10 45.81 43.11
C VAL E 137 -27.79 45.07 43.40
N GLU E 138 -27.32 45.15 44.64
CA GLU E 138 -26.11 44.44 45.04
C GLU E 138 -26.51 43.11 45.66
N LEU E 139 -25.82 42.04 45.27
CA LEU E 139 -26.11 40.69 45.74
C LEU E 139 -24.88 40.08 46.39
N THR E 140 -25.09 39.46 47.54
CA THR E 140 -24.03 38.77 48.27
C THR E 140 -24.19 37.28 48.06
N VAL E 141 -23.07 36.62 47.75
CA VAL E 141 -23.07 35.18 47.50
C VAL E 141 -22.82 34.46 48.82
N ALA E 142 -23.83 33.74 49.30
CA ALA E 142 -23.76 33.02 50.57
C ALA E 142 -23.41 33.99 51.70
N GLU E 143 -22.22 33.82 52.28
CA GLU E 143 -21.77 34.66 53.39
C GLU E 143 -20.54 35.49 53.01
N GLY E 144 -20.33 35.74 51.72
CA GLY E 144 -19.19 36.50 51.27
C GLY E 144 -18.03 35.60 50.96
N PRO E 145 -16.92 36.17 50.46
CA PRO E 145 -16.72 37.61 50.22
C PRO E 145 -17.15 38.09 48.84
N TYR E 146 -17.83 37.23 48.07
CA TYR E 146 -18.15 37.51 46.69
C TYR E 146 -19.49 38.24 46.58
N LYS E 147 -19.51 39.28 45.74
CA LYS E 147 -20.68 40.10 45.52
C LYS E 147 -20.88 40.33 44.03
N ILE E 148 -22.15 40.49 43.63
CA ILE E 148 -22.54 40.77 42.24
C ILE E 148 -23.40 42.01 42.23
N ILE E 149 -22.97 43.04 41.49
CA ILE E 149 -23.72 44.27 41.32
C ILE E 149 -24.43 44.24 39.97
N LEU E 150 -25.76 44.24 39.99
CA LEU E 150 -26.57 44.33 38.78
C LEU E 150 -26.96 45.79 38.57
N THR E 151 -26.34 46.43 37.57
CA THR E 151 -26.72 47.78 37.17
C THR E 151 -27.93 47.72 36.25
N ALA E 152 -28.87 48.63 36.47
CA ALA E 152 -30.15 48.55 35.73
C ALA E 152 -30.04 49.16 34.34
N GLN E 153 -29.62 50.42 34.24
CA GLN E 153 -29.53 51.06 32.93
C GLN E 153 -28.24 51.85 32.79
N PRO E 154 -27.37 51.49 31.83
CA PRO E 154 -27.54 50.32 30.96
C PRO E 154 -27.29 49.01 31.70
N PHE E 155 -27.79 47.90 31.15
CA PHE E 155 -27.58 46.59 31.76
C PHE E 155 -26.10 46.29 31.92
N ARG E 156 -25.71 45.84 33.12
CA ARG E 156 -24.31 45.57 33.43
C ARG E 156 -24.26 44.70 34.67
N LEU E 157 -23.26 43.83 34.72
CA LEU E 157 -23.00 43.00 35.88
C LEU E 157 -21.55 43.20 36.31
N ASP E 158 -21.33 43.40 37.59
CA ASP E 158 -20.00 43.55 38.16
C ASP E 158 -19.82 42.51 39.25
N LEU E 159 -18.65 41.88 39.28
CA LEU E 159 -18.35 40.86 40.26
C LEU E 159 -17.14 41.29 41.08
N LEU E 160 -17.27 41.24 42.39
CA LEU E 160 -16.23 41.69 43.29
C LEU E 160 -15.99 40.67 44.39
N GLU E 161 -14.76 40.62 44.85
CA GLU E 161 -14.41 40.01 46.14
C GLU E 161 -14.18 41.17 47.10
N ASP E 162 -15.03 41.26 48.13
CA ASP E 162 -15.11 42.44 48.98
C ASP E 162 -15.46 43.64 48.10
N ARG E 163 -14.48 44.51 47.84
CA ARG E 163 -14.67 45.63 46.93
C ARG E 163 -13.60 45.71 45.84
N SER E 164 -12.84 44.63 45.64
CA SER E 164 -11.95 44.55 44.50
C SER E 164 -12.79 44.06 43.31
N LEU E 165 -12.87 44.86 42.26
CA LEU E 165 -13.61 44.47 41.06
C LEU E 165 -12.85 43.38 40.31
N LEU E 166 -13.48 42.21 40.14
CA LEU E 166 -12.83 41.09 39.45
C LEU E 166 -13.07 41.12 37.95
N LEU E 167 -14.32 41.32 37.54
CA LEU E 167 -14.71 41.30 36.14
C LEU E 167 -16.09 41.91 36.03
N SER E 168 -16.34 42.55 34.89
CA SER E 168 -17.64 43.13 34.58
C SER E 168 -18.17 42.54 33.28
N VAL E 169 -19.49 42.56 33.16
CA VAL E 169 -20.21 41.99 32.03
C VAL E 169 -20.97 43.10 31.31
N ASN E 170 -20.81 43.18 30.00
CA ASN E 170 -21.47 44.18 29.16
C ASN E 170 -21.01 45.60 29.48
N ALA E 171 -19.78 45.75 29.96
CA ALA E 171 -19.28 47.09 30.28
C ALA E 171 -19.07 47.91 29.01
N ARG E 172 -18.65 47.28 27.91
CA ARG E 172 -18.53 47.99 26.64
C ARG E 172 -19.82 47.96 25.83
N GLY E 173 -20.91 47.46 26.40
CA GLY E 173 -22.20 47.53 25.74
C GLY E 173 -22.31 46.73 24.46
N LEU E 174 -21.59 45.60 24.35
CA LEU E 174 -21.55 44.83 23.12
C LEU E 174 -22.52 43.65 23.12
N MET E 175 -23.41 43.55 24.10
CA MET E 175 -24.36 42.44 24.16
C MET E 175 -25.32 42.49 22.97
N ALA E 176 -25.52 41.34 22.33
CA ALA E 176 -26.41 41.24 21.18
C ALA E 176 -27.11 39.89 21.22
N PHE E 177 -28.44 39.89 21.21
CA PHE E 177 -29.24 38.68 21.27
C PHE E 177 -30.31 38.75 20.18
N GLU E 178 -30.04 38.12 19.03
CA GLU E 178 -30.97 38.13 17.91
C GLU E 178 -32.09 37.14 18.20
N HIS E 179 -33.31 37.64 18.43
CA HIS E 179 -34.42 36.76 18.75
C HIS E 179 -34.95 36.10 17.47
N GLN E 180 -35.62 34.98 17.66
CA GLN E 180 -36.18 34.21 16.54
C GLN E 180 -37.32 35.00 15.92
N ARG E 181 -37.14 35.45 14.68
CA ARG E 181 -38.15 36.22 13.99
C ARG E 181 -39.12 35.27 13.29
N ALA E 182 -40.09 35.83 12.58
CA ALA E 182 -41.08 35.03 11.85
C ALA E 182 -40.42 34.29 10.70
N PRO E 183 -40.47 32.96 10.67
CA PRO E 183 -39.70 32.21 9.67
C PRO E 183 -40.15 32.47 8.25
N ARG E 184 -39.28 32.10 7.31
CA ARG E 184 -39.56 32.18 5.88
C ARG E 184 -39.05 30.92 5.20
N GLU F 1 -28.50 43.09 6.79
CA GLU F 1 -29.55 42.50 5.93
C GLU F 1 -29.02 41.47 4.90
N PRO F 2 -27.93 41.77 4.17
CA PRO F 2 -27.40 40.77 3.23
C PRO F 2 -26.86 39.56 3.98
N GLY F 3 -27.42 38.39 3.66
CA GLY F 3 -26.99 37.15 4.27
C GLY F 3 -27.65 36.81 5.59
N ALA F 4 -28.64 37.59 6.03
CA ALA F 4 -29.27 37.31 7.31
C ALA F 4 -30.15 36.07 7.24
N TRP F 5 -30.73 35.76 6.08
CA TRP F 5 -31.50 34.54 5.92
C TRP F 5 -30.77 33.60 4.96
N GLU F 6 -31.33 33.34 3.78
CA GLU F 6 -30.63 32.53 2.80
C GLU F 6 -29.26 33.13 2.52
N GLU F 7 -28.22 32.29 2.58
CA GLU F 7 -26.85 32.78 2.53
C GLU F 7 -26.01 31.79 1.74
N THR F 8 -25.15 32.30 0.87
CA THR F 8 -24.26 31.48 0.06
C THR F 8 -22.81 31.80 0.36
N PHE F 9 -21.98 30.76 0.34
CA PHE F 9 -20.53 30.87 0.38
C PHE F 9 -20.00 29.94 -0.71
N LYS F 10 -19.15 30.49 -1.58
CA LYS F 10 -18.72 29.77 -2.78
CA LYS F 10 -18.72 29.77 -2.78
C LYS F 10 -19.92 29.22 -3.54
N THR F 11 -20.00 27.90 -3.67
CA THR F 11 -21.12 27.26 -4.36
C THR F 11 -22.12 26.64 -3.40
N HIS F 12 -21.98 26.88 -2.10
CA HIS F 12 -22.83 26.25 -1.11
C HIS F 12 -23.88 27.24 -0.59
N SER F 13 -25.09 26.74 -0.39
CA SER F 13 -26.23 27.55 0.03
C SER F 13 -26.77 27.05 1.37
N ASP F 14 -26.90 27.97 2.32
CA ASP F 14 -27.54 27.70 3.61
C ASP F 14 -28.97 28.26 3.53
N SER F 15 -29.97 27.38 3.57
CA SER F 15 -31.35 27.84 3.46
C SER F 15 -31.84 28.52 4.73
N LYS F 16 -31.07 28.43 5.82
CA LYS F 16 -31.25 29.12 7.10
C LYS F 16 -32.70 29.39 7.45
N PRO F 17 -33.50 28.34 7.71
CA PRO F 17 -34.94 28.53 7.92
C PRO F 17 -35.29 29.32 9.18
N TYR F 18 -34.35 29.59 10.08
CA TYR F 18 -34.65 30.31 11.31
C TYR F 18 -34.15 31.75 11.29
N GLY F 19 -33.43 32.15 10.24
CA GLY F 19 -32.95 33.50 10.15
C GLY F 19 -31.92 33.81 11.22
N PRO F 20 -31.66 35.09 11.44
CA PRO F 20 -30.61 35.48 12.41
C PRO F 20 -31.01 35.13 13.83
N THR F 21 -30.11 34.41 14.52
CA THR F 21 -30.36 33.98 15.90
C THR F 21 -29.11 34.07 16.77
N SER F 22 -28.11 34.84 16.37
CA SER F 22 -26.85 34.81 17.08
C SER F 22 -26.95 35.50 18.45
N VAL F 23 -26.05 35.12 19.34
CA VAL F 23 -25.99 35.67 20.69
C VAL F 23 -24.55 36.09 20.96
N GLY F 24 -24.40 37.12 21.79
CA GLY F 24 -23.10 37.67 22.07
C GLY F 24 -23.06 38.41 23.40
N LEU F 25 -21.86 38.55 23.94
CA LEU F 25 -21.67 39.18 25.23
C LEU F 25 -20.19 39.46 25.41
N ASP F 26 -19.87 40.61 26.00
CA ASP F 26 -18.49 40.98 26.28
C ASP F 26 -18.23 40.93 27.77
N PHE F 27 -16.94 40.85 28.13
CA PHE F 27 -16.49 40.72 29.50
C PHE F 27 -15.23 41.55 29.68
N SER F 28 -15.13 42.24 30.81
CA SER F 28 -13.98 43.09 31.11
C SER F 28 -13.20 42.50 32.28
N LEU F 29 -11.87 42.45 32.14
CA LEU F 29 -11.00 41.78 33.10
C LEU F 29 -9.97 42.79 33.58
N PRO F 30 -10.33 43.62 34.56
CA PRO F 30 -9.38 44.63 35.05
C PRO F 30 -8.17 43.97 35.67
N GLY F 31 -6.99 44.46 35.31
CA GLY F 31 -5.75 43.90 35.82
C GLY F 31 -5.18 42.78 35.00
N MET F 32 -5.90 42.29 33.99
CA MET F 32 -5.47 41.16 33.18
C MET F 32 -4.84 41.65 31.88
N GLU F 33 -3.62 41.19 31.61
CA GLU F 33 -2.95 41.46 30.35
C GLU F 33 -2.65 40.21 29.55
N HIS F 34 -2.94 39.02 30.10
CA HIS F 34 -2.56 37.75 29.48
C HIS F 34 -3.76 36.81 29.54
N VAL F 35 -4.24 36.36 28.37
CA VAL F 35 -5.31 35.37 28.30
C VAL F 35 -4.81 34.17 27.51
N TYR F 36 -5.43 33.01 27.79
CA TYR F 36 -4.98 31.74 27.24
C TYR F 36 -6.18 30.84 26.97
N GLY F 37 -5.97 29.83 26.12
CA GLY F 37 -6.96 28.81 25.92
C GLY F 37 -7.66 28.84 24.58
N ILE F 38 -8.98 28.67 24.60
CA ILE F 38 -9.86 28.46 23.44
C ILE F 38 -9.16 27.73 22.29
N PRO F 39 -8.63 26.52 22.50
CA PRO F 39 -8.12 25.75 21.37
C PRO F 39 -9.28 25.34 20.47
N GLU F 40 -8.97 24.98 19.23
CA GLU F 40 -7.62 24.72 18.73
C GLU F 40 -7.19 25.67 17.63
N HIS F 41 -6.00 26.25 17.82
CA HIS F 41 -5.42 27.13 16.82
C HIS F 41 -3.93 26.87 16.79
N ALA F 42 -3.33 26.96 15.60
CA ALA F 42 -1.88 26.90 15.49
C ALA F 42 -1.34 28.30 15.74
N ASP F 43 -1.33 28.67 17.02
CA ASP F 43 -0.99 30.02 17.44
C ASP F 43 -0.30 29.93 18.79
N SER F 44 0.19 31.07 19.25
CA SER F 44 0.99 31.11 20.47
C SER F 44 0.13 30.78 21.69
N LEU F 45 0.81 30.40 22.77
CA LEU F 45 0.13 30.10 24.02
C LEU F 45 -0.57 31.33 24.57
N ARG F 46 0.16 32.44 24.66
CA ARG F 46 -0.49 33.70 25.04
C ARG F 46 -1.29 34.22 23.87
N LEU F 47 -2.60 34.37 24.06
CA LEU F 47 -3.48 34.74 22.96
C LEU F 47 -3.21 36.19 22.54
N LYS F 48 -3.33 36.46 21.24
CA LYS F 48 -3.09 37.76 20.67
C LYS F 48 -4.36 38.61 20.66
N VAL F 49 -4.17 39.93 20.63
CA VAL F 49 -5.27 40.85 20.43
C VAL F 49 -5.82 40.68 19.01
N THR F 50 -7.14 40.74 18.88
CA THR F 50 -7.79 40.53 17.59
C THR F 50 -8.28 41.82 16.94
N GLU F 51 -7.92 42.98 17.48
CA GLU F 51 -8.58 44.22 17.06
C GLU F 51 -8.30 44.55 15.60
N GLY F 52 -7.05 44.46 15.18
CA GLY F 52 -6.74 44.79 13.81
C GLY F 52 -6.90 43.68 12.79
N GLY F 53 -7.51 42.56 13.17
CA GLY F 53 -7.62 41.40 12.29
C GLY F 53 -8.83 40.57 12.59
N GLU F 54 -8.69 39.27 12.47
CA GLU F 54 -9.78 38.32 12.65
C GLU F 54 -9.94 37.94 14.11
N PRO F 55 -11.16 37.66 14.55
CA PRO F 55 -11.35 37.02 15.86
C PRO F 55 -10.88 35.57 15.81
N TYR F 56 -10.60 35.02 16.99
CA TYR F 56 -10.37 33.59 17.08
C TYR F 56 -11.68 32.88 16.81
N ARG F 57 -11.62 31.85 15.98
CA ARG F 57 -12.81 31.12 15.57
C ARG F 57 -12.80 29.73 16.21
N LEU F 58 -13.96 29.33 16.73
CA LEU F 58 -14.15 28.00 17.30
C LEU F 58 -15.21 27.30 16.45
N TYR F 59 -14.75 26.49 15.50
CA TYR F 59 -15.65 25.74 14.62
C TYR F 59 -14.85 24.55 14.08
N ASN F 60 -15.24 23.35 14.49
CA ASN F 60 -14.45 22.16 14.15
C ASN F 60 -14.33 21.98 12.64
N LEU F 61 -13.11 22.14 12.11
CA LEU F 61 -12.87 22.16 10.68
C LEU F 61 -11.60 21.40 10.34
N ASP F 62 -11.63 20.77 9.17
CA ASP F 62 -10.52 20.03 8.59
C ASP F 62 -9.81 20.97 7.61
N VAL F 63 -8.66 21.51 8.03
CA VAL F 63 -7.92 22.50 7.27
C VAL F 63 -6.68 21.82 6.71
N PHE F 64 -6.66 21.64 5.38
CA PHE F 64 -5.60 20.91 4.71
C PHE F 64 -4.31 21.72 4.70
N GLN F 65 -3.21 21.10 5.16
CA GLN F 65 -1.91 21.74 5.27
C GLN F 65 -2.04 23.09 5.98
N TYR F 66 -2.57 23.05 7.20
CA TYR F 66 -2.77 24.28 7.94
C TYR F 66 -1.44 24.96 8.22
N GLU F 67 -1.48 26.29 8.33
CA GLU F 67 -0.30 27.11 8.54
C GLU F 67 -0.28 27.62 9.97
N LEU F 68 0.86 28.19 10.36
CA LEU F 68 1.13 28.59 11.74
C LEU F 68 0.87 30.08 11.94
N ASN F 69 0.63 30.45 13.21
CA ASN F 69 0.50 31.85 13.63
C ASN F 69 -0.69 32.55 12.96
N ASN F 70 -1.87 31.95 13.07
CA ASN F 70 -3.08 32.56 12.56
C ASN F 70 -4.26 32.03 13.35
N PRO F 71 -5.41 32.74 13.32
CA PRO F 71 -6.54 32.33 14.16
C PRO F 71 -7.58 31.46 13.49
N MET F 72 -7.24 30.82 12.37
CA MET F 72 -8.20 29.96 11.70
C MET F 72 -8.57 28.79 12.62
N ALA F 73 -9.85 28.43 12.59
CA ALA F 73 -10.34 27.32 13.40
C ALA F 73 -9.80 25.99 12.88
N LEU F 74 -9.32 25.14 13.78
CA LEU F 74 -8.83 23.82 13.44
C LEU F 74 -9.84 22.77 13.88
N TYR F 75 -9.36 21.57 14.22
CA TYR F 75 -10.24 20.40 14.30
C TYR F 75 -11.10 20.38 15.55
N GLY F 76 -10.65 21.01 16.64
CA GLY F 76 -11.37 20.98 17.89
C GLY F 76 -11.64 22.37 18.41
N SER F 77 -12.59 22.45 19.35
CA SER F 77 -13.03 23.73 19.92
C SER F 77 -13.36 23.55 21.39
N VAL F 78 -12.60 24.20 22.28
CA VAL F 78 -12.96 24.21 23.71
C VAL F 78 -13.23 25.65 24.14
N PRO F 79 -14.47 26.04 24.36
CA PRO F 79 -14.80 27.45 24.65
C PRO F 79 -14.52 27.83 26.10
N VAL F 80 -13.24 27.82 26.46
CA VAL F 80 -12.77 28.13 27.81
C VAL F 80 -11.59 29.07 27.70
N LEU F 81 -11.66 30.21 28.39
CA LEU F 81 -10.60 31.20 28.36
C LEU F 81 -10.10 31.43 29.78
N LEU F 82 -8.78 31.45 29.94
CA LEU F 82 -8.14 31.68 31.24
C LEU F 82 -7.43 33.02 31.24
N ALA F 83 -7.57 33.76 32.33
CA ALA F 83 -6.91 35.05 32.50
C ALA F 83 -5.97 34.99 33.71
N HIS F 84 -4.73 35.40 33.51
CA HIS F 84 -3.72 35.32 34.55
C HIS F 84 -3.08 36.69 34.79
N SER F 85 -2.91 37.03 36.07
CA SER F 85 -2.11 38.19 36.47
C SER F 85 -1.28 37.81 37.69
N PHE F 86 -0.37 38.71 38.06
CA PHE F 86 0.40 38.54 39.29
C PHE F 86 -0.49 38.27 40.50
N HIS F 87 -1.70 38.84 40.50
CA HIS F 87 -2.55 38.82 41.68
C HIS F 87 -3.63 37.75 41.65
N ARG F 88 -4.12 37.35 40.48
CA ARG F 88 -5.26 36.45 40.46
C ARG F 88 -5.30 35.66 39.15
N ASP F 89 -6.16 34.65 39.13
CA ASP F 89 -6.45 33.85 37.95
C ASP F 89 -7.97 33.75 37.80
N LEU F 90 -8.44 33.85 36.57
CA LEU F 90 -9.86 33.75 36.27
C LEU F 90 -10.07 32.92 35.02
N GLY F 91 -11.24 32.31 34.92
CA GLY F 91 -11.61 31.54 33.75
C GLY F 91 -13.04 31.79 33.34
N ILE F 92 -13.27 31.77 32.02
CA ILE F 92 -14.60 31.93 31.44
C ILE F 92 -14.92 30.69 30.61
N PHE F 93 -16.07 30.08 30.87
CA PHE F 93 -16.52 28.87 30.19
C PHE F 93 -17.82 29.21 29.47
N TRP F 94 -17.72 29.42 28.16
CA TRP F 94 -18.85 29.81 27.33
C TRP F 94 -19.47 28.54 26.76
N LEU F 95 -20.45 27.98 27.46
CA LEU F 95 -21.05 26.69 27.08
C LEU F 95 -21.99 26.90 25.90
N ASN F 96 -21.42 26.86 24.70
CA ASN F 96 -22.19 27.00 23.46
C ASN F 96 -21.61 26.06 22.41
N ALA F 97 -22.48 25.34 21.70
CA ALA F 97 -22.05 24.30 20.75
C ALA F 97 -22.04 24.77 19.30
N ALA F 98 -22.48 25.99 19.01
CA ALA F 98 -22.51 26.49 17.65
C ALA F 98 -21.22 27.21 17.29
N GLU F 99 -21.11 27.59 16.02
CA GLU F 99 -19.98 28.40 15.56
C GLU F 99 -19.83 29.64 16.42
N THR F 100 -18.62 29.86 16.90
CA THR F 100 -18.37 30.92 17.87
C THR F 100 -17.11 31.68 17.50
N TRP F 101 -17.17 33.00 17.57
CA TRP F 101 -16.00 33.86 17.37
C TRP F 101 -15.67 34.58 18.67
N VAL F 102 -14.37 34.82 18.90
CA VAL F 102 -13.90 35.39 20.16
C VAL F 102 -12.97 36.56 19.86
N ASP F 103 -13.36 37.76 20.28
CA ASP F 103 -12.53 38.95 20.12
C ASP F 103 -11.82 39.27 21.43
N ILE F 104 -10.57 39.72 21.32
CA ILE F 104 -9.73 40.04 22.46
C ILE F 104 -9.12 41.42 22.24
N SER F 105 -9.34 42.34 23.18
CA SER F 105 -8.83 43.71 23.11
C SER F 105 -8.19 44.12 24.43
N SER F 106 -7.07 44.83 24.33
CA SER F 106 -6.30 45.30 25.48
C SER F 106 -6.44 46.80 25.65
N ASN F 107 -6.23 47.24 26.89
CA ASN F 107 -6.29 48.68 27.24
C ASN F 107 -5.02 49.08 27.96
N THR G 1 -4.65 49.95 36.10
CA THR G 1 -5.12 50.42 34.79
C THR G 1 -5.18 49.34 33.69
N PRO G 2 -4.19 48.44 33.57
CA PRO G 2 -4.24 47.44 32.49
C PRO G 2 -5.49 46.57 32.59
N GLN G 3 -6.09 46.28 31.43
CA GLN G 3 -7.34 45.55 31.40
C GLN G 3 -7.50 44.88 30.04
N THR G 4 -8.09 43.69 30.03
CA THR G 4 -8.38 42.95 28.80
C THR G 4 -9.88 42.73 28.68
N ASP G 5 -10.41 42.92 27.47
CA ASP G 5 -11.82 42.68 27.20
C ASP G 5 -11.98 41.46 26.30
N ILE G 6 -13.02 40.65 26.58
CA ILE G 6 -13.27 39.41 25.87
C ILE G 6 -14.71 39.42 25.39
N ARG G 7 -14.92 39.08 24.11
CA ARG G 7 -16.25 39.05 23.53
C ARG G 7 -16.50 37.73 22.83
N TRP G 8 -17.62 37.08 23.17
CA TRP G 8 -18.03 35.81 22.57
C TRP G 8 -19.24 36.06 21.69
N MET G 9 -19.23 35.48 20.48
CA MET G 9 -20.30 35.62 19.51
C MET G 9 -20.61 34.25 18.92
N SER G 10 -21.81 33.73 19.18
CA SER G 10 -22.19 32.39 18.75
C SER G 10 -23.44 32.43 17.86
N GLU G 11 -23.54 31.47 16.94
CA GLU G 11 -24.57 31.53 15.90
C GLU G 11 -25.97 31.24 16.42
N SER G 12 -26.12 30.36 17.40
CA SER G 12 -27.45 30.04 17.93
C SER G 12 -27.29 29.57 19.38
N GLY G 13 -28.30 28.89 19.91
CA GLY G 13 -28.30 28.52 21.32
C GLY G 13 -28.60 29.72 22.20
N ILE G 14 -28.52 29.49 23.52
CA ILE G 14 -28.71 30.54 24.50
C ILE G 14 -27.35 31.07 24.94
N ILE G 15 -27.35 32.12 25.75
CA ILE G 15 -26.16 32.55 26.47
C ILE G 15 -26.07 31.74 27.76
N ASP G 16 -24.94 31.07 27.96
CA ASP G 16 -24.75 30.21 29.13
C ASP G 16 -23.25 30.21 29.40
N VAL G 17 -22.83 30.98 30.39
CA VAL G 17 -21.42 31.23 30.63
C VAL G 17 -21.13 31.00 32.10
N PHE G 18 -20.00 30.37 32.39
CA PHE G 18 -19.55 30.09 33.74
C PHE G 18 -18.38 31.00 34.05
N LEU G 19 -18.49 31.73 35.16
CA LEU G 19 -17.41 32.58 35.62
C LEU G 19 -16.70 31.85 36.76
N MET G 20 -15.41 31.58 36.56
CA MET G 20 -14.64 30.76 37.48
C MET G 20 -13.60 31.66 38.14
N LEU G 21 -13.79 31.92 39.43
CA LEU G 21 -13.22 33.08 40.10
C LEU G 21 -11.88 32.80 40.77
N GLY G 22 -11.35 31.59 40.64
CA GLY G 22 -10.08 31.27 41.23
C GLY G 22 -10.16 31.23 42.73
N PRO G 23 -9.24 31.92 43.43
CA PRO G 23 -8.26 32.89 42.89
C PRO G 23 -7.01 32.31 42.25
N SER G 24 -6.65 31.07 42.55
CA SER G 24 -5.46 30.48 41.93
C SER G 24 -5.84 29.69 40.69
N VAL G 25 -4.84 29.43 39.83
CA VAL G 25 -5.12 28.71 38.59
C VAL G 25 -5.53 27.27 38.89
N PHE G 26 -5.07 26.71 40.00
CA PHE G 26 -5.51 25.37 40.39
C PHE G 26 -6.93 25.41 40.93
N ASP G 27 -7.38 26.56 41.44
CA ASP G 27 -8.80 26.73 41.75
C ASP G 27 -9.64 26.72 40.47
N VAL G 28 -9.14 27.34 39.40
CA VAL G 28 -9.88 27.35 38.15
C VAL G 28 -9.96 25.95 37.56
N PHE G 29 -8.85 25.19 37.60
CA PHE G 29 -8.87 23.78 37.19
C PHE G 29 -9.93 23.01 37.95
N ARG G 30 -9.91 23.10 39.29
CA ARG G 30 -10.88 22.40 40.10
C ARG G 30 -12.30 22.87 39.78
N GLN G 31 -12.47 24.16 39.52
CA GLN G 31 -13.78 24.69 39.20
C GLN G 31 -14.30 24.12 37.88
N TYR G 32 -13.48 24.20 36.84
CA TYR G 32 -13.87 23.68 35.54
C TYR G 32 -14.10 22.17 35.58
N ALA G 33 -13.23 21.43 36.28
CA ALA G 33 -13.36 19.98 36.36
C ALA G 33 -14.66 19.56 37.04
N SER G 34 -15.09 20.30 38.07
CA SER G 34 -16.36 19.97 38.70
C SER G 34 -17.53 20.17 37.75
N LEU G 35 -17.34 20.96 36.69
CA LEU G 35 -18.38 21.17 35.68
C LEU G 35 -18.33 20.11 34.58
N THR G 36 -17.16 19.90 33.97
CA THR G 36 -17.04 19.06 32.77
C THR G 36 -16.26 17.77 32.99
N GLY G 37 -15.80 17.49 34.20
CA GLY G 37 -15.11 16.24 34.47
C GLY G 37 -13.62 16.34 34.29
N THR G 38 -12.96 15.20 34.46
CA THR G 38 -11.50 15.12 34.41
C THR G 38 -11.04 14.12 33.37
N GLN G 39 -9.74 14.24 33.04
CA GLN G 39 -9.07 13.31 32.13
C GLN G 39 -9.28 11.87 32.55
N ALA G 40 -9.85 11.07 31.65
CA ALA G 40 -9.92 9.63 31.86
C ALA G 40 -8.54 9.03 32.04
N LEU G 41 -8.42 8.10 32.97
CA LEU G 41 -7.14 7.50 33.27
C LEU G 41 -6.69 6.61 32.11
N PRO G 42 -5.63 6.96 31.39
CA PRO G 42 -5.21 6.14 30.25
C PRO G 42 -4.72 4.79 30.72
N PRO G 43 -5.05 3.72 29.99
CA PRO G 43 -4.35 2.45 30.23
C PRO G 43 -2.85 2.69 30.04
N LEU G 44 -2.04 2.02 30.86
CA LEU G 44 -0.60 2.30 30.87
C LEU G 44 0.02 2.18 29.49
N PHE G 45 -0.36 1.15 28.72
CA PHE G 45 0.28 0.94 27.42
C PHE G 45 0.16 2.17 26.53
N SER G 46 -0.93 2.92 26.67
CA SER G 46 -1.17 4.06 25.78
C SER G 46 -0.29 5.26 26.11
N LEU G 47 0.43 5.25 27.23
CA LEU G 47 1.44 6.25 27.54
C LEU G 47 2.81 5.88 27.01
N GLY G 48 2.94 4.71 26.38
CA GLY G 48 4.17 4.37 25.71
C GLY G 48 4.25 5.01 24.34
N TYR G 49 5.10 4.43 23.50
CA TYR G 49 5.35 4.93 22.16
C TYR G 49 4.44 4.21 21.16
N HIS G 50 3.83 4.98 20.26
CA HIS G 50 2.96 4.44 19.20
C HIS G 50 3.65 4.60 17.85
N GLN G 51 3.71 3.51 17.07
CA GLN G 51 4.29 3.55 15.74
C GLN G 51 3.17 3.50 14.71
N SER G 52 3.08 4.54 13.91
CA SER G 52 1.98 4.66 12.97
C SER G 52 2.49 5.19 11.65
N ARG G 53 1.69 4.96 10.62
CA ARG G 53 1.82 5.65 9.35
C ARG G 53 0.60 5.32 8.52
N TRP G 54 0.39 6.12 7.50
CA TRP G 54 -0.53 5.83 6.41
C TRP G 54 0.34 5.30 5.29
N ASN G 55 0.37 3.98 5.07
CA ASN G 55 -0.32 2.91 5.79
C ASN G 55 0.65 1.73 5.88
N TYR G 56 0.49 0.83 6.86
CA TYR G 56 1.20 -0.44 6.79
C TYR G 56 0.43 -1.37 5.86
N ARG G 57 1.18 -2.09 5.01
CA ARG G 57 0.60 -2.73 3.83
C ARG G 57 -0.35 -3.85 4.18
N ASP G 58 0.09 -4.76 5.03
CA ASP G 58 -0.63 -6.00 5.29
C ASP G 58 -0.16 -6.55 6.64
N GLU G 59 -0.63 -7.76 6.96
CA GLU G 59 -0.24 -8.40 8.21
C GLU G 59 1.26 -8.64 8.28
N ALA G 60 1.86 -9.07 7.16
CA ALA G 60 3.30 -9.30 7.13
C ALA G 60 4.08 -8.02 7.43
N ASP G 61 3.62 -6.89 6.88
CA ASP G 61 4.26 -5.62 7.17
C ASP G 61 4.16 -5.26 8.64
N VAL G 62 2.98 -5.44 9.24
CA VAL G 62 2.80 -5.18 10.67
C VAL G 62 3.76 -6.03 11.48
N LEU G 63 3.87 -7.32 11.17
CA LEU G 63 4.74 -8.19 11.94
C LEU G 63 6.22 -7.87 11.72
N GLU G 64 6.60 -7.42 10.52
CA GLU G 64 7.99 -7.01 10.30
C GLU G 64 8.33 -5.78 11.13
N VAL G 65 7.41 -4.82 11.20
CA VAL G 65 7.65 -3.64 12.03
C VAL G 65 7.80 -4.05 13.48
N ASP G 66 6.91 -4.91 13.97
CA ASP G 66 7.02 -5.42 15.32
C ASP G 66 8.39 -6.06 15.56
N GLN G 67 8.84 -6.90 14.62
CA GLN G 67 10.15 -7.53 14.77
C GLN G 67 11.27 -6.52 14.64
N GLY G 68 11.06 -5.46 13.85
CA GLY G 68 12.08 -4.44 13.71
C GLY G 68 12.41 -3.75 15.03
N PHE G 69 11.39 -3.48 15.84
CA PHE G 69 11.65 -2.86 17.14
C PHE G 69 12.52 -3.75 18.01
N ASP G 70 12.22 -5.05 18.04
CA ASP G 70 13.03 -5.94 18.86
C ASP G 70 14.42 -6.15 18.28
N ASP G 71 14.53 -6.31 16.96
CA ASP G 71 15.83 -6.51 16.34
C ASP G 71 16.75 -5.32 16.51
N HIS G 72 16.20 -4.12 16.72
CA HIS G 72 17.02 -2.94 16.89
C HIS G 72 16.93 -2.37 18.30
N ASN G 73 16.41 -3.16 19.24
CA ASN G 73 16.31 -2.81 20.66
C ASN G 73 15.70 -1.42 20.87
N MET G 74 14.47 -1.26 20.39
CA MET G 74 13.72 -0.05 20.64
C MET G 74 12.36 -0.46 21.20
N PRO G 75 11.90 0.14 22.29
CA PRO G 75 10.59 -0.22 22.83
C PRO G 75 9.47 0.38 22.01
N CYS G 76 8.32 -0.31 22.02
CA CYS G 76 7.12 0.18 21.35
C CYS G 76 5.93 -0.60 21.90
N ASP G 77 4.85 0.11 22.22
CA ASP G 77 3.66 -0.55 22.76
C ASP G 77 2.59 -0.82 21.71
N VAL G 78 2.42 0.05 20.72
CA VAL G 78 1.28 -0.02 19.81
C VAL G 78 1.73 0.21 18.37
N ILE G 79 1.18 -0.59 17.46
CA ILE G 79 1.32 -0.37 16.02
C ILE G 79 -0.06 -0.03 15.48
N TRP G 80 -0.14 0.96 14.58
CA TRP G 80 -1.42 1.52 14.16
C TRP G 80 -1.76 1.13 12.72
N LEU G 81 -3.05 0.88 12.48
CA LEU G 81 -3.60 0.54 11.16
C LEU G 81 -4.53 1.65 10.70
N ASP G 82 -4.08 2.38 9.68
CA ASP G 82 -4.81 3.49 9.09
C ASP G 82 -5.81 2.93 8.06
N ILE G 83 -6.41 3.83 7.27
CA ILE G 83 -7.62 3.47 6.52
C ILE G 83 -7.42 2.38 5.48
N GLU G 84 -6.19 2.12 5.03
CA GLU G 84 -6.02 1.11 3.99
C GLU G 84 -6.16 -0.31 4.51
N HIS G 85 -6.32 -0.51 5.81
CA HIS G 85 -6.47 -1.86 6.33
C HIS G 85 -7.87 -2.39 6.14
N ALA G 86 -8.84 -1.51 5.92
CA ALA G 86 -10.23 -1.90 5.75
C ALA G 86 -10.49 -2.27 4.28
N ASP G 87 -11.68 -2.80 4.02
CA ASP G 87 -12.10 -3.10 2.65
C ASP G 87 -12.63 -1.81 2.02
N GLY G 88 -11.76 -1.12 1.29
CA GLY G 88 -12.16 0.09 0.59
C GLY G 88 -12.76 1.16 1.48
N LYS G 89 -12.18 1.37 2.66
CA LYS G 89 -12.63 2.38 3.61
C LYS G 89 -14.06 2.11 4.10
N ARG G 90 -14.47 0.85 4.10
CA ARG G 90 -15.65 0.41 4.84
C ARG G 90 -15.20 0.05 6.26
N TYR G 91 -15.52 0.91 7.23
CA TYR G 91 -14.99 0.72 8.57
C TYR G 91 -15.65 -0.48 9.24
N PHE G 92 -14.95 -1.03 10.24
CA PHE G 92 -15.25 -2.30 10.89
C PHE G 92 -15.01 -3.49 9.96
N THR G 93 -14.31 -3.31 8.83
CA THR G 93 -13.98 -4.43 7.97
C THR G 93 -12.47 -4.50 7.80
N TRP G 94 -12.04 -5.56 7.11
CA TRP G 94 -10.64 -5.86 6.85
C TRP G 94 -10.49 -6.18 5.37
N ASP G 95 -9.45 -5.66 4.74
CA ASP G 95 -9.21 -5.99 3.35
C ASP G 95 -9.01 -7.50 3.24
N PRO G 96 -9.80 -8.20 2.41
CA PRO G 96 -9.75 -9.67 2.42
C PRO G 96 -8.46 -10.26 1.87
N THR G 97 -7.66 -9.47 1.14
CA THR G 97 -6.39 -9.96 0.62
C THR G 97 -5.24 -9.62 1.57
N ARG G 98 -5.19 -8.37 2.06
CA ARG G 98 -4.05 -7.93 2.86
C ARG G 98 -4.22 -8.13 4.36
N PHE G 99 -5.44 -8.22 4.87
CA PHE G 99 -5.69 -8.52 6.27
C PHE G 99 -6.70 -9.65 6.40
N PRO G 100 -6.38 -10.84 5.87
CA PRO G 100 -7.37 -11.92 5.87
C PRO G 100 -7.54 -12.61 7.20
N GLN G 101 -6.59 -12.47 8.14
CA GLN G 101 -6.68 -13.15 9.43
C GLN G 101 -6.30 -12.19 10.55
N PRO G 102 -7.14 -11.18 10.81
CA PRO G 102 -6.78 -10.21 11.86
C PRO G 102 -6.60 -10.84 13.23
N LEU G 103 -7.41 -11.84 13.59
CA LEU G 103 -7.23 -12.48 14.90
C LEU G 103 -5.85 -13.09 15.04
N ASN G 104 -5.31 -13.67 13.97
CA ASN G 104 -3.97 -14.25 14.06
C ASN G 104 -2.92 -13.16 14.19
N MET G 105 -3.07 -12.06 13.45
CA MET G 105 -2.18 -10.92 13.59
C MET G 105 -2.21 -10.38 15.02
N LEU G 106 -3.41 -10.22 15.59
CA LEU G 106 -3.50 -9.71 16.95
C LEU G 106 -2.90 -10.66 17.97
N GLU G 107 -3.03 -11.96 17.73
CA GLU G 107 -2.44 -12.92 18.65
C GLU G 107 -0.93 -12.87 18.61
N HIS G 108 -0.33 -12.66 17.43
CA HIS G 108 1.12 -12.51 17.38
CA HIS G 108 1.12 -12.51 17.36
C HIS G 108 1.58 -11.27 18.14
N LEU G 109 0.84 -10.16 18.02
CA LEU G 109 1.22 -8.97 18.78
C LEU G 109 1.03 -9.20 20.27
N ALA G 110 -0.04 -9.92 20.64
CA ALA G 110 -0.25 -10.25 22.05
C ALA G 110 0.92 -11.08 22.60
N SER G 111 1.45 -12.01 21.81
CA SER G 111 2.59 -12.80 22.27
C SER G 111 3.84 -11.95 22.42
N LYS G 112 3.90 -10.79 21.78
CA LYS G 112 4.92 -9.80 22.05
C LYS G 112 4.47 -8.78 23.09
N ARG G 113 3.27 -8.95 23.64
CA ARG G 113 2.72 -8.06 24.65
C ARG G 113 2.60 -6.63 24.11
N ARG G 114 2.14 -6.53 22.87
CA ARG G 114 1.90 -5.25 22.23
C ARG G 114 0.45 -5.16 21.79
N LYS G 115 0.02 -3.93 21.50
CA LYS G 115 -1.35 -3.68 21.09
C LYS G 115 -1.37 -3.20 19.65
N LEU G 116 -2.58 -3.10 19.12
CA LEU G 116 -2.81 -2.52 17.80
C LEU G 116 -3.94 -1.51 17.90
N VAL G 117 -3.85 -0.44 17.12
CA VAL G 117 -4.92 0.53 16.99
C VAL G 117 -5.40 0.52 15.55
N ALA G 118 -6.70 0.43 15.36
CA ALA G 118 -7.34 0.47 14.05
C ALA G 118 -8.23 1.70 13.95
N ILE G 119 -8.20 2.35 12.79
CA ILE G 119 -8.98 3.56 12.57
C ILE G 119 -10.42 3.19 12.20
N VAL G 120 -11.36 3.90 12.82
CA VAL G 120 -12.79 3.78 12.52
C VAL G 120 -13.31 5.21 12.41
N ASP G 121 -13.68 5.62 11.20
CA ASP G 121 -14.15 6.98 11.00
C ASP G 121 -15.67 7.01 11.04
N PRO G 122 -16.26 8.18 11.34
CA PRO G 122 -17.71 8.27 11.43
C PRO G 122 -18.43 8.47 10.10
N HIS G 123 -17.80 8.29 8.95
CA HIS G 123 -18.52 8.33 7.68
C HIS G 123 -18.66 6.90 7.14
N ILE G 124 -19.83 6.57 6.62
CA ILE G 124 -20.19 5.20 6.26
C ILE G 124 -20.49 5.14 4.77
N LYS G 125 -19.71 4.33 4.04
CA LYS G 125 -19.84 4.25 2.59
C LYS G 125 -21.26 3.90 2.16
N VAL G 126 -21.83 4.70 1.25
CA VAL G 126 -23.15 4.38 0.73
C VAL G 126 -23.00 3.17 -0.18
N ASP G 127 -23.45 2.01 0.29
CA ASP G 127 -23.14 0.74 -0.37
C ASP G 127 -24.09 -0.30 0.20
N SER G 128 -25.02 -0.76 -0.63
CA SER G 128 -26.02 -1.73 -0.19
C SER G 128 -25.42 -3.09 0.15
N GLY G 129 -24.17 -3.35 -0.21
CA GLY G 129 -23.52 -4.56 0.27
C GLY G 129 -22.80 -4.42 1.58
N TYR G 130 -22.75 -3.20 2.12
CA TYR G 130 -22.06 -2.88 3.36
C TYR G 130 -23.08 -2.96 4.49
N ARG G 131 -22.94 -3.96 5.36
CA ARG G 131 -23.98 -4.21 6.36
C ARG G 131 -24.16 -3.02 7.32
N VAL G 132 -23.07 -2.31 7.63
CA VAL G 132 -23.19 -1.14 8.52
C VAL G 132 -24.08 -0.09 7.88
N HIS G 133 -23.88 0.18 6.59
CA HIS G 133 -24.74 1.14 5.90
C HIS G 133 -26.19 0.68 5.88
N GLU G 134 -26.42 -0.61 5.62
CA GLU G 134 -27.80 -1.10 5.53
C GLU G 134 -28.50 -0.96 6.86
N GLU G 135 -27.83 -1.30 7.95
CA GLU G 135 -28.47 -1.24 9.26
C GLU G 135 -28.76 0.21 9.65
N LEU G 136 -27.80 1.12 9.44
CA LEU G 136 -28.00 2.50 9.81
C LEU G 136 -29.07 3.16 8.94
N ARG G 137 -29.13 2.79 7.67
CA ARG G 137 -30.18 3.28 6.78
C ARG G 137 -31.55 2.75 7.20
N ASN G 138 -31.64 1.46 7.53
CA ASN G 138 -32.93 0.86 7.83
C ASN G 138 -33.50 1.33 9.16
N HIS G 139 -32.64 1.74 10.10
CA HIS G 139 -33.09 2.20 11.41
C HIS G 139 -33.14 3.71 11.51
N GLY G 140 -32.89 4.43 10.41
CA GLY G 140 -32.98 5.88 10.39
C GLY G 140 -32.00 6.59 11.30
N LEU G 141 -30.78 6.08 11.41
CA LEU G 141 -29.79 6.61 12.34
C LEU G 141 -28.82 7.57 11.69
N TYR G 142 -29.08 7.99 10.46
CA TYR G 142 -28.22 8.92 9.74
C TYR G 142 -28.68 10.37 9.93
N VAL G 143 -27.72 11.29 9.84
CA VAL G 143 -28.04 12.70 9.71
C VAL G 143 -28.85 12.92 8.45
N LYS G 144 -29.82 13.84 8.52
CA LYS G 144 -30.75 14.02 7.42
C LYS G 144 -30.71 15.40 6.80
N THR G 145 -31.29 15.50 5.61
CA THR G 145 -31.53 16.77 4.94
C THR G 145 -32.98 17.20 5.13
N ARG G 146 -33.29 18.41 4.68
CA ARG G 146 -34.63 18.95 4.88
C ARG G 146 -35.69 18.17 4.12
N ASP G 147 -35.33 17.47 3.04
CA ASP G 147 -36.33 16.71 2.30
C ASP G 147 -36.57 15.31 2.87
N GLY G 148 -35.98 14.98 4.01
CA GLY G 148 -36.19 13.69 4.62
C GLY G 148 -35.22 12.61 4.19
N SER G 149 -34.31 12.92 3.29
CA SER G 149 -33.33 11.94 2.84
C SER G 149 -32.13 11.93 3.76
N ASP G 150 -31.41 10.80 3.74
CA ASP G 150 -30.15 10.72 4.45
C ASP G 150 -29.12 11.59 3.76
N TYR G 151 -28.36 12.35 4.55
CA TYR G 151 -27.31 13.20 4.00
C TYR G 151 -26.20 12.34 3.40
N GLU G 152 -25.75 12.75 2.21
CA GLU G 152 -24.67 12.06 1.51
C GLU G 152 -23.63 13.09 1.12
N GLY G 153 -22.41 12.88 1.59
CA GLY G 153 -21.27 13.69 1.18
C GLY G 153 -20.16 12.82 0.67
N TRP G 154 -19.00 13.39 0.41
CA TRP G 154 -17.88 12.66 -0.13
C TRP G 154 -16.77 12.60 0.92
N CYS G 155 -16.21 11.41 1.10
CA CYS G 155 -15.04 11.25 1.95
C CYS G 155 -14.18 10.09 1.43
N TRP G 156 -13.40 9.47 2.31
CA TRP G 156 -12.47 8.42 1.87
C TRP G 156 -13.11 7.30 1.05
N PRO G 157 -14.31 6.78 1.37
CA PRO G 157 -14.87 5.73 0.52
C PRO G 157 -15.69 6.26 -0.65
N GLY G 158 -15.53 7.53 -1.00
CA GLY G 158 -16.39 8.14 -2.00
C GLY G 158 -17.65 8.67 -1.34
N SER G 159 -18.81 8.32 -1.91
CA SER G 159 -20.09 8.75 -1.38
CA SER G 159 -20.09 8.76 -1.37
C SER G 159 -20.35 8.09 -0.02
N ALA G 160 -20.63 8.91 0.99
CA ALA G 160 -20.80 8.39 2.34
C ALA G 160 -21.89 9.14 3.06
N SER G 161 -22.52 8.47 4.02
CA SER G 161 -23.49 9.08 4.92
C SER G 161 -22.90 9.16 6.32
N TYR G 162 -23.52 10.00 7.15
CA TYR G 162 -22.97 10.39 8.44
C TYR G 162 -23.91 10.00 9.56
N PRO G 163 -23.56 9.05 10.41
CA PRO G 163 -24.43 8.69 11.53
C PRO G 163 -24.68 9.89 12.42
N ASP G 164 -25.88 9.96 12.96
CA ASP G 164 -26.26 11.08 13.81
C ASP G 164 -25.83 10.73 15.23
N PHE G 165 -24.58 11.05 15.56
CA PHE G 165 -24.06 10.74 16.88
C PHE G 165 -24.70 11.59 17.98
N THR G 166 -25.44 12.66 17.66
CA THR G 166 -26.19 13.36 18.71
C THR G 166 -27.41 12.57 19.17
N ASN G 167 -27.80 11.54 18.42
CA ASN G 167 -28.91 10.68 18.79
C ASN G 167 -28.45 9.60 19.76
N PRO G 168 -29.01 9.52 20.98
CA PRO G 168 -28.53 8.49 21.92
C PRO G 168 -28.72 7.06 21.43
N ARG G 169 -29.73 6.79 20.60
CA ARG G 169 -29.86 5.43 20.06
C ARG G 169 -28.78 5.13 19.04
N MET G 170 -28.25 6.15 18.35
CA MET G 170 -27.14 5.93 17.44
CA MET G 170 -27.14 5.94 17.44
C MET G 170 -25.86 5.66 18.21
N ARG G 171 -25.62 6.38 19.31
CA ARG G 171 -24.44 6.12 20.13
C ARG G 171 -24.48 4.74 20.75
N ALA G 172 -25.68 4.27 21.12
CA ALA G 172 -25.80 2.91 21.64
C ALA G 172 -25.52 1.87 20.56
N TRP G 173 -26.03 2.09 19.35
CA TRP G 173 -25.74 1.19 18.24
C TRP G 173 -24.22 1.10 18.01
N TRP G 174 -23.57 2.26 17.96
CA TRP G 174 -22.13 2.34 17.73
C TRP G 174 -21.35 1.59 18.80
N SER G 175 -21.67 1.88 20.07
CA SER G 175 -21.02 1.18 21.17
CA SER G 175 -21.02 1.18 21.17
C SER G 175 -21.19 -0.34 21.04
N ASN G 176 -22.40 -0.79 20.72
CA ASN G 176 -22.61 -2.22 20.59
C ASN G 176 -21.87 -2.80 19.39
N MET G 177 -21.61 -1.99 18.36
CA MET G 177 -20.89 -2.47 17.20
C MET G 177 -19.48 -2.93 17.55
N PHE G 178 -18.91 -2.47 18.66
CA PHE G 178 -17.55 -2.85 19.04
C PHE G 178 -17.46 -4.14 19.82
N SER G 179 -18.58 -4.81 20.06
CA SER G 179 -18.52 -6.13 20.67
C SER G 179 -17.73 -7.09 19.79
N PHE G 180 -17.15 -8.10 20.42
CA PHE G 180 -16.33 -9.04 19.66
C PHE G 180 -17.16 -9.85 18.65
N ASP G 181 -18.48 -9.96 18.87
CA ASP G 181 -19.34 -10.62 17.90
C ASP G 181 -19.64 -9.74 16.71
N ASN G 182 -19.74 -8.42 16.90
CA ASN G 182 -20.09 -7.53 15.80
C ASN G 182 -18.87 -7.04 15.02
N TYR G 183 -17.81 -6.66 15.72
CA TYR G 183 -16.57 -6.22 15.08
C TYR G 183 -15.70 -7.45 14.89
N GLU G 184 -16.03 -8.22 13.85
CA GLU G 184 -15.33 -9.47 13.56
C GLU G 184 -13.87 -9.20 13.25
N GLY G 185 -13.00 -10.02 13.83
CA GLY G 185 -11.57 -9.85 13.71
C GLY G 185 -10.93 -8.99 14.80
N SER G 186 -11.71 -8.36 15.67
CA SER G 186 -11.17 -7.58 16.78
C SER G 186 -10.91 -8.46 18.01
N ALA G 187 -10.04 -7.97 18.89
CA ALA G 187 -9.60 -8.70 20.06
C ALA G 187 -9.34 -7.69 21.18
N PRO G 188 -9.14 -8.16 22.42
CA PRO G 188 -8.92 -7.20 23.53
C PRO G 188 -7.70 -6.31 23.35
N ASN G 189 -6.70 -6.71 22.57
CA ASN G 189 -5.54 -5.84 22.37
C ASN G 189 -5.68 -4.95 21.13
N LEU G 190 -6.90 -4.76 20.64
CA LEU G 190 -7.17 -3.85 19.52
CA LEU G 190 -7.17 -3.85 19.52
C LEU G 190 -7.90 -2.63 20.06
N TYR G 191 -7.32 -1.45 19.84
CA TYR G 191 -7.94 -0.19 20.25
C TYR G 191 -8.24 0.64 19.02
N VAL G 192 -8.78 1.86 19.22
CA VAL G 192 -9.50 2.55 18.17
C VAL G 192 -9.04 3.99 18.03
N TRP G 193 -8.99 4.45 16.79
CA TRP G 193 -8.67 5.82 16.41
C TRP G 193 -9.85 6.39 15.63
N ASN G 194 -10.47 7.45 16.17
CA ASN G 194 -11.54 8.19 15.48
C ASN G 194 -10.93 9.40 14.79
N ASP G 195 -11.05 9.46 13.47
CA ASP G 195 -10.54 10.57 12.68
C ASP G 195 -11.69 11.20 11.89
N MET G 196 -11.43 12.37 11.31
CA MET G 196 -12.36 13.05 10.40
C MET G 196 -13.71 13.31 11.07
N ASN G 197 -13.75 13.43 12.40
CA ASN G 197 -15.02 13.47 13.09
C ASN G 197 -15.50 14.91 13.37
N GLU G 198 -15.06 15.88 12.57
CA GLU G 198 -15.53 17.26 12.73
C GLU G 198 -17.02 17.45 12.47
N PRO G 199 -17.67 16.79 11.49
CA PRO G 199 -17.27 15.78 10.51
C PRO G 199 -16.62 16.40 9.27
N SER G 200 -15.68 15.66 8.69
CA SER G 200 -15.06 16.10 7.45
C SER G 200 -15.93 15.67 6.27
N VAL G 201 -16.22 16.61 5.38
CA VAL G 201 -17.02 16.38 4.17
C VAL G 201 -16.32 17.05 3.01
N PHE G 202 -15.73 16.25 2.12
CA PHE G 202 -14.81 16.79 1.10
C PHE G 202 -15.50 17.79 0.18
N ASN G 203 -16.76 17.55 -0.17
CA ASN G 203 -17.52 18.43 -1.04
C ASN G 203 -18.50 19.32 -0.27
N GLY G 204 -18.30 19.51 1.03
CA GLY G 204 -19.17 20.33 1.82
C GLY G 204 -18.60 21.71 2.03
N PRO G 205 -19.44 22.62 2.54
CA PRO G 205 -18.95 23.99 2.79
C PRO G 205 -17.88 23.97 3.87
N GLU G 206 -16.73 24.56 3.56
CA GLU G 206 -15.57 24.55 4.43
C GLU G 206 -15.14 23.14 4.80
N VAL G 207 -15.41 22.19 3.89
CA VAL G 207 -15.03 20.80 4.01
C VAL G 207 -15.75 20.16 5.20
N THR G 208 -16.95 20.63 5.51
CA THR G 208 -17.72 20.04 6.60
C THR G 208 -19.19 19.98 6.20
N MET G 209 -20.02 19.61 7.17
CA MET G 209 -21.44 19.35 6.95
CA MET G 209 -21.43 19.35 6.92
C MET G 209 -22.22 20.66 6.79
N LEU G 210 -23.27 20.60 5.96
CA LEU G 210 -24.13 21.77 5.73
C LEU G 210 -24.80 22.22 7.03
N LYS G 211 -24.87 23.54 7.21
CA LYS G 211 -25.48 24.11 8.41
C LYS G 211 -26.92 23.65 8.61
N ASP G 212 -27.66 23.44 7.52
CA ASP G 212 -29.09 23.15 7.60
C ASP G 212 -29.43 21.66 7.50
N ALA G 213 -28.45 20.78 7.70
CA ALA G 213 -28.78 19.39 7.94
C ALA G 213 -29.49 19.26 9.29
N VAL G 214 -30.22 18.16 9.47
CA VAL G 214 -31.13 18.01 10.61
C VAL G 214 -30.73 16.77 11.40
N HIS G 215 -30.66 16.93 12.71
CA HIS G 215 -30.24 15.91 13.66
C HIS G 215 -31.40 15.52 14.56
N TYR G 216 -31.11 14.58 15.45
CA TYR G 216 -32.00 14.17 16.52
C TYR G 216 -32.72 15.35 17.18
N GLY G 217 -34.04 15.24 17.32
CA GLY G 217 -34.82 16.29 17.91
C GLY G 217 -35.17 17.45 16.99
N GLY G 218 -34.81 17.38 15.72
CA GLY G 218 -35.07 18.46 14.79
C GLY G 218 -34.04 19.55 14.81
N TRP G 219 -33.00 19.43 15.63
CA TRP G 219 -31.97 20.45 15.70
C TRP G 219 -31.16 20.51 14.41
N GLU G 220 -30.79 21.71 14.01
CA GLU G 220 -29.96 21.86 12.83
C GLU G 220 -28.51 21.57 13.19
N HIS G 221 -27.72 21.26 12.16
CA HIS G 221 -26.31 21.02 12.36
C HIS G 221 -25.59 22.26 12.90
N ARG G 222 -26.07 23.46 12.54
CA ARG G 222 -25.47 24.68 13.07
C ARG G 222 -25.61 24.75 14.59
N ASP G 223 -26.63 24.09 15.15
CA ASP G 223 -26.82 24.11 16.60
C ASP G 223 -25.84 23.20 17.34
N ILE G 224 -25.43 22.08 16.73
CA ILE G 224 -24.75 21.01 17.44
C ILE G 224 -23.32 20.80 16.99
N HIS G 225 -22.83 21.56 16.01
CA HIS G 225 -21.63 21.19 15.25
C HIS G 225 -20.47 20.81 16.15
N ASN G 226 -20.17 21.65 17.14
CA ASN G 226 -18.91 21.48 17.86
C ASN G 226 -18.91 20.32 18.84
N ILE G 227 -20.04 19.64 19.06
CA ILE G 227 -20.03 18.45 19.91
C ILE G 227 -20.23 17.17 19.11
N TYR G 228 -20.37 17.25 17.78
CA TYR G 228 -20.48 16.04 16.98
C TYR G 228 -19.26 15.14 17.17
N GLY G 229 -18.06 15.71 17.09
CA GLY G 229 -16.86 14.91 17.27
C GLY G 229 -16.77 14.30 18.65
N LEU G 230 -17.14 15.07 19.68
CA LEU G 230 -17.14 14.56 21.04
C LEU G 230 -18.04 13.35 21.17
N TYR G 231 -19.19 13.38 20.50
CA TYR G 231 -20.11 12.25 20.54
C TYR G 231 -19.50 11.01 19.87
N VAL G 232 -18.71 11.19 18.81
CA VAL G 232 -18.04 10.04 18.21
C VAL G 232 -17.07 9.43 19.20
N HIS G 233 -16.20 10.28 19.76
CA HIS G 233 -15.21 9.87 20.75
C HIS G 233 -15.87 9.14 21.92
N MET G 234 -16.96 9.71 22.45
CA MET G 234 -17.66 9.13 23.59
C MET G 234 -18.26 7.76 23.27
N ALA G 235 -18.93 7.66 22.12
CA ALA G 235 -19.56 6.40 21.76
C ALA G 235 -18.51 5.30 21.53
N THR G 236 -17.35 5.67 20.96
CA THR G 236 -16.29 4.69 20.75
C THR G 236 -15.70 4.20 22.06
N ALA G 237 -15.42 5.13 22.99
CA ALA G 237 -14.87 4.72 24.28
C ALA G 237 -15.83 3.82 25.03
N ASP G 238 -17.12 4.17 25.04
CA ASP G 238 -18.11 3.31 25.69
CA ASP G 238 -18.12 3.31 25.68
C ASP G 238 -18.13 1.92 25.05
N GLY G 239 -17.93 1.85 23.73
CA GLY G 239 -17.94 0.55 23.07
C GLY G 239 -16.76 -0.33 23.50
N LEU G 240 -15.60 0.28 23.71
CA LEU G 240 -14.45 -0.48 24.20
C LEU G 240 -14.66 -0.91 25.64
N ILE G 241 -15.42 -0.15 26.42
CA ILE G 241 -15.70 -0.58 27.79
C ILE G 241 -16.69 -1.72 27.78
N GLN G 242 -17.78 -1.57 27.02
CA GLN G 242 -18.86 -2.56 27.01
C GLN G 242 -18.41 -3.89 26.44
N ARG G 243 -17.56 -3.90 25.41
CA ARG G 243 -17.16 -5.17 24.83
C ARG G 243 -16.45 -6.07 25.83
N SER G 244 -15.86 -5.48 26.88
CA SER G 244 -15.17 -6.23 27.92
C SER G 244 -16.07 -6.54 29.11
N GLY G 245 -17.35 -6.19 29.07
CA GLY G 245 -18.18 -6.36 30.23
C GLY G 245 -18.01 -5.27 31.26
N GLY G 246 -17.51 -4.10 30.87
CA GLY G 246 -17.33 -3.01 31.80
C GLY G 246 -16.05 -3.03 32.60
N ILE G 247 -15.07 -3.85 32.20
CA ILE G 247 -13.86 -4.07 33.01
C ILE G 247 -12.66 -3.27 32.49
N GLU G 248 -12.46 -3.26 31.17
CA GLU G 248 -11.24 -2.70 30.58
C GLU G 248 -11.39 -1.20 30.33
N ARG G 249 -10.33 -0.46 30.65
CA ARG G 249 -10.33 0.95 30.32
C ARG G 249 -10.15 1.13 28.81
N PRO G 250 -10.74 2.16 28.24
CA PRO G 250 -10.62 2.37 26.80
C PRO G 250 -9.34 3.10 26.45
N PHE G 251 -8.98 3.02 25.16
CA PHE G 251 -8.09 4.01 24.57
C PHE G 251 -8.64 4.39 23.20
N VAL G 252 -9.01 5.66 23.04
CA VAL G 252 -9.49 6.21 21.78
C VAL G 252 -8.78 7.53 21.54
N LEU G 253 -8.14 7.65 20.38
CA LEU G 253 -7.64 8.93 19.91
C LEU G 253 -8.70 9.58 19.03
N SER G 254 -8.94 10.87 19.25
CA SER G 254 -9.93 11.63 18.51
C SER G 254 -9.29 12.89 17.92
N ARG G 255 -9.79 13.30 16.75
CA ARG G 255 -9.26 14.52 16.15
C ARG G 255 -10.08 15.75 16.54
N ALA G 256 -11.40 15.67 16.41
CA ALA G 256 -12.30 16.74 16.84
C ALA G 256 -12.64 16.56 18.32
N PHE G 257 -12.90 17.67 19.00
CA PHE G 257 -13.17 17.59 20.43
C PHE G 257 -13.92 18.84 20.90
N PHE G 258 -14.41 18.76 22.14
CA PHE G 258 -15.13 19.86 22.78
C PHE G 258 -14.84 19.82 24.27
N SER G 259 -15.36 20.80 25.00
CA SER G 259 -15.41 20.72 26.45
C SER G 259 -15.99 19.38 26.87
N GLY G 260 -15.26 18.67 27.73
CA GLY G 260 -15.67 17.37 28.18
C GLY G 260 -15.00 16.21 27.46
N SER G 261 -14.30 16.47 26.35
CA SER G 261 -13.64 15.41 25.61
C SER G 261 -12.55 14.71 26.42
N GLN G 262 -12.02 15.37 27.47
CA GLN G 262 -11.00 14.76 28.31
C GLN G 262 -11.49 13.48 28.96
N ARG G 263 -12.81 13.31 29.07
CA ARG G 263 -13.38 12.12 29.68
C ARG G 263 -13.27 10.87 28.82
N PHE G 264 -12.80 10.98 27.56
CA PHE G 264 -12.92 9.87 26.63
C PHE G 264 -11.61 9.45 25.98
N GLY G 265 -10.50 10.11 26.26
CA GLY G 265 -9.23 9.64 25.77
C GLY G 265 -8.26 10.72 25.34
N ALA G 266 -7.66 10.52 24.17
CA ALA G 266 -6.58 11.38 23.70
C ALA G 266 -7.05 12.18 22.50
N VAL G 267 -6.32 13.26 22.23
CA VAL G 267 -6.48 14.05 21.02
C VAL G 267 -5.08 14.34 20.50
N TRP G 268 -5.01 14.72 19.23
CA TRP G 268 -3.75 15.18 18.66
C TRP G 268 -4.04 16.32 17.70
N THR G 269 -2.99 17.04 17.33
CA THR G 269 -3.13 18.30 16.62
C THR G 269 -3.25 18.11 15.11
N GLY G 270 -3.65 16.93 14.65
CA GLY G 270 -4.02 16.76 13.25
C GLY G 270 -2.85 16.73 12.30
N ASP G 271 -3.03 17.28 11.11
CA ASP G 271 -2.07 17.12 10.02
C ASP G 271 -1.04 18.24 10.04
N ASN G 272 0.00 18.05 10.84
CA ASN G 272 1.10 18.99 10.88
C ASN G 272 2.08 18.65 9.75
N THR G 273 3.21 19.34 9.73
CA THR G 273 4.15 19.27 8.62
C THR G 273 5.56 19.04 9.13
N ALA G 274 6.33 18.25 8.38
CA ALA G 274 7.71 17.96 8.75
C ALA G 274 8.61 19.19 8.65
N GLU G 275 8.35 20.20 9.46
CA GLU G 275 9.15 21.42 9.47
C GLU G 275 9.45 21.86 10.89
N TRP G 276 10.58 22.57 11.04
CA TRP G 276 11.06 22.94 12.38
C TRP G 276 10.05 23.81 13.11
N ASP G 277 9.37 24.71 12.41
CA ASP G 277 8.39 25.56 13.08
CA ASP G 277 8.38 25.56 13.06
C ASP G 277 7.17 24.75 13.53
N HIS G 278 6.89 23.62 12.89
CA HIS G 278 5.80 22.78 13.38
C HIS G 278 6.23 22.01 14.61
N LEU G 279 7.50 21.60 14.68
CA LEU G 279 8.02 21.04 15.92
C LEU G 279 7.82 22.01 17.09
N LYS G 280 8.19 23.29 16.88
CA LYS G 280 8.07 24.28 17.94
C LYS G 280 6.63 24.47 18.39
N ILE G 281 5.69 24.50 17.44
CA ILE G 281 4.34 24.89 17.82
C ILE G 281 3.62 23.78 18.57
N SER G 282 4.16 22.56 18.60
CA SER G 282 3.49 21.50 19.35
C SER G 282 3.38 21.84 20.83
N ILE G 283 4.34 22.58 21.37
CA ILE G 283 4.30 22.95 22.79
C ILE G 283 3.14 23.90 23.06
N PRO G 284 3.05 25.09 22.44
CA PRO G 284 1.92 25.97 22.77
C PRO G 284 0.56 25.35 22.46
N MET G 285 0.48 24.51 21.43
CA MET G 285 -0.79 23.87 21.10
C MET G 285 -1.23 22.89 22.17
N CYS G 286 -0.33 22.00 22.60
CA CYS G 286 -0.73 21.09 23.66
C CYS G 286 -0.83 21.80 25.01
N LEU G 287 -0.01 22.85 25.22
CA LEU G 287 -0.15 23.63 26.45
C LEU G 287 -1.51 24.32 26.51
N SER G 288 -2.00 24.84 25.38
CA SER G 288 -3.32 25.45 25.38
C SER G 288 -4.41 24.41 25.58
N LEU G 289 -4.15 23.16 25.19
CA LEU G 289 -5.13 22.12 25.44
C LEU G 289 -5.10 21.67 26.90
N ALA G 290 -3.90 21.56 27.48
CA ALA G 290 -3.78 21.20 28.89
C ALA G 290 -4.55 22.18 29.78
N LEU G 291 -4.47 23.49 29.48
CA LEU G 291 -5.09 24.49 30.35
C LEU G 291 -6.60 24.31 30.43
N VAL G 292 -7.23 23.74 29.40
CA VAL G 292 -8.68 23.59 29.38
C VAL G 292 -9.10 22.13 29.61
N GLY G 293 -8.23 21.33 30.23
CA GLY G 293 -8.60 20.02 30.71
C GLY G 293 -8.13 18.85 29.85
N LEU G 294 -7.64 19.10 28.65
CA LEU G 294 -7.26 18.00 27.74
C LEU G 294 -5.77 17.74 27.93
N SER G 295 -5.46 16.86 28.89
CA SER G 295 -4.08 16.56 29.24
C SER G 295 -3.45 15.52 28.32
N PHE G 296 -4.26 14.74 27.60
CA PHE G 296 -3.76 13.64 26.77
C PHE G 296 -3.63 14.13 25.32
N CYS G 297 -2.58 14.93 25.07
CA CYS G 297 -2.38 15.67 23.84
C CYS G 297 -1.02 15.35 23.24
N GLY G 298 -0.93 15.41 21.91
CA GLY G 298 0.34 15.23 21.24
C GLY G 298 0.28 15.70 19.80
N ALA G 299 1.42 15.61 19.12
CA ALA G 299 1.51 15.96 17.70
C ALA G 299 2.27 14.86 16.97
N ASP G 300 1.96 14.69 15.67
CA ASP G 300 2.61 13.66 14.87
C ASP G 300 4.12 13.84 14.92
N VAL G 301 4.81 12.82 15.43
CA VAL G 301 6.26 12.89 15.56
C VAL G 301 6.89 12.72 14.19
N GLY G 302 7.67 13.72 13.78
CA GLY G 302 8.25 13.78 12.45
C GLY G 302 7.42 14.56 11.45
N GLY G 303 6.19 14.94 11.81
CA GLY G 303 5.34 15.66 10.89
C GLY G 303 4.56 14.73 9.97
N PHE G 304 3.30 15.04 9.72
CA PHE G 304 2.49 14.21 8.83
C PHE G 304 2.88 14.41 7.38
N PHE G 305 2.83 15.64 6.89
CA PHE G 305 3.20 15.94 5.51
C PHE G 305 4.72 16.02 5.36
N LYS G 306 5.19 15.62 4.18
CA LYS G 306 6.58 15.72 3.75
C LYS G 306 7.51 14.81 4.53
N ASN G 307 8.79 14.79 4.15
CA ASN G 307 9.78 13.92 4.74
C ASN G 307 10.70 14.75 5.61
N PRO G 308 10.84 14.45 6.90
CA PRO G 308 11.75 15.21 7.75
C PRO G 308 13.19 14.80 7.51
N GLU G 309 14.10 15.77 7.57
CA GLU G 309 15.51 15.43 7.56
C GLU G 309 15.88 14.72 8.86
N PRO G 310 16.90 13.86 8.84
CA PRO G 310 17.20 13.01 10.01
C PRO G 310 17.36 13.76 11.32
N GLU G 311 18.00 14.93 11.31
CA GLU G 311 18.19 15.69 12.54
C GLU G 311 16.86 16.18 13.09
N LEU G 312 15.94 16.58 12.21
CA LEU G 312 14.63 17.03 12.66
C LEU G 312 13.82 15.87 13.26
N LEU G 313 13.90 14.69 12.65
CA LEU G 313 13.21 13.54 13.20
C LEU G 313 13.74 13.21 14.60
N VAL G 314 15.07 13.25 14.77
CA VAL G 314 15.68 13.05 16.08
C VAL G 314 15.14 14.06 17.08
N ARG G 315 15.16 15.35 16.71
CA ARG G 315 14.64 16.36 17.62
C ARG G 315 13.16 16.14 17.90
N TRP G 316 12.41 15.59 16.92
CA TRP G 316 10.99 15.41 17.14
C TRP G 316 10.71 14.25 18.10
N TYR G 317 11.52 13.18 18.01
CA TYR G 317 11.41 12.09 18.97
C TYR G 317 11.72 12.58 20.39
N GLN G 318 12.75 13.43 20.52
CA GLN G 318 13.08 13.96 21.83
C GLN G 318 11.96 14.82 22.38
N MET G 319 11.40 15.69 21.53
CA MET G 319 10.25 16.49 21.94
C MET G 319 9.06 15.61 22.28
N GLY G 320 8.71 14.68 21.38
CA GLY G 320 7.54 13.85 21.59
C GLY G 320 7.69 12.94 22.79
N ALA G 321 8.92 12.53 23.11
CA ALA G 321 9.16 11.68 24.27
C ALA G 321 8.74 12.34 25.57
N TYR G 322 8.67 13.67 25.61
CA TYR G 322 8.27 14.36 26.83
C TYR G 322 6.94 15.06 26.69
N GLN G 323 6.12 14.63 25.73
CA GLN G 323 4.75 15.11 25.59
C GLN G 323 3.78 13.95 25.82
N PRO G 324 2.56 14.23 26.28
CA PRO G 324 1.69 13.15 26.76
C PRO G 324 1.34 12.06 25.76
N PHE G 325 0.82 12.41 24.58
CA PHE G 325 0.51 11.41 23.55
C PHE G 325 1.67 11.35 22.56
N PHE G 326 2.30 10.18 22.46
CA PHE G 326 3.61 10.03 21.83
C PHE G 326 3.50 9.09 20.62
N ARG G 327 3.21 9.65 19.44
CA ARG G 327 2.98 8.83 18.24
C ARG G 327 3.75 9.39 17.05
N ALA G 328 4.49 8.53 16.37
CA ALA G 328 5.03 8.82 15.04
C ALA G 328 3.98 8.45 13.98
N HIS G 329 3.81 9.32 12.99
CA HIS G 329 2.79 9.11 11.96
C HIS G 329 3.20 9.88 10.71
N ALA G 330 2.71 9.42 9.56
CA ALA G 330 3.23 9.95 8.30
C ALA G 330 2.22 9.76 7.18
N HIS G 331 2.29 10.65 6.20
CA HIS G 331 1.39 10.68 5.05
C HIS G 331 1.70 9.54 4.08
N LEU G 332 0.67 9.18 3.30
CA LEU G 332 0.74 8.00 2.41
C LEU G 332 1.95 8.04 1.47
N ASP G 333 2.36 9.23 1.03
CA ASP G 333 3.41 9.35 0.02
C ASP G 333 4.78 9.70 0.61
N THR G 334 4.93 9.72 1.93
CA THR G 334 6.23 9.94 2.54
C THR G 334 7.07 8.67 2.48
N GLY G 335 8.39 8.83 2.56
CA GLY G 335 9.25 7.67 2.74
C GLY G 335 9.03 7.02 4.10
N ARG G 336 9.25 5.72 4.16
CA ARG G 336 9.18 5.01 5.44
C ARG G 336 10.20 5.61 6.39
N ARG G 337 9.80 5.85 7.64
CA ARG G 337 10.72 6.41 8.62
C ARG G 337 10.56 5.75 9.98
N GLU G 338 10.38 4.43 10.00
CA GLU G 338 10.54 3.69 11.24
C GLU G 338 11.94 3.95 11.79
N PRO G 339 12.09 4.11 13.10
CA PRO G 339 13.30 4.76 13.64
C PRO G 339 14.60 4.01 13.39
N TRP G 340 14.56 2.73 13.07
CA TRP G 340 15.79 2.01 12.78
C TRP G 340 16.24 2.14 11.33
N LEU G 341 15.51 2.88 10.49
CA LEU G 341 15.93 3.07 9.11
C LEU G 341 16.92 4.22 8.95
N LEU G 342 17.23 4.95 10.01
CA LEU G 342 18.17 6.06 9.95
C LEU G 342 19.59 5.56 10.20
N ALA G 343 20.55 6.41 9.89
CA ALA G 343 21.94 6.11 10.20
C ALA G 343 22.14 5.99 11.71
N SER G 344 23.19 5.25 12.11
CA SER G 344 23.33 4.79 13.48
C SER G 344 23.31 5.93 14.50
N GLN G 345 23.92 7.08 14.18
CA GLN G 345 23.94 8.17 15.16
C GLN G 345 22.55 8.72 15.42
N TYR G 346 21.70 8.74 14.40
CA TYR G 346 20.33 9.17 14.61
C TYR G 346 19.51 8.10 15.33
N GLN G 347 19.73 6.83 14.98
CA GLN G 347 19.10 5.71 15.69
C GLN G 347 19.38 5.78 17.18
N ASP G 348 20.65 6.04 17.54
CA ASP G 348 21.07 6.02 18.93
C ASP G 348 20.43 7.15 19.72
N ALA G 349 20.36 8.35 19.15
CA ALA G 349 19.71 9.43 19.87
C ALA G 349 18.22 9.17 20.02
N ILE G 350 17.62 8.53 19.01
CA ILE G 350 16.20 8.21 19.08
C ILE G 350 15.96 7.11 20.10
N ARG G 351 16.80 6.07 20.09
CA ARG G 351 16.68 5.01 21.09
C ARG G 351 16.87 5.57 22.49
N ASP G 352 17.83 6.47 22.67
CA ASP G 352 17.98 7.11 23.97
C ASP G 352 16.70 7.82 24.38
N ALA G 353 16.05 8.54 23.44
CA ALA G 353 14.82 9.24 23.76
C ALA G 353 13.71 8.27 24.17
N LEU G 354 13.59 7.15 23.47
CA LEU G 354 12.58 6.15 23.80
C LEU G 354 12.82 5.56 25.19
N PHE G 355 14.08 5.25 25.51
CA PHE G 355 14.42 4.69 26.82
C PHE G 355 14.07 5.67 27.93
N GLN G 356 14.33 6.96 27.74
CA GLN G 356 13.97 7.93 28.77
C GLN G 356 12.46 7.93 28.99
N ARG G 357 11.68 7.89 27.91
CA ARG G 357 10.23 7.90 28.05
C ARG G 357 9.74 6.68 28.82
N TYR G 358 10.24 5.49 28.45
CA TYR G 358 9.79 4.27 29.11
C TYR G 358 10.22 4.24 30.57
N SER G 359 11.44 4.71 30.88
CA SER G 359 11.86 4.79 32.27
C SER G 359 10.96 5.69 33.09
N LEU G 360 10.37 6.71 32.46
CA LEU G 360 9.55 7.68 33.19
C LEU G 360 8.09 7.29 33.27
N LEU G 361 7.71 6.12 32.76
CA LEU G 361 6.31 5.71 32.80
C LEU G 361 5.69 5.77 34.20
N PRO G 362 6.36 5.33 35.28
CA PRO G 362 5.75 5.49 36.62
C PRO G 362 5.44 6.93 36.94
N PHE G 363 6.29 7.86 36.49
CA PHE G 363 6.04 9.28 36.67
C PHE G 363 4.87 9.75 35.82
N TRP G 364 4.85 9.38 34.53
CA TRP G 364 3.74 9.74 33.66
C TRP G 364 2.41 9.20 34.19
N TYR G 365 2.41 7.94 34.64
CA TYR G 365 1.19 7.32 35.12
C TYR G 365 0.63 8.04 36.35
N THR G 366 1.53 8.42 37.26
CA THR G 366 1.11 9.12 38.48
C THR G 366 0.57 10.52 38.16
N LEU G 367 1.20 11.23 37.22
CA LEU G 367 0.67 12.53 36.82
C LEU G 367 -0.73 12.39 36.22
N PHE G 368 -0.95 11.35 35.43
CA PHE G 368 -2.28 11.17 34.87
C PHE G 368 -3.28 10.75 35.93
N TYR G 369 -2.84 10.01 36.95
CA TYR G 369 -3.77 9.71 38.04
C TYR G 369 -4.15 10.97 38.78
N GLN G 370 -3.20 11.89 38.98
CA GLN G 370 -3.53 13.17 39.60
C GLN G 370 -4.43 14.01 38.70
N ALA G 371 -4.21 13.98 37.38
CA ALA G 371 -5.13 14.66 36.48
C ALA G 371 -6.52 14.07 36.57
N HIS G 372 -6.61 12.75 36.69
CA HIS G 372 -7.89 12.05 36.77
C HIS G 372 -8.64 12.38 38.06
N LYS G 373 -7.94 12.47 39.19
CA LYS G 373 -8.63 12.67 40.47
C LYS G 373 -8.91 14.15 40.73
N GLU G 374 -7.99 15.04 40.36
CA GLU G 374 -8.07 16.45 40.76
C GLU G 374 -8.37 17.41 39.63
N GLY G 375 -8.18 17.02 38.37
CA GLY G 375 -8.33 17.97 37.27
C GLY G 375 -7.11 18.84 37.02
N PHE G 376 -5.94 18.42 37.49
CA PHE G 376 -4.73 19.21 37.25
C PHE G 376 -4.07 18.77 35.96
N PRO G 377 -3.65 19.68 35.09
CA PRO G 377 -3.03 19.28 33.82
C PRO G 377 -1.68 18.61 34.02
N VAL G 378 -1.39 17.67 33.12
CA VAL G 378 -0.11 16.97 33.15
C VAL G 378 1.01 17.87 32.61
N MET G 379 0.83 18.38 31.40
CA MET G 379 1.78 19.30 30.79
C MET G 379 1.40 20.72 31.20
N ARG G 380 2.37 21.51 31.65
CA ARG G 380 2.02 22.79 32.26
C ARG G 380 2.92 23.92 31.75
N PRO G 381 2.34 25.08 31.47
CA PRO G 381 3.16 26.28 31.26
C PRO G 381 3.90 26.64 32.53
N LEU G 382 5.03 27.33 32.38
CA LEU G 382 5.79 27.72 33.55
C LEU G 382 4.98 28.63 34.48
N TRP G 383 4.11 29.46 33.93
CA TRP G 383 3.39 30.41 34.77
C TRP G 383 2.35 29.74 35.67
N VAL G 384 1.99 28.49 35.37
CA VAL G 384 1.08 27.75 36.26
C VAL G 384 1.80 27.42 37.56
N GLN G 385 3.10 27.11 37.47
CA GLN G 385 3.92 26.77 38.63
CA GLN G 385 3.90 26.78 38.64
C GLN G 385 4.56 28.00 39.27
N TYR G 386 4.70 29.10 38.53
CA TYR G 386 5.32 30.33 39.02
C TYR G 386 4.44 31.51 38.64
N PRO G 387 3.24 31.60 39.22
CA PRO G 387 2.27 32.60 38.79
C PRO G 387 2.68 34.05 39.08
N GLU G 388 3.72 34.27 39.88
CA GLU G 388 4.21 35.61 40.20
C GLU G 388 5.45 36.00 39.41
N ASP G 389 6.01 35.07 38.62
CA ASP G 389 7.16 35.40 37.78
C ASP G 389 6.65 35.88 36.43
N MET G 390 6.60 37.20 36.26
CA MET G 390 6.01 37.79 35.06
C MET G 390 6.79 37.47 33.79
N SER G 391 8.07 37.14 33.90
CA SER G 391 8.84 36.78 32.71
C SER G 391 8.52 35.38 32.19
N THR G 392 7.61 34.64 32.84
CA THR G 392 7.16 33.34 32.34
C THR G 392 5.79 33.39 31.66
N PHE G 393 5.11 34.51 31.70
CA PHE G 393 3.70 34.54 31.30
C PHE G 393 3.50 34.21 29.83
N SER G 394 4.56 34.30 29.00
CA SER G 394 4.46 34.03 27.57
C SER G 394 5.38 32.92 27.10
N ILE G 395 6.10 32.25 27.99
CA ILE G 395 7.08 31.27 27.56
C ILE G 395 6.36 30.10 26.90
N GLU G 396 6.87 29.64 25.75
CA GLU G 396 6.28 28.52 25.04
C GLU G 396 7.31 27.65 24.35
N ASP G 397 8.61 27.86 24.56
CA ASP G 397 9.63 26.92 24.16
C ASP G 397 10.10 26.05 25.32
N GLN G 398 9.28 25.95 26.37
CA GLN G 398 9.62 25.29 27.63
C GLN G 398 8.33 24.93 28.32
N PHE G 399 8.32 23.80 29.02
CA PHE G 399 7.14 23.41 29.76
C PHE G 399 7.53 22.57 30.95
N MET G 400 6.55 22.34 31.82
CA MET G 400 6.73 21.49 32.99
C MET G 400 5.86 20.26 32.89
N LEU G 401 6.35 19.18 33.47
CA LEU G 401 5.56 17.97 33.70
C LEU G 401 5.28 17.92 35.20
N GLY G 402 4.01 18.07 35.56
CA GLY G 402 3.68 18.23 36.96
C GLY G 402 4.42 19.42 37.54
N ASP G 403 4.91 19.26 38.76
CA ASP G 403 5.76 20.27 39.40
C ASP G 403 7.22 19.86 39.44
N ALA G 404 7.58 18.73 38.82
CA ALA G 404 8.86 18.10 39.07
C ALA G 404 9.89 18.26 37.96
N LEU G 405 9.49 18.26 36.70
CA LEU G 405 10.44 18.28 35.59
C LEU G 405 10.18 19.48 34.70
N LEU G 406 11.25 20.18 34.36
CA LEU G 406 11.23 21.29 33.41
C LEU G 406 11.98 20.85 32.15
N ILE G 407 11.32 20.97 31.00
CA ILE G 407 11.81 20.46 29.73
C ILE G 407 12.00 21.62 28.76
N HIS G 408 13.16 21.66 28.09
CA HIS G 408 13.43 22.61 27.01
C HIS G 408 14.04 21.85 25.85
N PRO G 409 13.21 21.24 25.00
CA PRO G 409 13.76 20.46 23.88
C PRO G 409 14.44 21.36 22.85
N VAL G 410 15.47 20.81 22.21
CA VAL G 410 16.13 21.54 21.13
C VAL G 410 15.23 21.56 19.91
N SER G 411 14.94 22.75 19.40
CA SER G 411 14.02 22.88 18.25
C SER G 411 14.59 23.79 17.18
N ASP G 412 15.89 23.67 16.90
CA ASP G 412 16.56 24.40 15.82
C ASP G 412 17.63 23.52 15.23
N ALA G 413 17.72 23.51 13.90
CA ALA G 413 18.75 22.73 13.22
C ALA G 413 20.13 23.28 13.55
N GLY G 414 21.08 22.37 13.79
CA GLY G 414 22.46 22.73 14.02
C GLY G 414 22.72 23.53 15.27
N ALA G 415 21.79 23.55 16.22
CA ALA G 415 21.99 24.33 17.43
C ALA G 415 23.17 23.79 18.23
N HIS G 416 23.96 24.70 18.80
CA HIS G 416 25.03 24.33 19.70
C HIS G 416 24.66 24.52 21.16
N GLY G 417 23.52 25.12 21.44
CA GLY G 417 23.07 25.27 22.81
C GLY G 417 21.67 25.83 22.84
N VAL G 418 21.12 25.89 24.06
CA VAL G 418 19.82 26.51 24.30
C VAL G 418 19.94 27.43 25.51
N GLN G 419 19.02 28.37 25.59
CA GLN G 419 18.90 29.29 26.71
C GLN G 419 17.72 28.84 27.55
N VAL G 420 18.01 28.25 28.71
CA VAL G 420 16.99 27.65 29.57
C VAL G 420 16.74 28.62 30.71
N TYR G 421 15.48 29.02 30.87
CA TYR G 421 15.08 29.85 31.99
C TYR G 421 14.67 28.96 33.16
N LEU G 422 15.46 28.98 34.24
CA LEU G 422 15.15 28.24 35.44
C LEU G 422 14.49 29.18 36.43
N PRO G 423 13.19 29.10 36.65
CA PRO G 423 12.53 30.10 37.50
C PRO G 423 12.57 29.77 38.98
N GLY G 424 11.99 30.66 39.79
CA GLY G 424 11.79 30.41 41.21
C GLY G 424 12.79 31.07 42.14
N GLN G 425 12.31 31.93 43.03
CA GLN G 425 13.16 32.45 44.10
C GLN G 425 13.37 31.35 45.13
N GLU G 426 14.62 31.17 45.55
CA GLU G 426 14.97 30.12 46.51
C GLU G 426 14.66 28.73 45.97
N GLU G 427 14.79 28.54 44.66
CA GLU G 427 14.55 27.27 44.00
C GLU G 427 15.87 26.73 43.47
N VAL G 428 16.05 25.40 43.55
CA VAL G 428 17.19 24.72 42.95
C VAL G 428 16.68 23.82 41.84
N TRP G 429 17.54 23.61 40.85
CA TRP G 429 17.25 22.78 39.68
C TRP G 429 18.44 21.89 39.42
N TYR G 430 18.18 20.63 39.15
CA TYR G 430 19.24 19.68 38.85
C TYR G 430 19.13 19.28 37.39
N ASP G 431 20.22 19.50 36.65
CA ASP G 431 20.41 18.88 35.35
C ASP G 431 20.42 17.37 35.53
N ILE G 432 19.41 16.67 34.99
CA ILE G 432 19.31 15.24 35.27
C ILE G 432 20.35 14.41 34.52
N GLN G 433 21.10 15.00 33.59
CA GLN G 433 22.14 14.22 32.94
C GLN G 433 23.48 14.33 33.67
N SER G 434 23.88 15.55 34.03
CA SER G 434 25.14 15.77 34.73
C SER G 434 25.00 15.87 36.24
N TYR G 435 23.77 15.91 36.76
CA TYR G 435 23.45 16.14 38.17
C TYR G 435 23.91 17.51 38.66
N GLN G 436 24.29 18.39 37.74
CA GLN G 436 24.73 19.74 38.09
C GLN G 436 23.57 20.57 38.63
N LYS G 437 23.81 21.23 39.74
CA LYS G 437 22.79 22.04 40.42
C LYS G 437 22.83 23.47 39.89
N HIS G 438 21.64 24.08 39.79
CA HIS G 438 21.51 25.46 39.34
C HIS G 438 20.43 26.16 40.14
N HIS G 439 20.75 27.34 40.67
CA HIS G 439 19.80 28.11 41.46
C HIS G 439 18.98 29.03 40.56
N GLY G 440 17.72 29.23 40.94
CA GLY G 440 16.85 30.15 40.26
C GLY G 440 16.65 31.43 41.05
N PRO G 441 16.18 32.50 40.40
CA PRO G 441 15.89 32.52 38.96
C PRO G 441 17.12 32.89 38.12
N GLN G 442 17.25 32.28 36.95
CA GLN G 442 18.35 32.58 36.06
C GLN G 442 18.02 32.04 34.67
N THR G 443 18.73 32.58 33.68
CA THR G 443 18.73 32.03 32.33
C THR G 443 20.08 31.38 32.09
N LEU G 444 20.06 30.06 31.94
CA LEU G 444 21.26 29.27 31.80
C LEU G 444 21.49 28.98 30.32
N TYR G 445 22.73 29.15 29.86
CA TYR G 445 23.13 28.70 28.53
C TYR G 445 23.63 27.27 28.64
N LEU G 446 22.89 26.34 28.04
CA LEU G 446 23.25 24.92 28.11
C LEU G 446 23.73 24.43 26.76
N PRO G 447 25.00 24.06 26.62
CA PRO G 447 25.43 23.46 25.35
C PRO G 447 24.75 22.13 25.12
N VAL G 448 24.47 21.83 23.85
CA VAL G 448 23.76 20.62 23.48
C VAL G 448 24.50 19.92 22.34
N THR G 449 24.26 18.62 22.24
CA THR G 449 24.66 17.80 21.10
C THR G 449 23.40 17.17 20.50
N LEU G 450 23.60 16.26 19.54
CA LEU G 450 22.46 15.59 18.92
C LEU G 450 21.67 14.77 19.93
N SER G 451 22.32 14.25 20.97
CA SER G 451 21.66 13.40 21.95
C SER G 451 21.06 14.16 23.12
N SER G 452 21.16 15.49 23.12
CA SER G 452 20.75 16.26 24.28
C SER G 452 19.24 16.41 24.35
N ILE G 453 18.68 16.16 25.53
CA ILE G 453 17.32 16.58 25.83
C ILE G 453 17.40 17.37 27.14
N PRO G 454 17.46 18.70 27.08
CA PRO G 454 17.57 19.50 28.30
C PRO G 454 16.38 19.32 29.24
N VAL G 455 16.61 18.57 30.33
CA VAL G 455 15.61 18.27 31.33
C VAL G 455 16.19 18.59 32.71
N PHE G 456 15.40 19.25 33.55
CA PHE G 456 15.83 19.59 34.89
C PHE G 456 14.80 19.12 35.91
N GLN G 457 15.25 18.55 37.03
CA GLN G 457 14.36 18.14 38.10
C GLN G 457 14.36 19.20 39.19
N ARG G 458 13.16 19.56 39.66
CA ARG G 458 13.02 20.61 40.66
C ARG G 458 13.36 20.10 42.06
N GLY G 459 14.12 20.92 42.80
CA GLY G 459 14.38 20.60 44.19
C GLY G 459 13.09 20.49 44.99
N GLY G 460 13.04 19.50 45.86
CA GLY G 460 11.84 19.21 46.61
C GLY G 460 10.93 18.18 45.99
N THR G 461 11.38 17.45 44.97
CA THR G 461 10.51 16.49 44.31
C THR G 461 11.15 15.12 44.28
N ILE G 462 10.32 14.10 44.19
CA ILE G 462 10.76 12.71 44.08
C ILE G 462 10.09 12.08 42.87
N VAL G 463 10.90 11.59 41.94
CA VAL G 463 10.45 11.10 40.65
C VAL G 463 10.72 9.61 40.55
N PRO G 464 9.69 8.78 40.33
CA PRO G 464 9.91 7.33 40.20
C PRO G 464 10.16 6.90 38.76
N ARG G 465 11.12 5.99 38.59
CA ARG G 465 11.51 5.48 37.28
C ARG G 465 11.62 3.97 37.28
N TRP G 466 11.33 3.38 36.11
CA TRP G 466 11.64 2.00 35.77
C TRP G 466 12.94 2.03 34.98
N MET G 467 14.06 1.72 35.64
CA MET G 467 15.34 1.76 34.94
C MET G 467 15.59 0.52 34.08
N ARG G 468 14.75 -0.49 34.15
CA ARG G 468 14.91 -1.69 33.32
C ARG G 468 13.96 -1.55 32.13
N VAL G 469 14.47 -0.93 31.07
CA VAL G 469 13.64 -0.70 29.88
C VAL G 469 13.51 -2.02 29.11
N ARG G 470 12.27 -2.44 28.87
CA ARG G 470 11.99 -3.64 28.12
C ARG G 470 11.28 -3.29 26.81
N ARG G 471 10.78 -4.31 26.11
CA ARG G 471 10.29 -4.07 24.76
C ARG G 471 8.95 -3.36 24.73
N SER G 472 8.20 -3.38 25.83
CA SER G 472 6.91 -2.69 25.90
C SER G 472 6.55 -2.50 27.37
N SER G 473 5.51 -1.68 27.62
CA SER G 473 5.16 -1.37 29.01
C SER G 473 4.56 -2.58 29.74
N ASP G 474 3.85 -3.47 29.04
CA ASP G 474 3.35 -4.69 29.68
C ASP G 474 4.50 -5.51 30.26
N CYS G 475 5.63 -5.58 29.55
CA CYS G 475 6.76 -6.33 30.07
C CYS G 475 7.34 -5.71 31.33
N MET G 476 7.13 -4.42 31.55
CA MET G 476 7.79 -3.71 32.62
C MET G 476 6.94 -3.56 33.86
N LYS G 477 5.67 -3.93 33.83
CA LYS G 477 4.76 -3.41 34.83
C LYS G 477 4.86 -4.12 36.17
N ASP G 478 5.72 -5.12 36.32
CA ASP G 478 5.98 -5.73 37.61
C ASP G 478 7.41 -5.49 38.09
N ASP G 479 8.16 -4.59 37.42
CA ASP G 479 9.58 -4.37 37.64
C ASP G 479 9.83 -3.41 38.79
N PRO G 480 11.03 -3.47 39.39
CA PRO G 480 11.33 -2.59 40.52
C PRO G 480 11.54 -1.13 40.12
N ILE G 481 11.32 -0.26 41.12
CA ILE G 481 11.32 1.20 40.96
C ILE G 481 12.63 1.75 41.48
N THR G 482 13.17 2.75 40.78
CA THR G 482 14.26 3.59 41.27
C THR G 482 13.70 4.98 41.58
N LEU G 483 13.99 5.50 42.78
CA LEU G 483 13.49 6.80 43.20
C LEU G 483 14.60 7.86 43.06
N PHE G 484 14.28 8.97 42.39
CA PHE G 484 15.21 10.07 42.19
C PHE G 484 14.78 11.25 43.05
N VAL G 485 15.53 11.50 44.13
CA VAL G 485 15.19 12.49 45.14
C VAL G 485 16.03 13.74 44.90
N ALA G 486 15.36 14.85 44.58
CA ALA G 486 16.02 16.14 44.39
C ALA G 486 15.77 17.00 45.62
N LEU G 487 16.82 17.28 46.39
CA LEU G 487 16.66 17.97 47.66
C LEU G 487 16.43 19.47 47.49
N SER G 488 15.41 19.99 48.18
CA SER G 488 15.16 21.43 48.26
C SER G 488 16.29 22.13 49.03
N PRO G 489 16.29 23.46 49.07
CA PRO G 489 17.28 24.15 49.93
C PRO G 489 17.14 23.81 51.40
N GLN G 490 15.96 23.39 51.85
CA GLN G 490 15.77 22.97 53.23
C GLN G 490 16.06 21.48 53.42
N GLY G 491 16.69 20.83 52.45
CA GLY G 491 16.95 19.41 52.56
C GLY G 491 15.71 18.53 52.54
N THR G 492 14.64 18.96 51.87
CA THR G 492 13.40 18.21 51.84
C THR G 492 13.04 17.86 50.39
N ALA G 493 12.14 16.89 50.25
CA ALA G 493 11.60 16.47 48.97
C ALA G 493 10.38 15.61 49.22
N GLN G 494 9.50 15.55 48.23
CA GLN G 494 8.33 14.68 48.32
C GLN G 494 7.84 14.32 46.94
N GLY G 495 7.07 13.24 46.87
CA GLY G 495 6.55 12.76 45.61
C GLY G 495 5.54 11.67 45.85
N GLU G 496 4.83 11.30 44.78
CA GLU G 496 3.82 10.27 44.85
C GLU G 496 4.05 9.21 43.79
N LEU G 497 3.40 8.07 43.96
CA LEU G 497 3.46 7.00 42.96
C LEU G 497 2.13 6.28 42.98
N PHE G 498 1.46 6.24 41.83
CA PHE G 498 0.24 5.47 41.65
C PHE G 498 0.56 4.19 40.90
N LEU G 499 -0.03 3.07 41.35
CA LEU G 499 0.15 1.78 40.73
C LEU G 499 -1.18 1.04 40.74
N ASP G 500 -1.42 0.25 39.69
CA ASP G 500 -2.58 -0.64 39.65
C ASP G 500 -2.30 -1.75 38.62
N ASP G 501 -3.34 -2.42 38.13
CA ASP G 501 -3.08 -3.51 37.19
C ASP G 501 -2.74 -2.99 35.80
N GLY G 502 -2.94 -1.69 35.53
CA GLY G 502 -2.49 -1.07 34.31
C GLY G 502 -3.53 -0.97 33.21
N HIS G 503 -4.75 -1.49 33.40
CA HIS G 503 -5.69 -1.47 32.28
C HIS G 503 -7.18 -1.61 32.63
N THR G 504 -7.53 -1.93 33.88
CA THR G 504 -8.94 -2.11 34.23
C THR G 504 -9.42 -0.95 35.10
N PHE G 505 -10.72 -0.98 35.40
CA PHE G 505 -11.34 -0.07 36.36
C PHE G 505 -11.30 -0.64 37.79
N ASN G 506 -10.53 -1.70 38.04
CA ASN G 506 -10.47 -2.28 39.38
C ASN G 506 -9.97 -1.27 40.41
N TYR G 507 -9.18 -0.28 40.00
CA TYR G 507 -8.74 0.74 40.95
C TYR G 507 -9.92 1.47 41.57
N GLN G 508 -11.00 1.62 40.81
CA GLN G 508 -12.19 2.37 41.20
C GLN G 508 -13.32 1.46 41.69
N THR G 509 -13.54 0.33 41.04
CA THR G 509 -14.63 -0.56 41.43
C THR G 509 -14.27 -1.45 42.62
N ARG G 510 -12.99 -1.69 42.84
CA ARG G 510 -12.55 -2.59 43.90
C ARG G 510 -11.45 -1.99 44.76
N HIS G 511 -11.08 -0.73 44.53
CA HIS G 511 -10.00 -0.06 45.27
C HIS G 511 -8.71 -0.87 45.25
N GLU G 512 -8.43 -1.50 44.10
CA GLU G 512 -7.22 -2.29 43.92
C GLU G 512 -6.19 -1.43 43.20
N PHE G 513 -5.35 -0.77 44.00
CA PHE G 513 -4.34 0.17 43.54
C PHE G 513 -3.46 0.51 44.72
N LEU G 514 -2.36 1.19 44.45
CA LEU G 514 -1.51 1.77 45.48
C LEU G 514 -1.30 3.24 45.17
N LEU G 515 -1.40 4.08 46.20
CA LEU G 515 -0.97 5.47 46.10
C LEU G 515 0.02 5.70 47.23
N ARG G 516 1.30 5.79 46.90
CA ARG G 516 2.36 5.94 47.87
C ARG G 516 2.80 7.39 47.92
N ARG G 517 3.11 7.86 49.11
CA ARG G 517 3.78 9.13 49.31
C ARG G 517 5.21 8.85 49.72
N PHE G 518 6.15 9.47 49.03
CA PHE G 518 7.56 9.44 49.42
C PHE G 518 7.93 10.82 49.93
N SER G 519 8.57 10.88 51.08
CA SER G 519 8.94 12.16 51.67
C SER G 519 10.33 12.05 52.28
N PHE G 520 11.11 13.10 52.10
CA PHE G 520 12.47 13.20 52.62
C PHE G 520 12.59 14.46 53.46
N SER G 521 13.15 14.32 54.66
CA SER G 521 13.49 15.49 55.46
C SER G 521 14.57 15.08 56.45
N GLY G 522 15.41 16.05 56.78
CA GLY G 522 16.57 15.78 57.59
C GLY G 522 17.49 14.83 56.85
N SER G 523 17.48 13.56 57.27
CA SER G 523 18.32 12.57 56.61
C SER G 523 17.59 11.24 56.46
N THR G 524 16.26 11.31 56.32
CA THR G 524 15.39 10.14 56.33
C THR G 524 14.45 10.18 55.12
N LEU G 525 14.42 9.11 54.35
CA LEU G 525 13.45 8.89 53.30
C LEU G 525 12.36 7.96 53.82
N VAL G 526 11.12 8.38 53.72
CA VAL G 526 9.99 7.64 54.27
C VAL G 526 9.00 7.33 53.16
N SER G 527 8.51 6.10 53.13
CA SER G 527 7.37 5.73 52.29
C SER G 527 6.17 5.51 53.21
N SER G 528 5.08 6.18 52.89
CA SER G 528 3.82 6.01 53.62
C SER G 528 2.70 5.96 52.60
N SER G 529 1.51 5.57 53.06
CA SER G 529 0.34 5.53 52.21
C SER G 529 -0.24 6.93 52.02
N ALA G 530 -0.46 7.31 50.77
CA ALA G 530 -1.20 8.53 50.49
C ALA G 530 -2.70 8.29 50.35
N ASP G 531 -3.14 7.03 50.36
CA ASP G 531 -4.56 6.68 50.36
C ASP G 531 -4.71 5.28 50.92
N PRO G 532 -5.18 5.15 52.18
CA PRO G 532 -5.21 3.83 52.81
C PRO G 532 -6.23 2.88 52.22
N LYS G 533 -7.23 3.37 51.48
CA LYS G 533 -8.24 2.49 50.91
C LYS G 533 -7.69 1.63 49.76
N GLY G 534 -6.52 1.95 49.24
CA GLY G 534 -5.96 1.25 48.10
C GLY G 534 -5.00 0.15 48.49
N HIS G 535 -5.31 -1.08 48.07
CA HIS G 535 -4.45 -2.23 48.27
C HIS G 535 -4.23 -2.93 46.93
N LEU G 536 -3.05 -3.54 46.77
CA LEU G 536 -2.71 -4.13 45.48
C LEU G 536 -1.73 -5.27 45.65
N GLU G 537 -2.01 -6.39 45.00
CA GLU G 537 -1.04 -7.47 44.90
C GLU G 537 -0.06 -7.13 43.78
N THR G 538 1.21 -6.94 44.14
CA THR G 538 2.25 -6.56 43.19
C THR G 538 3.61 -7.06 43.65
N PRO G 539 4.46 -7.53 42.73
CA PRO G 539 5.85 -7.83 43.10
C PRO G 539 6.77 -6.63 43.05
N ILE G 540 6.26 -5.44 42.72
CA ILE G 540 7.13 -4.28 42.55
C ILE G 540 7.83 -3.94 43.86
N TRP G 541 9.13 -3.68 43.78
CA TRP G 541 9.95 -3.36 44.94
C TRP G 541 10.87 -2.19 44.60
N ILE G 542 11.51 -1.64 45.62
CA ILE G 542 12.42 -0.50 45.44
C ILE G 542 13.84 -1.04 45.30
N GLU G 543 14.41 -0.92 44.12
CA GLU G 543 15.75 -1.46 43.87
C GLU G 543 16.84 -0.43 44.00
N ARG G 544 16.50 0.86 44.08
CA ARG G 544 17.57 1.85 44.07
C ARG G 544 16.99 3.19 44.49
N VAL G 545 17.82 3.98 45.17
CA VAL G 545 17.48 5.36 45.52
C VAL G 545 18.66 6.24 45.13
N VAL G 546 18.38 7.29 44.35
CA VAL G 546 19.37 8.26 43.93
C VAL G 546 18.99 9.59 44.55
N ILE G 547 19.87 10.15 45.37
CA ILE G 547 19.59 11.38 46.10
C ILE G 547 20.51 12.47 45.58
N MET G 548 19.94 13.52 45.00
CA MET G 548 20.71 14.63 44.45
C MET G 548 20.80 15.75 45.47
N GLY G 549 22.02 16.24 45.70
CA GLY G 549 22.25 17.32 46.64
C GLY G 549 22.53 16.87 48.05
N ALA G 550 23.03 15.65 48.25
CA ALA G 550 23.23 15.07 49.57
C ALA G 550 24.70 14.83 49.84
N GLY G 551 25.09 14.96 51.11
CA GLY G 551 26.43 14.64 51.52
C GLY G 551 26.63 13.16 51.78
N LYS G 552 27.88 12.78 52.02
CA LYS G 552 28.20 11.38 52.23
C LYS G 552 27.89 10.99 53.68
N PRO G 553 27.04 10.00 53.90
CA PRO G 553 26.76 9.56 55.26
C PRO G 553 27.84 8.59 55.73
N ALA G 554 27.81 8.31 57.04
CA ALA G 554 28.70 7.29 57.57
C ALA G 554 28.10 5.91 57.40
N ALA G 555 26.77 5.81 57.44
CA ALA G 555 26.07 4.54 57.28
C ALA G 555 24.63 4.82 56.86
N VAL G 556 24.03 3.83 56.20
CA VAL G 556 22.66 3.91 55.73
C VAL G 556 21.90 2.69 56.27
N VAL G 557 20.77 2.93 56.93
CA VAL G 557 19.97 1.88 57.54
C VAL G 557 18.55 1.94 57.01
N LEU G 558 17.98 0.77 56.74
CA LEU G 558 16.61 0.63 56.25
C LEU G 558 15.75 0.01 57.34
N GLN G 559 14.56 0.58 57.56
CA GLN G 559 13.56 0.02 58.45
C GLN G 559 12.28 -0.20 57.68
N THR G 560 11.71 -1.39 57.80
CA THR G 560 10.45 -1.75 57.16
C THR G 560 9.53 -2.35 58.21
N LYS G 561 8.25 -1.97 58.15
CA LYS G 561 7.26 -2.65 58.99
C LYS G 561 7.32 -4.13 58.71
N GLY G 562 7.47 -4.93 59.77
CA GLY G 562 7.53 -6.37 59.66
C GLY G 562 8.91 -6.95 59.42
N SER G 563 9.96 -6.13 59.38
CA SER G 563 11.29 -6.60 59.07
C SER G 563 12.30 -6.05 60.08
N PRO G 564 13.39 -6.77 60.32
CA PRO G 564 14.46 -6.22 61.14
C PRO G 564 15.15 -5.07 60.43
N GLU G 565 15.83 -4.25 61.22
CA GLU G 565 16.60 -3.16 60.66
C GLU G 565 17.77 -3.68 59.83
N SER G 566 17.93 -3.12 58.64
CA SER G 566 18.88 -3.61 57.65
C SER G 566 19.91 -2.53 57.34
N ARG G 567 21.06 -2.95 56.85
CA ARG G 567 22.16 -2.06 56.49
C ARG G 567 22.28 -2.06 54.97
N LEU G 568 22.42 -0.88 54.37
CA LEU G 568 22.50 -0.73 52.92
C LEU G 568 23.85 -0.17 52.52
N SER G 569 24.46 -0.74 51.49
CA SER G 569 25.66 -0.15 50.92
C SER G 569 25.30 1.00 49.97
N PHE G 570 26.26 1.89 49.75
CA PHE G 570 25.98 3.10 49.00
C PHE G 570 27.26 3.58 48.31
N GLN G 571 27.06 4.52 47.38
CA GLN G 571 28.13 5.20 46.67
C GLN G 571 27.82 6.69 46.69
N HIS G 572 28.84 7.51 46.89
CA HIS G 572 28.67 8.95 46.93
C HIS G 572 29.68 9.59 45.98
N ASP G 573 29.20 10.57 45.24
CA ASP G 573 30.05 11.34 44.34
C ASP G 573 30.29 12.70 44.98
N PRO G 574 31.49 12.98 45.49
CA PRO G 574 31.73 14.28 46.15
C PRO G 574 31.69 15.45 45.19
N GLU G 575 31.92 15.21 43.90
CA GLU G 575 31.89 16.29 42.92
C GLU G 575 30.46 16.77 42.68
N THR G 576 29.53 15.83 42.47
CA THR G 576 28.16 16.16 42.16
C THR G 576 27.21 16.12 43.35
N SER G 577 27.68 15.68 44.52
CA SER G 577 26.82 15.49 45.70
C SER G 577 25.62 14.60 45.39
N VAL G 578 25.89 13.44 44.78
CA VAL G 578 24.86 12.46 44.43
C VAL G 578 25.10 11.21 45.26
N LEU G 579 24.05 10.76 45.94
CA LEU G 579 24.11 9.55 46.77
C LEU G 579 23.21 8.48 46.16
N ILE G 580 23.77 7.30 45.93
CA ILE G 580 23.04 6.16 45.36
C ILE G 580 22.95 5.08 46.43
N LEU G 581 21.73 4.73 46.83
CA LEU G 581 21.51 3.68 47.82
C LEU G 581 21.24 2.37 47.09
N ARG G 582 22.05 1.35 47.38
CA ARG G 582 21.97 0.07 46.70
C ARG G 582 20.84 -0.79 47.26
N LYS G 583 20.03 -1.34 46.35
CA LYS G 583 19.07 -2.41 46.56
C LYS G 583 18.38 -2.36 47.92
N PRO G 584 17.52 -1.39 48.19
CA PRO G 584 16.73 -1.45 49.43
C PRO G 584 15.93 -2.74 49.55
N GLY G 585 15.39 -3.26 48.44
CA GLY G 585 14.76 -4.55 48.41
C GLY G 585 13.38 -4.62 49.02
N VAL G 586 12.76 -3.51 49.29
CA VAL G 586 11.51 -3.47 50.04
C VAL G 586 10.34 -3.41 49.06
N SER G 587 9.26 -4.12 49.40
CA SER G 587 8.03 -4.05 48.62
C SER G 587 7.48 -2.63 48.59
N VAL G 588 6.98 -2.24 47.41
CA VAL G 588 6.41 -0.91 47.24
C VAL G 588 5.10 -0.76 48.01
N ALA G 589 4.51 -1.87 48.43
CA ALA G 589 3.29 -1.81 49.24
C ALA G 589 3.57 -1.64 50.73
N SER G 590 4.83 -1.70 51.15
CA SER G 590 5.20 -1.64 52.56
C SER G 590 5.58 -0.22 52.97
N ASP G 591 5.18 0.16 54.19
CA ASP G 591 5.77 1.35 54.81
C ASP G 591 7.23 1.06 55.13
N TRP G 592 8.09 2.04 54.89
CA TRP G 592 9.50 1.87 55.21
C TRP G 592 10.15 3.24 55.38
N SER G 593 11.37 3.22 55.90
CA SER G 593 12.14 4.43 56.09
C SER G 593 13.61 4.09 55.95
N ILE G 594 14.36 4.97 55.30
CA ILE G 594 15.80 4.84 55.11
C ILE G 594 16.46 6.03 55.82
N HIS G 595 17.38 5.76 56.74
CA HIS G 595 18.02 6.80 57.54
CA HIS G 595 18.02 6.80 57.54
C HIS G 595 19.49 6.90 57.16
N LEU G 596 19.93 8.12 56.86
CA LEU G 596 21.33 8.41 56.57
C LEU G 596 22.01 8.82 57.88
N ARG G 597 22.88 7.95 58.39
CA ARG G 597 23.54 8.16 59.66
C ARG G 597 24.86 8.91 59.49
N SER H 51 35.16 -19.28 51.31
CA SER H 51 35.02 -19.30 49.86
C SER H 51 35.35 -17.95 49.22
N LYS H 52 35.87 -17.97 47.98
CA LYS H 52 36.33 -16.76 47.33
C LYS H 52 35.14 -15.93 46.83
N PRO H 53 35.22 -14.59 46.92
CA PRO H 53 34.17 -13.75 46.34
C PRO H 53 34.24 -13.70 44.83
N PHE H 54 33.27 -13.02 44.20
CA PHE H 54 33.18 -12.90 42.76
C PHE H 54 33.76 -11.57 42.30
N THR H 55 34.51 -11.59 41.21
CA THR H 55 35.05 -10.38 40.61
C THR H 55 34.52 -10.22 39.20
N CYS H 56 34.15 -8.99 38.84
CA CYS H 56 33.57 -8.72 37.54
C CYS H 56 34.54 -9.11 36.43
N LEU H 57 34.00 -9.34 35.24
CA LEU H 57 34.84 -9.60 34.08
C LEU H 57 35.59 -8.36 33.61
N ASP H 58 35.20 -7.16 34.06
CA ASP H 58 35.92 -5.94 33.76
C ASP H 58 36.65 -5.37 34.98
N GLY H 59 36.68 -6.11 36.09
CA GLY H 59 37.49 -5.73 37.24
C GLY H 59 37.07 -4.45 37.94
N THR H 60 35.85 -3.98 37.71
CA THR H 60 35.41 -2.73 38.32
C THR H 60 35.06 -2.88 39.79
N ALA H 61 34.87 -4.11 40.26
CA ALA H 61 34.57 -4.33 41.68
C ALA H 61 34.84 -5.80 42.00
N THR H 62 34.53 -6.16 43.24
CA THR H 62 34.56 -7.55 43.68
C THR H 62 33.50 -7.67 44.75
N ILE H 63 32.61 -8.65 44.58
CA ILE H 63 31.44 -8.76 45.43
C ILE H 63 31.36 -10.19 45.93
N PRO H 64 30.74 -10.45 47.08
CA PRO H 64 30.50 -11.85 47.47
C PRO H 64 29.57 -12.50 46.46
N PHE H 65 29.64 -13.82 46.39
CA PHE H 65 28.75 -14.51 45.46
C PHE H 65 27.28 -14.34 45.81
N ASP H 66 26.96 -13.82 47.00
CA ASP H 66 25.55 -13.57 47.26
C ASP H 66 25.05 -12.33 46.52
N GLN H 67 25.92 -11.66 45.76
CA GLN H 67 25.54 -10.57 44.86
C GLN H 67 25.72 -10.96 43.39
N VAL H 68 25.93 -12.23 43.10
CA VAL H 68 25.81 -12.75 41.74
C VAL H 68 24.40 -13.28 41.59
N ASN H 69 23.72 -12.87 40.51
CA ASN H 69 22.32 -13.25 40.26
C ASN H 69 21.43 -12.90 41.44
N ASP H 70 21.72 -11.78 42.09
CA ASP H 70 20.85 -11.30 43.16
C ASP H 70 19.86 -10.23 42.67
N ASP H 71 19.69 -10.11 41.35
CA ASP H 71 18.67 -9.22 40.76
C ASP H 71 18.93 -7.75 41.06
N TYR H 72 20.21 -7.37 41.19
CA TYR H 72 20.62 -5.98 41.24
C TYR H 72 21.92 -5.89 40.48
N CYS H 73 22.05 -4.89 39.61
CA CYS H 73 23.22 -4.80 38.74
C CYS H 73 24.38 -4.17 39.50
N ASP H 74 25.44 -4.95 39.72
CA ASP H 74 26.62 -4.45 40.43
C ASP H 74 27.86 -4.30 39.56
N CYS H 75 27.91 -4.92 38.39
CA CYS H 75 29.07 -4.83 37.51
C CYS H 75 28.77 -3.95 36.31
N LYS H 76 29.75 -3.12 35.94
CA LYS H 76 29.56 -2.21 34.81
C LYS H 76 29.33 -2.98 33.51
N ASP H 77 29.86 -4.21 33.41
CA ASP H 77 29.67 -5.03 32.22
C ASP H 77 28.48 -5.97 32.34
N GLY H 78 27.77 -5.95 33.46
CA GLY H 78 26.61 -6.80 33.61
C GLY H 78 26.91 -8.24 33.95
N SER H 79 28.19 -8.56 34.18
CA SER H 79 28.59 -9.96 34.31
C SER H 79 28.18 -10.60 35.62
N ASP H 80 27.69 -9.82 36.59
CA ASP H 80 27.24 -10.39 37.85
C ASP H 80 25.80 -10.87 37.82
N GLU H 81 25.07 -10.66 36.71
CA GLU H 81 23.67 -11.04 36.60
C GLU H 81 23.40 -11.80 35.31
N PRO H 82 24.09 -12.93 35.08
CA PRO H 82 23.84 -13.69 33.84
C PRO H 82 22.47 -14.36 33.82
N GLY H 83 21.79 -14.48 34.96
CA GLY H 83 20.52 -15.17 35.00
C GLY H 83 19.28 -14.32 35.22
N THR H 84 19.44 -12.99 35.25
CA THR H 84 18.36 -12.08 35.62
C THR H 84 18.21 -10.96 34.60
N ALA H 85 17.24 -10.08 34.86
CA ALA H 85 17.01 -8.90 34.04
C ALA H 85 17.58 -7.63 34.66
N ALA H 86 18.50 -7.75 35.61
CA ALA H 86 18.93 -6.60 36.40
C ALA H 86 19.94 -5.72 35.68
N CYS H 87 20.73 -6.28 34.76
CA CYS H 87 21.69 -5.35 34.16
C CYS H 87 21.24 -4.92 32.77
N PRO H 88 21.40 -3.63 32.44
CA PRO H 88 20.93 -3.15 31.14
C PRO H 88 21.75 -3.64 29.97
N ASN H 89 22.98 -4.10 30.20
CA ASN H 89 23.86 -4.54 29.12
C ASN H 89 24.23 -6.01 29.28
N GLY H 90 23.47 -6.76 30.07
CA GLY H 90 23.77 -8.16 30.25
C GLY H 90 23.21 -9.04 29.14
N SER H 91 23.56 -10.32 29.21
CA SER H 91 23.09 -11.31 28.26
C SER H 91 22.69 -12.57 29.03
N PHE H 92 21.67 -13.24 28.51
CA PHE H 92 21.16 -14.50 29.05
C PHE H 92 21.42 -15.58 28.01
N HIS H 93 21.92 -16.72 28.46
CA HIS H 93 22.33 -17.79 27.56
C HIS H 93 21.22 -18.83 27.46
N CYS H 94 20.64 -18.95 26.28
CA CYS H 94 19.71 -20.03 25.98
C CYS H 94 20.52 -21.27 25.63
N THR H 95 20.51 -22.26 26.51
CA THR H 95 21.27 -23.47 26.22
C THR H 95 20.69 -24.19 25.01
N ASN H 96 19.36 -24.28 24.93
CA ASN H 96 18.65 -24.90 23.81
C ASN H 96 19.19 -26.31 23.54
N THR H 97 19.07 -27.16 24.58
CA THR H 97 19.68 -28.48 24.58
C THR H 97 19.42 -29.23 23.29
N GLY H 98 20.51 -29.69 22.67
CA GLY H 98 20.44 -30.45 21.44
C GLY H 98 20.42 -29.63 20.17
N TYR H 99 20.34 -28.30 20.26
CA TYR H 99 20.21 -27.45 19.09
C TYR H 99 21.17 -26.27 19.21
N LYS H 100 20.92 -25.22 18.45
CA LYS H 100 21.80 -24.07 18.44
C LYS H 100 21.58 -23.22 19.68
N PRO H 101 22.61 -22.91 20.46
CA PRO H 101 22.46 -21.99 21.58
C PRO H 101 22.28 -20.56 21.07
N LEU H 102 21.83 -19.70 21.99
CA LEU H 102 21.50 -18.32 21.65
C LEU H 102 21.73 -17.45 22.87
N TYR H 103 22.22 -16.23 22.62
CA TYR H 103 22.30 -15.20 23.65
C TYR H 103 21.22 -14.18 23.38
N ILE H 104 20.50 -13.77 24.44
CA ILE H 104 19.48 -12.75 24.34
C ILE H 104 19.81 -11.65 25.34
N LEU H 105 19.15 -10.50 25.15
CA LEU H 105 19.32 -9.40 26.09
C LEU H 105 18.76 -9.76 27.46
N SER H 106 19.44 -9.27 28.50
CA SER H 106 18.97 -9.48 29.87
C SER H 106 17.59 -8.90 30.08
N SER H 107 17.27 -7.80 29.37
CA SER H 107 15.95 -7.20 29.48
C SER H 107 14.83 -8.10 28.95
N ARG H 108 15.16 -9.20 28.29
CA ARG H 108 14.16 -10.13 27.83
C ARG H 108 14.08 -11.38 28.70
N VAL H 109 14.72 -11.34 29.87
CA VAL H 109 14.56 -12.40 30.87
C VAL H 109 13.34 -12.06 31.71
N ASN H 110 12.38 -12.99 31.74
CA ASN H 110 11.15 -12.82 32.52
C ASN H 110 10.41 -11.56 32.12
N ASP H 111 10.39 -11.26 30.81
CA ASP H 111 9.53 -10.20 30.30
C ASP H 111 8.16 -10.70 29.89
N GLY H 112 7.86 -12.00 30.09
CA GLY H 112 6.60 -12.57 29.66
C GLY H 112 6.53 -12.95 28.21
N VAL H 113 7.63 -12.85 27.47
CA VAL H 113 7.72 -13.17 26.04
C VAL H 113 8.68 -14.33 25.87
N CYS H 114 8.32 -15.30 25.02
CA CYS H 114 9.16 -16.47 24.80
C CYS H 114 10.28 -16.13 23.82
N ASP H 115 11.50 -15.99 24.34
CA ASP H 115 12.64 -15.66 23.50
C ASP H 115 13.52 -16.85 23.15
N CYS H 116 13.82 -17.72 24.11
CA CYS H 116 14.55 -18.95 23.79
C CYS H 116 13.57 -20.02 23.33
N CYS H 117 14.00 -20.85 22.38
CA CYS H 117 13.13 -21.95 21.96
C CYS H 117 12.91 -22.96 23.08
N ASP H 118 13.86 -23.09 24.02
CA ASP H 118 13.67 -24.02 25.13
C ASP H 118 12.86 -23.40 26.28
N GLY H 119 12.56 -22.11 26.20
CA GLY H 119 11.67 -21.46 27.15
C GLY H 119 12.29 -21.06 28.47
N THR H 120 13.61 -21.23 28.63
CA THR H 120 14.26 -21.01 29.92
C THR H 120 14.43 -19.53 30.26
N ASP H 121 14.20 -18.61 29.32
CA ASP H 121 14.21 -17.20 29.66
C ASP H 121 12.99 -16.79 30.46
N GLU H 122 11.96 -17.63 30.51
CA GLU H 122 10.74 -17.36 31.27
C GLU H 122 10.61 -18.42 32.35
N TYR H 123 11.11 -18.09 33.55
CA TYR H 123 11.03 -18.99 34.68
C TYR H 123 10.30 -18.42 35.87
N ASN H 124 9.91 -17.15 35.83
CA ASN H 124 9.22 -16.52 36.96
C ASN H 124 8.39 -15.33 36.48
N SER H 125 7.63 -15.51 35.40
CA SER H 125 6.84 -14.41 34.83
C SER H 125 5.37 -14.72 34.65
N GLY H 126 4.93 -15.95 34.89
CA GLY H 126 3.56 -16.31 34.60
C GLY H 126 3.34 -16.75 33.17
N THR H 127 4.29 -16.53 32.28
CA THR H 127 4.23 -17.03 30.92
C THR H 127 4.94 -18.38 30.89
N VAL H 128 4.23 -19.43 30.49
CA VAL H 128 4.81 -20.76 30.36
C VAL H 128 5.14 -20.99 28.89
N CYS H 129 6.43 -21.09 28.59
CA CYS H 129 6.91 -21.30 27.23
C CYS H 129 7.15 -22.77 27.01
N GLU H 130 6.65 -23.31 25.90
CA GLU H 130 6.94 -24.68 25.51
C GLU H 130 8.23 -24.75 24.73
N ASN H 131 8.82 -25.94 24.71
CA ASN H 131 10.02 -26.17 23.93
C ASN H 131 9.66 -26.34 22.46
N THR H 132 10.22 -25.49 21.60
CA THR H 132 9.95 -25.50 20.17
C THR H 132 11.24 -25.54 19.38
N CYS H 133 12.31 -26.11 19.96
CA CYS H 133 13.60 -26.05 19.30
C CYS H 133 13.69 -26.94 18.06
N ARG H 134 12.83 -27.93 17.92
CA ARG H 134 12.81 -28.69 16.67
C ARG H 134 12.39 -27.80 15.49
C1 PGE I . -23.50 -26.10 -25.56
O1 PGE I . -24.73 -26.62 -26.06
C2 PGE I . -22.48 -26.05 -26.68
O2 PGE I . -21.16 -26.09 -26.13
C3 PGE I . -20.23 -26.80 -26.94
C4 PGE I . -20.83 -28.12 -27.37
O4 PGE I . -20.97 -32.30 -28.62
C6 PGE I . -20.65 -30.95 -28.96
C5 PGE I . -20.06 -30.28 -27.73
O3 PGE I . -19.85 -28.91 -27.98
C1 EDO J . -16.18 -39.48 -34.32
O1 EDO J . -16.26 -38.25 -35.04
C2 EDO J . -17.46 -40.26 -34.53
O2 EDO J . -18.59 -39.39 -34.33
S SO4 K . -24.02 -50.07 -18.78
O1 SO4 K . -23.69 -49.36 -20.02
O2 SO4 K . -25.06 -49.34 -18.05
O3 SO4 K . -22.83 -50.17 -17.93
O4 SO4 K . -24.49 -51.41 -19.11
O1 PG4 L . -4.55 -22.26 -0.86
C1 PG4 L . -3.74 -21.13 -0.69
C2 PG4 L . -2.26 -21.54 -0.57
O2 PG4 L . -1.44 -20.41 -0.46
C3 PG4 L . -0.78 -20.28 0.77
C4 PG4 L . -0.29 -18.85 1.00
O3 PG4 L . -1.19 -18.12 1.81
C5 PG4 L . -0.63 -17.04 2.52
C6 PG4 L . -1.71 -16.23 3.25
O4 PG4 L . -2.70 -17.09 3.75
C7 PG4 L . -3.65 -16.51 4.60
C8 PG4 L . -5.05 -16.64 3.99
O5 PG4 L . -5.92 -17.32 4.86
C1 EDO M . -2.45 -18.93 -4.72
O1 EDO M . -1.41 -19.78 -5.22
C2 EDO M . -2.28 -17.50 -5.21
O2 EDO M . -1.98 -17.42 -6.63
C1 EDO N . 9.82 -36.48 -15.70
O1 EDO N . 10.05 -35.73 -14.50
C2 EDO N . 8.42 -37.06 -15.65
O2 EDO N . 8.39 -38.18 -14.75
N1 WAV O . 0.04 -14.07 -7.59
N3 WAV O . -3.24 -17.21 -0.94
C4 WAV O . 0.71 -12.13 -9.51
C5 WAV O . -0.27 -13.26 -9.83
C6 WAV O . -1.01 -13.67 -8.54
C7 WAV O . -1.77 -9.99 -7.34
C8 WAV O . -0.42 -14.94 -6.56
C10 WAV O . 0.42 -14.78 -2.90
C13 WAV O . -2.54 -13.64 0.35
C15 WAV O . -4.92 -14.26 0.73
C17 WAV O . -3.39 -15.81 -0.33
C1 WAV O . -1.76 -12.47 -7.95
C11 WAV O . -0.80 -15.54 -2.20
C12 WAV O . -2.32 -14.89 -0.24
C14 WAV O . -3.82 -13.30 0.84
C16 WAV O . -4.69 -15.46 0.18
C2 WAV O . -0.91 -11.25 -7.75
C3 WAV O . -0.03 -10.89 -9.00
C9 WAV O . -0.04 -14.27 -5.20
N2 WAV O . -0.98 -15.23 -0.75
N4 WAV O . -6.25 -13.93 1.21
N5 WAV O . -7.36 -14.46 0.64
N6 WAV O . -8.26 -13.50 0.15
O1 WAV O . -2.85 -9.89 -8.23
O2 WAV O . -0.04 -11.50 -6.73
O3 WAV O . 0.93 -9.95 -8.56
O4 WAV O . 1.50 -11.79 -10.64
O5 WAV O . 0.40 -14.37 -10.36
O6 WAV O . 0.45 -15.25 -4.26
O7 WAV O . -2.01 -17.67 -1.47
O8 WAV O . -4.37 -18.08 -0.97
O1 PG4 P . 11.32 12.29 -43.89
C1 PG4 P . 10.91 12.02 -45.22
C2 PG4 P . 12.00 11.26 -45.98
O2 PG4 P . 13.11 12.09 -46.23
C3 PG4 P . 14.18 11.91 -45.35
C4 PG4 P . 15.28 12.96 -45.59
O3 PG4 P . 16.34 12.72 -44.71
C5 PG4 P . 17.20 13.79 -44.52
C6 PG4 P . 16.92 14.45 -43.17
O4 PG4 P . 17.81 15.50 -42.98
C7 PG4 P . 17.76 16.47 -43.98
C8 PG4 P . 18.73 17.61 -43.64
O5 PG4 P . 19.53 17.88 -44.76
C1 PGE Q . 23.05 8.18 -19.96
O1 PGE Q . 22.30 8.61 -21.09
C2 PGE Q . 22.12 8.10 -18.77
O2 PGE Q . 22.69 8.70 -17.61
C3 PGE Q . 21.80 8.69 -16.51
C4 PGE Q . 21.79 10.02 -15.78
O4 PGE Q . 18.76 10.06 -18.93
C6 PGE Q . 19.65 11.05 -18.43
C5 PGE Q . 19.87 10.82 -16.94
O3 PGE Q . 21.23 11.02 -16.62
C1 EDO R . 23.05 5.03 -22.51
O1 EDO R . 24.18 5.36 -21.69
C2 EDO R . 23.35 3.74 -23.26
O2 EDO R . 23.36 2.64 -22.34
C1 EDO S . 16.22 7.44 -23.03
O1 EDO S . 16.20 8.15 -24.27
C2 EDO S . 16.17 8.48 -21.93
O2 EDO S . 14.78 8.64 -21.64
C1 EDO T . 26.44 2.32 -34.74
O1 EDO T . 27.72 1.67 -34.72
C2 EDO T . 26.62 3.82 -34.95
O2 EDO T . 25.52 4.54 -34.38
C1 PGE U . -26.00 -18.37 -5.12
O1 PGE U . -25.87 -19.02 -3.85
C2 PGE U . -27.41 -17.85 -5.29
O2 PGE U . -27.94 -18.19 -6.56
C3 PGE U . -28.88 -19.22 -6.48
C4 PGE U . -30.02 -19.01 -7.47
O4 PGE U . -31.65 -22.96 -5.34
C6 PGE U . -31.71 -22.17 -6.52
C5 PGE U . -31.13 -20.80 -6.27
O3 PGE U . -30.84 -20.16 -7.51
C1 PGE V . 17.14 1.60 -57.50
O1 PGE V . 17.73 1.97 -58.74
C2 PGE V . 17.06 0.09 -57.41
O2 PGE V . 15.75 -0.28 -57.04
C3 PGE V . 15.67 -1.53 -56.36
C4 PGE V . 15.48 -2.64 -57.37
O4 PGE V . 12.73 -3.28 -60.44
C6 PGE V . 12.65 -3.64 -59.06
C5 PGE V . 13.30 -2.54 -58.26
O3 PGE V . 14.14 -3.11 -57.28
C1 EDO W . 2.62 -26.58 -45.36
O1 EDO W . 3.97 -26.48 -44.92
C2 EDO W . 2.21 -28.04 -45.25
O2 EDO W . 3.36 -28.80 -45.61
C1 PEG X . 17.00 -19.61 -42.47
O1 PEG X . 17.01 -18.31 -43.02
C2 PEG X . 15.62 -19.95 -41.91
O2 PEG X . 15.72 -21.18 -41.24
C3 PEG X . 15.80 -22.31 -42.07
C4 PEG X . 16.32 -23.50 -41.24
O4 PEG X . 16.18 -24.70 -41.94
C1 EDO Y . 4.30 5.12 -38.13
O1 EDO Y . 5.05 4.24 -37.28
C2 EDO Y . 4.99 5.19 -39.49
O2 EDO Y . 6.00 6.21 -39.46
C1 EDO Z . 13.22 12.77 -38.73
O1 EDO Z . 14.48 12.11 -38.53
C2 EDO Z . 12.07 11.84 -38.32
O2 EDO Z . 12.04 10.71 -39.20
C1 EDO AA . -12.68 8.97 -23.28
O1 EDO AA . -11.95 8.54 -22.11
C2 EDO AA . -12.31 8.08 -24.46
O2 EDO AA . -12.78 8.67 -25.68
C1 PEG BA . 25.96 -29.56 -26.01
O1 PEG BA . 26.34 -29.04 -24.77
C2 PEG BA . 26.08 -28.48 -27.10
O2 PEG BA . 27.39 -28.35 -27.57
C3 PEG BA . 27.86 -29.45 -28.31
C4 PEG BA . 29.23 -29.15 -28.92
O4 PEG BA . 30.04 -30.29 -28.82
C1 EDO CA . 26.91 -24.06 -24.56
O1 EDO CA . 26.92 -24.34 -23.15
C2 EDO CA . 25.86 -24.89 -25.28
O2 EDO CA . 24.57 -24.60 -24.76
C1 EDO DA . 36.91 -22.70 -35.87
O1 EDO DA . 37.39 -22.51 -34.53
C2 EDO DA . 35.98 -23.91 -35.91
O2 EDO DA . 35.65 -24.21 -37.27
C1 EDO EA . 6.96 -13.02 -43.92
O1 EDO EA . 8.04 -12.12 -44.15
C2 EDO EA . 5.64 -12.29 -44.12
O2 EDO EA . 4.66 -13.24 -44.56
C1 EDO FA . -10.23 -7.46 -35.97
O1 EDO FA . -10.00 -8.88 -35.84
C2 EDO FA . -10.33 -7.07 -37.44
O2 EDO FA . -11.07 -5.85 -37.55
C1 EDO GA . 14.74 -8.64 -39.51
O1 EDO GA . 13.51 -8.17 -38.94
C2 EDO GA . 14.58 -10.08 -39.95
O2 EDO GA . 15.47 -10.24 -41.06
C1 EDO HA . 30.87 -10.04 -12.82
O1 EDO HA . 29.70 -9.82 -12.02
C2 EDO HA . 30.47 -10.70 -14.14
O2 EDO HA . 29.78 -11.93 -13.84
C1 PGE IA . 21.81 -31.04 -21.56
O1 PGE IA . 21.81 -32.46 -21.67
C2 PGE IA . 20.52 -30.60 -20.89
O2 PGE IA . 20.52 -29.18 -20.82
C3 PGE IA . 20.39 -28.65 -19.50
C4 PGE IA . 21.11 -27.31 -19.41
O4 PGE IA . 25.27 -27.09 -20.72
C6 PGE IA . 24.76 -26.73 -19.44
C5 PGE IA . 23.29 -26.32 -19.53
O3 PGE IA . 22.47 -27.45 -19.79
S SO4 JA . -1.85 -8.43 -44.45
O1 SO4 JA . -0.55 -7.81 -44.24
O2 SO4 JA . -2.84 -7.37 -44.70
O3 SO4 JA . -1.80 -9.32 -45.62
O4 SO4 JA . -2.22 -9.16 -43.23
C1 PEG KA . 1.55 14.35 -25.76
O1 PEG KA . 0.78 15.52 -25.85
C2 PEG KA . 1.60 13.53 -27.07
O2 PEG KA . 0.32 13.20 -27.55
C3 PEG KA . -0.49 12.61 -26.58
C4 PEG KA . -1.76 13.42 -26.36
O4 PEG KA . -1.97 13.53 -24.98
C1 PEG LA . 27.37 9.04 -33.39
O1 PEG LA . 26.24 8.51 -32.75
C2 PEG LA . 28.44 9.46 -32.39
O2 PEG LA . 29.67 9.53 -33.07
C3 PEG LA . 29.67 10.42 -34.16
C4 PEG LA . 30.88 10.11 -35.04
O4 PEG LA . 30.54 9.07 -35.91
S SO4 MA . 6.87 21.31 -18.65
O1 SO4 MA . 7.70 22.45 -18.27
O2 SO4 MA . 6.01 21.70 -19.78
O3 SO4 MA . 7.71 20.19 -19.05
O4 SO4 MA . 6.04 20.89 -17.52
CA CA NA . 25.57 16.32 -38.55
CA CA OA . 10.23 16.81 -26.36
C1 PEG PA . -42.04 41.50 19.46
O1 PEG PA . -41.30 42.44 20.20
C2 PEG PA . -41.10 40.69 18.55
O2 PEG PA . -41.83 40.11 17.49
C3 PEG PA . -41.03 39.47 16.53
C4 PEG PA . -41.78 39.35 15.21
O4 PEG PA . -40.88 38.96 14.21
C1 PEG QA . -9.50 18.86 -0.53
O1 PEG QA . -10.65 18.88 0.28
C2 PEG QA . -8.31 19.57 0.15
O2 PEG QA . -7.09 19.25 -0.47
C3 PEG QA . -7.14 18.32 -1.52
C4 PEG QA . -5.75 17.74 -1.82
O4 PEG QA . -5.89 16.50 -2.48
S SO4 RA . -22.88 28.78 3.95
O1 SO4 RA . -23.13 28.66 5.38
O2 SO4 RA . -23.17 30.17 3.56
O3 SO4 RA . -21.50 28.43 3.61
O4 SO4 RA . -23.74 27.84 3.20
S SO4 SA . -5.52 37.84 15.08
O1 SO4 SA . -5.26 39.27 15.32
O2 SO4 SA . -6.55 37.39 16.01
O3 SO4 SA . -5.97 37.68 13.70
O4 SO4 SA . -4.30 37.06 15.31
N1 WAV TA . -5.25 13.20 6.93
N3 WAV TA . -8.56 15.22 -0.08
C4 WAV TA . -4.42 11.42 9.08
C5 WAV TA . -5.68 12.27 9.17
C6 WAV TA . -6.27 12.53 7.74
C7 WAV TA . -5.86 8.76 6.60
C8 WAV TA . -5.79 13.94 5.81
C10 WAV TA . -4.60 14.02 2.26
C13 WAV TA . -6.67 12.07 -1.29
C15 WAV TA . -9.05 11.95 -1.95
C17 WAV TA . -8.20 13.86 -0.71
C1 WAV TA . -6.61 11.17 7.10
C11 WAV TA . -5.89 14.42 1.43
C12 WAV TA . -6.89 13.31 -0.68
C14 WAV TA . -7.71 11.37 -1.93
C16 WAV TA . -9.26 13.15 -1.37
C2 WAV TA . -5.44 10.21 7.10
C3 WAV TA . -4.74 10.06 8.49
C9 WAV TA . -5.12 13.40 4.51
N2 WAV TA . -5.78 14.03 -0.01
N4 WAV TA . -10.17 11.28 -2.58
N5 WAV TA . -11.42 11.46 -2.10
N6 WAV TA . -12.08 10.25 -1.79
O1 WAV TA . -6.90 8.28 7.37
O2 WAV TA . -4.52 10.72 6.22
O3 WAV TA . -3.49 9.42 8.28
O4 WAV TA . -3.81 11.23 10.36
O5 WAV TA . -5.40 13.48 9.81
O6 WAV TA . -4.83 14.48 3.60
O7 WAV TA . -7.55 16.08 0.44
O8 WAV TA . -9.91 15.65 -0.06
C1 EDO UA . -31.17 8.88 1.06
O1 EDO UA . -30.15 9.69 0.46
C2 EDO UA . -31.55 7.73 0.12
O2 EDO UA . -32.56 8.16 -0.82
C1 PEG VA . 20.81 5.62 37.62
O1 PEG VA . 21.77 6.55 38.02
C2 PEG VA . 21.33 4.23 37.95
O2 PEG VA . 20.78 3.28 37.09
C3 PEG VA . 21.66 2.21 36.83
C4 PEG VA . 21.05 1.23 35.83
O4 PEG VA . 21.86 0.08 35.80
C1 EDO WA . 3.40 -7.07 52.24
O1 EDO WA . 4.54 -7.43 51.44
C2 EDO WA . 3.16 -5.57 52.16
O2 EDO WA . 2.07 -5.20 53.02
C1 EDO XA . 22.84 -2.33 61.97
O1 EDO XA . 21.45 -2.64 61.91
C2 EDO XA . 23.04 -0.83 62.10
O2 EDO XA . 24.31 -0.43 61.57
C1 PEG YA . -11.63 -12.75 22.77
O1 PEG YA . -12.21 -12.40 23.99
C2 PEG YA . -12.51 -12.25 21.61
O2 PEG YA . -11.99 -12.64 20.36
C3 PEG YA . -10.65 -12.31 20.13
C4 PEG YA . -9.85 -13.57 19.78
O4 PEG YA . -8.62 -13.57 20.45
C1 EDO ZA . 17.01 4.70 31.07
O1 EDO ZA . 17.87 3.86 30.30
C2 EDO ZA . 17.27 6.16 30.71
O2 EDO ZA . 16.48 6.99 31.59
C1 EDO AB . 19.86 2.80 25.40
O1 EDO AB . 21.17 2.47 24.93
C2 EDO AB . 19.82 4.28 25.72
O2 EDO AB . 20.43 5.00 24.66
C1 EDO BB . 14.00 -8.91 45.50
O1 EDO BB . 15.39 -9.16 45.68
C2 EDO BB . 13.43 -8.25 46.75
O2 EDO BB . 12.00 -8.43 46.73
C1 EDO CB . 5.26 14.51 0.20
O1 EDO CB . 6.42 13.76 -0.20
C2 EDO CB . 4.42 13.68 1.17
O2 EDO CB . 3.46 14.52 1.84
C1 EDO DB . 13.37 35.21 30.53
O1 EDO DB . 13.25 35.97 31.74
C2 EDO DB . 12.10 35.36 29.68
O2 EDO DB . 12.32 34.85 28.37
C1 EDO EB . -18.63 -5.73 9.39
O1 EDO EB . -18.52 -6.62 10.51
C2 EDO EB . -20.08 -5.38 9.13
O2 EDO EB . -20.20 -4.81 7.81
C1 EDO FB . 1.90 0.33 36.92
O1 EDO FB . 0.74 0.58 37.70
C2 EDO FB . 1.97 -1.17 36.70
O2 EDO FB . 0.80 -1.60 36.00
C1 EDO GB . -5.66 -5.53 28.00
O1 EDO GB . -4.42 -5.67 28.73
C2 EDO GB . -5.47 -6.05 26.57
O2 EDO GB . -4.53 -5.21 25.86
C1 EDO HB . 15.47 -2.78 24.31
O1 EDO HB . 15.29 -2.99 25.71
C2 EDO HB . 14.08 -2.87 23.69
O2 EDO HB . 13.68 -4.25 23.67
C1 PEG IB . 9.13 2.31 59.10
O1 PEG IB . 9.78 2.09 60.34
C2 PEG IB . 8.62 3.76 59.02
O2 PEG IB . 7.45 3.83 58.27
C3 PEG IB . 6.92 5.11 58.09
C4 PEG IB . 5.46 5.05 57.60
O4 PEG IB . 4.57 5.23 58.66
C1 EDO JB . 5.90 12.89 41.37
O1 EDO JB . 5.26 13.66 42.40
C2 EDO JB . 4.84 12.04 40.69
O2 EDO JB . 5.47 10.93 40.02
C1 EDO KB . -17.01 1.66 36.01
O1 EDO KB . -16.56 2.63 35.04
C2 EDO KB . -17.31 0.35 35.29
O2 EDO KB . -17.95 0.64 34.04
C1 EDO LB . -30.94 21.15 2.59
O1 EDO LB . -31.75 20.06 2.12
C2 EDO LB . -29.98 20.65 3.67
O2 EDO LB . -30.71 19.85 4.61
C1 EDO MB . -24.45 -2.99 16.13
O1 EDO MB . -25.14 -2.51 17.29
C2 EDO MB . -25.22 -4.15 15.52
O2 EDO MB . -25.91 -4.84 16.58
C1 EDO NB . 1.51 -7.30 47.32
O1 EDO NB . 1.55 -6.24 48.29
C2 EDO NB . 2.60 -8.33 47.58
O2 EDO NB . 2.21 -9.59 47.01
C1 PEG OB . 12.49 33.80 24.45
O1 PEG OB . 13.14 34.89 25.05
C2 PEG OB . 12.93 33.65 23.00
O2 PEG OB . 12.34 32.50 22.45
C3 PEG OB . 11.27 32.75 21.58
C4 PEG OB . 10.31 31.56 21.57
O4 PEG OB . 8.99 32.02 21.51
S SO4 PB . -1.17 -0.06 0.12
O1 SO4 PB . -0.58 0.65 1.25
O2 SO4 PB . -2.07 0.83 -0.61
O3 SO4 PB . -0.11 -0.53 -0.77
O4 SO4 PB . -1.99 -1.16 0.61
S SO4 QB . 24.49 28.12 39.70
O1 SO4 QB . 25.20 29.39 39.72
O2 SO4 QB . 23.54 28.12 40.83
O3 SO4 QB . 25.43 27.01 39.84
O4 SO4 QB . 23.79 27.98 38.42
S SO4 RB . 9.78 16.45 1.03
O1 SO4 RB . 10.00 17.89 0.89
O2 SO4 RB . 9.76 16.11 2.45
O3 SO4 RB . 10.86 15.70 0.37
O4 SO4 RB . 8.49 16.08 0.44
C1 EDO SB . 2.62 -13.37 26.05
O1 EDO SB . 2.45 -14.76 25.71
C2 EDO SB . 1.93 -13.00 27.37
O2 EDO SB . 0.50 -13.07 27.21
C1 EDO TB . 26.98 -0.85 38.29
O1 EDO TB . 26.75 0.52 38.66
C2 EDO TB . 26.71 -1.05 36.80
O2 EDO TB . 25.32 -0.88 36.51
C1 PEG UB . 24.62 -6.32 24.81
O1 PEG UB . 23.94 -5.18 25.30
C2 PEG UB . 24.05 -7.56 25.47
O2 PEG UB . 24.31 -8.69 24.68
C3 PEG UB . 23.20 -9.48 24.38
C4 PEG UB . 22.91 -9.43 22.88
O4 PEG UB . 22.92 -10.74 22.36
CA CA VB . 24.24 -8.34 41.62
CA CA WB . 11.63 -13.45 27.42
#